data_1VYX
#
_entry.id   1VYX
#
_cell.length_a   1.000
_cell.length_b   1.000
_cell.length_c   1.000
_cell.angle_alpha   90.00
_cell.angle_beta   90.00
_cell.angle_gamma   90.00
#
_symmetry.space_group_name_H-M   'P 1'
#
loop_
_entity.id
_entity.type
_entity.pdbx_description
1 polymer 'ORF K3'
2 non-polymer 'ZINC ION'
#
_entity_poly.entity_id   1
_entity_poly.type   'polypeptide(L)'
_entity_poly.pdbx_seq_one_letter_code
;MEDEDVPVCWICNEELGNERFRACGCTGELENVHRSCLSTWLTISRNTACQICGVVYNTR
;
_entity_poly.pdbx_strand_id   A
#
# COMPACT_ATOMS: atom_id res chain seq x y z
N MET A 1 -5.95 -5.07 -20.61
CA MET A 1 -4.92 -4.04 -20.29
C MET A 1 -5.54 -2.90 -19.47
N GLU A 2 -6.29 -3.23 -18.46
CA GLU A 2 -6.92 -2.18 -17.63
C GLU A 2 -5.96 -1.73 -16.53
N ASP A 3 -4.88 -2.44 -16.35
CA ASP A 3 -3.90 -2.06 -15.29
C ASP A 3 -3.28 -0.69 -15.61
N GLU A 4 -3.54 -0.17 -16.77
CA GLU A 4 -2.97 1.16 -17.14
C GLU A 4 -3.23 2.19 -16.02
N ASP A 5 -2.86 3.42 -16.25
CA ASP A 5 -3.08 4.47 -15.21
C ASP A 5 -2.15 4.24 -14.02
N VAL A 6 -1.82 5.28 -13.30
CA VAL A 6 -0.91 5.11 -12.13
C VAL A 6 -1.70 5.24 -10.82
N PRO A 7 -1.60 4.21 -10.02
CA PRO A 7 -2.31 4.20 -8.71
C PRO A 7 -1.63 5.16 -7.73
N VAL A 8 -2.31 5.53 -6.68
CA VAL A 8 -1.69 6.46 -5.70
C VAL A 8 -1.68 5.85 -4.30
N CYS A 9 -0.61 6.06 -3.56
CA CYS A 9 -0.53 5.50 -2.19
C CYS A 9 -1.63 6.13 -1.32
N TRP A 10 -2.52 5.33 -0.83
CA TRP A 10 -3.63 5.85 0.02
C TRP A 10 -3.12 6.47 1.33
N ILE A 11 -1.89 6.24 1.68
CA ILE A 11 -1.37 6.81 2.96
C ILE A 11 -0.89 8.26 2.76
N CYS A 12 0.03 8.49 1.87
CA CYS A 12 0.53 9.88 1.66
C CYS A 12 -0.14 10.49 0.43
N ASN A 13 -1.02 9.78 -0.20
CA ASN A 13 -1.73 10.32 -1.40
C ASN A 13 -0.71 10.72 -2.48
N GLU A 14 0.07 9.77 -2.94
CA GLU A 14 1.07 10.09 -3.99
C GLU A 14 1.14 8.94 -5.01
N GLU A 15 1.12 9.26 -6.28
CA GLU A 15 1.18 8.18 -7.31
C GLU A 15 2.45 7.35 -7.16
N LEU A 16 2.32 6.05 -7.27
CA LEU A 16 3.53 5.17 -7.16
C LEU A 16 3.75 4.47 -8.50
N GLY A 17 2.69 4.25 -9.22
CA GLY A 17 2.79 3.61 -10.58
C GLY A 17 3.02 2.09 -10.49
N ASN A 18 3.70 1.61 -9.48
CA ASN A 18 3.94 0.13 -9.38
C ASN A 18 4.95 -0.20 -8.30
N GLU A 19 4.91 0.47 -7.17
CA GLU A 19 5.88 0.15 -6.09
C GLU A 19 5.71 -1.31 -5.68
N ARG A 20 6.63 -2.16 -6.06
CA ARG A 20 6.49 -3.60 -5.71
C ARG A 20 6.51 -3.78 -4.19
N PHE A 21 5.35 -3.86 -3.59
CA PHE A 21 5.26 -4.05 -2.12
C PHE A 21 3.99 -4.82 -1.77
N ARG A 22 4.11 -6.10 -1.52
CA ARG A 22 2.90 -6.90 -1.17
C ARG A 22 2.46 -6.56 0.26
N ALA A 23 1.53 -5.66 0.40
CA ALA A 23 1.07 -5.29 1.78
C ALA A 23 -0.42 -5.56 1.93
N CYS A 24 -1.08 -5.95 0.86
CA CYS A 24 -2.55 -6.21 0.95
C CYS A 24 -3.11 -6.48 -0.45
N GLY A 25 -4.31 -6.99 -0.52
CA GLY A 25 -4.94 -7.26 -1.83
C GLY A 25 -6.35 -6.69 -1.84
N CYS A 26 -6.49 -5.44 -1.53
CA CYS A 26 -7.85 -4.81 -1.52
C CYS A 26 -8.33 -4.56 -2.94
N THR A 27 -9.31 -3.71 -3.11
CA THR A 27 -9.82 -3.42 -4.48
C THR A 27 -9.83 -1.91 -4.72
N GLY A 28 -9.09 -1.16 -3.95
CA GLY A 28 -9.07 0.31 -4.15
C GLY A 28 -7.64 0.84 -4.03
N GLU A 29 -7.49 2.02 -3.51
CA GLU A 29 -6.13 2.63 -3.36
C GLU A 29 -5.20 1.70 -2.58
N LEU A 30 -5.69 1.07 -1.56
CA LEU A 30 -4.82 0.17 -0.74
C LEU A 30 -4.04 -0.80 -1.64
N GLU A 31 -4.64 -1.25 -2.71
CA GLU A 31 -3.92 -2.19 -3.60
C GLU A 31 -2.54 -1.64 -3.96
N ASN A 32 -2.42 -0.34 -4.07
CA ASN A 32 -1.08 0.24 -4.40
C ASN A 32 -0.64 1.22 -3.31
N VAL A 33 0.47 0.96 -2.69
CA VAL A 33 0.94 1.88 -1.62
C VAL A 33 2.47 1.87 -1.51
N HIS A 34 3.08 3.00 -1.27
CA HIS A 34 4.56 3.03 -1.14
C HIS A 34 4.97 2.23 0.10
N ARG A 35 5.91 1.34 -0.03
CA ARG A 35 6.36 0.57 1.17
C ARG A 35 7.09 1.50 2.12
N SER A 36 7.52 2.63 1.64
CA SER A 36 8.25 3.60 2.50
C SER A 36 7.32 4.18 3.58
N CYS A 37 6.26 4.83 3.20
CA CYS A 37 5.35 5.42 4.23
C CYS A 37 4.40 4.36 4.82
N LEU A 38 4.09 3.33 4.09
CA LEU A 38 3.17 2.30 4.67
C LEU A 38 3.91 1.46 5.71
N SER A 39 4.96 0.79 5.32
CA SER A 39 5.74 -0.03 6.27
C SER A 39 6.07 0.80 7.52
N THR A 40 6.45 2.03 7.35
CA THR A 40 6.78 2.88 8.52
C THR A 40 5.48 3.34 9.21
N TRP A 41 4.47 3.64 8.42
CA TRP A 41 3.19 4.09 9.03
C TRP A 41 2.65 3.01 9.96
N LEU A 42 2.42 1.82 9.47
CA LEU A 42 1.91 0.74 10.35
C LEU A 42 2.82 0.60 11.57
N THR A 43 4.10 0.81 11.39
CA THR A 43 5.03 0.72 12.55
C THR A 43 4.70 1.81 13.55
N ILE A 44 4.40 2.99 13.07
CA ILE A 44 4.05 4.11 14.00
C ILE A 44 2.62 3.92 14.49
N SER A 45 1.73 3.52 13.63
CA SER A 45 0.32 3.31 14.05
C SER A 45 0.19 1.94 14.72
N ARG A 46 1.24 1.16 14.69
CA ARG A 46 1.19 -0.19 15.33
C ARG A 46 0.25 -1.12 14.56
N ASN A 47 0.58 -1.43 13.33
CA ASN A 47 -0.28 -2.33 12.53
C ASN A 47 0.58 -3.37 11.82
N THR A 48 0.05 -4.55 11.60
CA THR A 48 0.85 -5.59 10.91
C THR A 48 0.15 -6.05 9.63
N ALA A 49 -1.15 -5.90 9.56
CA ALA A 49 -1.88 -6.34 8.33
C ALA A 49 -3.01 -5.36 8.00
N CYS A 50 -3.38 -5.28 6.75
CA CYS A 50 -4.47 -4.35 6.35
C CYS A 50 -5.74 -4.66 7.16
N GLN A 51 -6.31 -3.67 7.79
CA GLN A 51 -7.55 -3.91 8.59
C GLN A 51 -8.79 -3.88 7.68
N ILE A 52 -8.60 -3.82 6.40
CA ILE A 52 -9.77 -3.78 5.48
C ILE A 52 -10.07 -5.19 4.95
N CYS A 53 -9.06 -5.94 4.60
CA CYS A 53 -9.30 -7.32 4.08
C CYS A 53 -8.63 -8.35 5.00
N GLY A 54 -7.72 -7.92 5.83
CA GLY A 54 -7.05 -8.87 6.76
C GLY A 54 -5.78 -9.43 6.12
N VAL A 55 -5.08 -8.64 5.35
CA VAL A 55 -3.83 -9.14 4.70
C VAL A 55 -2.61 -8.50 5.39
N VAL A 56 -1.58 -9.27 5.63
CA VAL A 56 -0.37 -8.70 6.30
C VAL A 56 0.40 -7.78 5.35
N TYR A 57 1.08 -6.80 5.88
CA TYR A 57 1.85 -5.87 5.00
C TYR A 57 3.10 -6.56 4.45
N ASN A 58 3.70 -7.41 5.23
CA ASN A 58 4.93 -8.12 4.76
C ASN A 58 5.93 -7.12 4.16
N THR A 59 6.56 -6.34 4.99
CA THR A 59 7.55 -5.34 4.47
C THR A 59 8.97 -5.87 4.63
N ARG A 60 9.85 -5.52 3.74
CA ARG A 60 11.26 -6.01 3.85
C ARG A 60 11.91 -5.46 5.12
N MET A 1 -9.05 -0.09 -20.29
CA MET A 1 -7.61 0.29 -20.22
C MET A 1 -7.47 1.82 -20.36
N GLU A 2 -8.55 2.50 -20.66
CA GLU A 2 -8.49 3.98 -20.80
C GLU A 2 -7.17 4.43 -21.43
N ASP A 3 -6.66 5.57 -21.03
CA ASP A 3 -5.38 6.06 -21.60
C ASP A 3 -4.21 5.66 -20.70
N GLU A 4 -4.06 6.32 -19.58
CA GLU A 4 -2.94 5.98 -18.67
C GLU A 4 -3.47 5.52 -17.30
N ASP A 5 -2.82 4.57 -16.69
CA ASP A 5 -3.30 4.09 -15.36
C ASP A 5 -2.18 4.24 -14.32
N VAL A 6 -2.36 5.11 -13.37
CA VAL A 6 -1.31 5.30 -12.32
C VAL A 6 -1.94 5.31 -10.93
N PRO A 7 -1.65 4.29 -10.18
CA PRO A 7 -2.19 4.17 -8.80
C PRO A 7 -1.52 5.18 -7.86
N VAL A 8 -2.11 5.43 -6.74
CA VAL A 8 -1.53 6.41 -5.77
C VAL A 8 -1.51 5.81 -4.36
N CYS A 9 -0.53 6.19 -3.57
CA CYS A 9 -0.47 5.65 -2.18
C CYS A 9 -1.61 6.24 -1.35
N TRP A 10 -2.48 5.41 -0.87
CA TRP A 10 -3.64 5.90 -0.06
C TRP A 10 -3.18 6.52 1.27
N ILE A 11 -1.98 6.23 1.70
CA ILE A 11 -1.51 6.80 3.00
C ILE A 11 -1.18 8.29 2.88
N CYS A 12 -0.28 8.64 2.01
CA CYS A 12 0.09 10.07 1.86
C CYS A 12 -0.54 10.65 0.58
N ASN A 13 -1.24 9.85 -0.16
CA ASN A 13 -1.88 10.36 -1.41
C ASN A 13 -0.81 10.77 -2.42
N GLU A 14 0.08 9.88 -2.77
CA GLU A 14 1.13 10.22 -3.77
C GLU A 14 1.23 9.13 -4.83
N GLU A 15 1.19 9.50 -6.08
CA GLU A 15 1.27 8.47 -7.17
C GLU A 15 2.55 7.65 -7.04
N LEU A 16 2.47 6.40 -7.37
CA LEU A 16 3.68 5.52 -7.29
C LEU A 16 3.80 4.65 -8.54
N GLY A 17 2.72 4.44 -9.26
CA GLY A 17 2.77 3.64 -10.52
C GLY A 17 2.65 2.15 -10.24
N ASN A 18 3.14 1.70 -9.09
CA ASN A 18 3.05 0.24 -8.70
C ASN A 18 4.30 -0.14 -7.90
N GLU A 19 4.40 0.29 -6.68
CA GLU A 19 5.60 -0.06 -5.86
C GLU A 19 5.55 -1.55 -5.51
N ARG A 20 6.53 -2.30 -5.88
CA ARG A 20 6.52 -3.76 -5.55
C ARG A 20 6.48 -3.93 -4.03
N PHE A 21 5.33 -4.12 -3.46
CA PHE A 21 5.24 -4.28 -1.99
C PHE A 21 4.07 -5.18 -1.62
N ARG A 22 4.34 -6.32 -1.04
CA ARG A 22 3.23 -7.23 -0.64
C ARG A 22 2.68 -6.83 0.73
N ALA A 23 1.67 -6.02 0.76
CA ALA A 23 1.11 -5.59 2.08
C ALA A 23 -0.42 -5.75 2.10
N CYS A 24 -1.06 -5.66 0.97
CA CYS A 24 -2.54 -5.80 0.95
C CYS A 24 -3.05 -5.91 -0.49
N GLY A 25 -4.29 -6.28 -0.65
CA GLY A 25 -4.87 -6.40 -2.02
C GLY A 25 -6.05 -5.45 -2.15
N CYS A 26 -6.92 -5.44 -1.18
CA CYS A 26 -8.12 -4.54 -1.24
C CYS A 26 -8.64 -4.42 -2.67
N THR A 27 -9.39 -3.38 -2.97
CA THR A 27 -9.93 -3.23 -4.35
C THR A 27 -9.02 -2.32 -5.20
N GLY A 28 -8.14 -1.58 -4.59
CA GLY A 28 -7.24 -0.70 -5.38
C GLY A 28 -6.59 0.35 -4.49
N GLU A 29 -7.38 1.13 -3.80
CA GLU A 29 -6.79 2.19 -2.92
C GLU A 29 -5.65 1.62 -2.07
N LEU A 30 -5.86 0.49 -1.44
CA LEU A 30 -4.78 -0.09 -0.61
C LEU A 30 -3.90 -1.01 -1.47
N GLU A 31 -4.44 -1.53 -2.53
CA GLU A 31 -3.63 -2.41 -3.43
C GLU A 31 -2.28 -1.74 -3.73
N ASN A 32 -2.31 -0.51 -4.16
CA ASN A 32 -1.04 0.20 -4.46
C ASN A 32 -0.68 1.10 -3.28
N VAL A 33 0.46 0.90 -2.69
CA VAL A 33 0.85 1.76 -1.54
C VAL A 33 2.37 1.90 -1.46
N HIS A 34 2.84 3.11 -1.25
CA HIS A 34 4.31 3.32 -1.14
C HIS A 34 4.89 2.46 -0.02
N ARG A 35 5.71 1.50 -0.35
CA ARG A 35 6.30 0.62 0.70
C ARG A 35 7.11 1.47 1.70
N SER A 36 7.40 2.69 1.36
CA SER A 36 8.20 3.55 2.29
C SER A 36 7.32 4.11 3.42
N CYS A 37 6.22 4.74 3.08
CA CYS A 37 5.35 5.31 4.16
C CYS A 37 4.44 4.25 4.79
N LEU A 38 4.13 3.20 4.09
CA LEU A 38 3.24 2.16 4.70
C LEU A 38 4.02 1.32 5.72
N SER A 39 5.06 0.65 5.31
CA SER A 39 5.85 -0.18 6.26
C SER A 39 6.26 0.67 7.47
N THR A 40 6.50 1.93 7.27
CA THR A 40 6.92 2.79 8.41
C THR A 40 5.67 3.33 9.13
N TRP A 41 4.58 3.49 8.43
CA TRP A 41 3.34 3.99 9.08
C TRP A 41 2.84 2.96 10.08
N LEU A 42 2.55 1.76 9.63
CA LEU A 42 2.07 0.72 10.57
C LEU A 42 3.01 0.64 11.79
N THR A 43 4.26 0.96 11.60
CA THR A 43 5.21 0.92 12.75
C THR A 43 4.81 1.99 13.77
N ILE A 44 4.49 3.16 13.31
CA ILE A 44 4.07 4.24 14.25
C ILE A 44 2.61 4.03 14.65
N SER A 45 1.81 3.57 13.74
CA SER A 45 0.37 3.34 14.06
C SER A 45 0.22 2.00 14.80
N ARG A 46 1.27 1.22 14.85
CA ARG A 46 1.20 -0.09 15.56
C ARG A 46 0.25 -1.04 14.80
N ASN A 47 0.50 -1.27 13.55
CA ASN A 47 -0.38 -2.19 12.76
C ASN A 47 0.45 -3.32 12.15
N THR A 48 -0.19 -4.39 11.77
CA THR A 48 0.57 -5.53 11.17
C THR A 48 -0.07 -5.98 9.86
N ALA A 49 -1.36 -5.79 9.71
CA ALA A 49 -2.02 -6.21 8.44
C ALA A 49 -3.19 -5.30 8.11
N CYS A 50 -3.44 -5.10 6.85
CA CYS A 50 -4.57 -4.22 6.44
C CYS A 50 -5.87 -4.68 7.10
N GLN A 51 -6.50 -3.82 7.85
CA GLN A 51 -7.77 -4.20 8.53
C GLN A 51 -8.94 -4.09 7.54
N ILE A 52 -8.67 -3.79 6.31
CA ILE A 52 -9.76 -3.66 5.31
C ILE A 52 -10.04 -5.02 4.65
N CYS A 53 -9.02 -5.69 4.19
CA CYS A 53 -9.23 -7.02 3.54
C CYS A 53 -8.62 -8.12 4.40
N GLY A 54 -7.75 -7.75 5.32
CA GLY A 54 -7.12 -8.79 6.20
C GLY A 54 -5.80 -9.28 5.60
N VAL A 55 -4.93 -8.38 5.22
CA VAL A 55 -3.63 -8.82 4.63
C VAL A 55 -2.48 -8.25 5.47
N VAL A 56 -1.41 -8.98 5.63
CA VAL A 56 -0.28 -8.46 6.45
C VAL A 56 0.65 -7.57 5.62
N TYR A 57 1.23 -6.57 6.21
CA TYR A 57 2.15 -5.67 5.47
C TYR A 57 3.47 -6.39 5.21
N ASN A 58 3.42 -7.46 4.47
CA ASN A 58 4.68 -8.23 4.19
C ASN A 58 5.68 -7.34 3.44
N THR A 59 6.85 -7.15 3.98
CA THR A 59 7.87 -6.32 3.29
C THR A 59 8.74 -7.18 2.39
N ARG A 60 8.70 -6.95 1.10
CA ARG A 60 9.52 -7.78 0.17
C ARG A 60 9.39 -7.24 -1.26
N MET A 1 -8.54 10.25 -15.92
CA MET A 1 -8.12 9.12 -15.03
C MET A 1 -9.29 8.15 -14.83
N GLU A 2 -9.71 7.48 -15.87
CA GLU A 2 -10.85 6.52 -15.73
C GLU A 2 -10.35 5.08 -15.91
N ASP A 3 -9.21 4.90 -16.51
CA ASP A 3 -8.68 3.52 -16.71
C ASP A 3 -7.62 3.20 -15.66
N GLU A 4 -6.85 2.17 -15.88
CA GLU A 4 -5.79 1.79 -14.90
C GLU A 4 -4.96 3.02 -14.52
N ASP A 5 -4.30 3.64 -15.47
CA ASP A 5 -3.47 4.83 -15.15
C ASP A 5 -2.50 4.51 -14.00
N VAL A 6 -1.77 5.48 -13.54
CA VAL A 6 -0.81 5.23 -12.42
C VAL A 6 -1.54 5.25 -11.08
N PRO A 7 -1.28 4.23 -10.29
CA PRO A 7 -1.93 4.11 -8.96
C PRO A 7 -1.30 5.12 -7.97
N VAL A 8 -1.99 5.40 -6.90
CA VAL A 8 -1.44 6.36 -5.89
C VAL A 8 -1.46 5.75 -4.49
N CYS A 9 -0.47 6.05 -3.70
CA CYS A 9 -0.43 5.48 -2.31
C CYS A 9 -1.52 6.13 -1.46
N TRP A 10 -2.48 5.36 -1.03
CA TRP A 10 -3.60 5.91 -0.21
C TRP A 10 -3.07 6.56 1.07
N ILE A 11 -1.85 6.28 1.46
CA ILE A 11 -1.32 6.88 2.72
C ILE A 11 -0.92 8.34 2.50
N CYS A 12 -0.04 8.60 1.58
CA CYS A 12 0.39 10.01 1.34
C CYS A 12 -0.32 10.59 0.12
N ASN A 13 -1.23 9.85 -0.47
CA ASN A 13 -1.96 10.36 -1.66
C ASN A 13 -0.97 10.77 -2.76
N GLU A 14 -0.07 9.90 -3.13
CA GLU A 14 0.92 10.26 -4.19
C GLU A 14 1.12 9.08 -5.14
N GLU A 15 1.15 9.34 -6.42
CA GLU A 15 1.35 8.23 -7.40
C GLU A 15 2.65 7.50 -7.11
N LEU A 16 2.65 6.20 -7.24
CA LEU A 16 3.89 5.43 -6.97
C LEU A 16 4.27 4.60 -8.20
N GLY A 17 3.40 4.55 -9.18
CA GLY A 17 3.70 3.78 -10.42
C GLY A 17 3.27 2.32 -10.25
N ASN A 18 3.28 1.83 -9.02
CA ASN A 18 2.91 0.41 -8.68
C ASN A 18 4.12 -0.25 -8.05
N GLU A 19 4.64 0.33 -7.01
CA GLU A 19 5.84 -0.25 -6.35
C GLU A 19 5.54 -1.66 -5.87
N ARG A 20 6.32 -2.61 -6.29
CA ARG A 20 6.08 -4.02 -5.87
C ARG A 20 6.20 -4.14 -4.35
N PHE A 21 5.09 -4.14 -3.67
CA PHE A 21 5.10 -4.25 -2.19
C PHE A 21 3.89 -5.07 -1.73
N ARG A 22 4.08 -6.31 -1.39
CA ARG A 22 2.94 -7.15 -0.95
C ARG A 22 2.49 -6.73 0.46
N ALA A 23 1.38 -6.06 0.55
CA ALA A 23 0.88 -5.61 1.89
C ALA A 23 -0.63 -5.80 2.00
N CYS A 24 -1.35 -5.66 0.91
CA CYS A 24 -2.82 -5.83 0.97
C CYS A 24 -3.41 -5.87 -0.44
N GLY A 25 -4.65 -6.25 -0.54
CA GLY A 25 -5.31 -6.32 -1.88
C GLY A 25 -6.80 -5.99 -1.72
N CYS A 26 -7.09 -4.85 -1.13
CA CYS A 26 -8.52 -4.48 -0.94
C CYS A 26 -9.23 -4.30 -2.29
N THR A 27 -9.42 -3.09 -2.73
CA THR A 27 -10.11 -2.88 -4.04
C THR A 27 -9.28 -1.99 -4.96
N GLY A 28 -8.30 -1.30 -4.43
CA GLY A 28 -7.47 -0.43 -5.30
C GLY A 28 -6.63 0.53 -4.45
N GLU A 29 -7.27 1.39 -3.70
CA GLU A 29 -6.49 2.36 -2.87
C GLU A 29 -5.44 1.64 -2.03
N LEU A 30 -5.79 0.57 -1.39
CA LEU A 30 -4.79 -0.16 -0.56
C LEU A 30 -3.96 -1.09 -1.47
N GLU A 31 -4.49 -1.42 -2.62
CA GLU A 31 -3.73 -2.31 -3.55
C GLU A 31 -2.36 -1.70 -3.84
N ASN A 32 -2.33 -0.46 -4.26
CA ASN A 32 -1.02 0.19 -4.56
C ASN A 32 -0.62 1.08 -3.38
N VAL A 33 0.51 0.83 -2.79
CA VAL A 33 0.93 1.68 -1.66
C VAL A 33 2.45 1.77 -1.55
N HIS A 34 2.95 2.91 -1.20
CA HIS A 34 4.42 3.09 -1.06
C HIS A 34 4.94 2.26 0.12
N ARG A 35 5.90 1.42 -0.10
CA ARG A 35 6.45 0.60 1.02
C ARG A 35 7.16 1.50 2.02
N SER A 36 7.51 2.68 1.61
CA SER A 36 8.22 3.62 2.52
C SER A 36 7.27 4.20 3.57
N CYS A 37 6.25 4.91 3.17
CA CYS A 37 5.31 5.50 4.19
C CYS A 37 4.34 4.46 4.75
N LEU A 38 4.11 3.36 4.06
CA LEU A 38 3.18 2.34 4.61
C LEU A 38 3.90 1.50 5.67
N SER A 39 4.95 0.83 5.28
CA SER A 39 5.70 -0.02 6.25
C SER A 39 6.14 0.83 7.44
N THR A 40 6.33 2.11 7.25
CA THR A 40 6.74 2.98 8.38
C THR A 40 5.51 3.49 9.12
N TRP A 41 4.43 3.72 8.42
CA TRP A 41 3.20 4.22 9.08
C TRP A 41 2.68 3.14 10.05
N LEU A 42 2.42 1.97 9.56
CA LEU A 42 1.92 0.88 10.46
C LEU A 42 2.86 0.74 11.66
N THR A 43 4.11 1.07 11.50
CA THR A 43 5.06 0.97 12.64
C THR A 43 4.70 2.01 13.70
N ILE A 44 4.24 3.16 13.28
CA ILE A 44 3.86 4.22 14.25
C ILE A 44 2.51 3.88 14.88
N SER A 45 1.57 3.49 14.08
CA SER A 45 0.22 3.14 14.64
C SER A 45 0.22 1.69 15.11
N ARG A 46 1.35 1.04 15.09
CA ARG A 46 1.42 -0.37 15.54
C ARG A 46 0.47 -1.24 14.74
N ASN A 47 0.82 -1.55 13.52
CA ASN A 47 -0.08 -2.39 12.67
C ASN A 47 0.76 -3.46 11.95
N THR A 48 0.15 -4.56 11.58
CA THR A 48 0.91 -5.63 10.89
C THR A 48 0.18 -6.05 9.61
N ALA A 49 -1.12 -5.98 9.60
CA ALA A 49 -1.87 -6.39 8.37
C ALA A 49 -3.07 -5.46 8.15
N CYS A 50 -3.44 -5.25 6.92
CA CYS A 50 -4.60 -4.36 6.62
C CYS A 50 -5.87 -4.89 7.31
N GLN A 51 -6.50 -4.09 8.11
CA GLN A 51 -7.73 -4.54 8.80
C GLN A 51 -8.94 -4.47 7.85
N ILE A 52 -8.70 -4.18 6.60
CA ILE A 52 -9.83 -4.10 5.63
C ILE A 52 -10.04 -5.44 4.93
N CYS A 53 -8.98 -6.13 4.61
CA CYS A 53 -9.11 -7.44 3.93
C CYS A 53 -8.45 -8.54 4.76
N GLY A 54 -7.62 -8.17 5.70
CA GLY A 54 -6.95 -9.19 6.55
C GLY A 54 -5.60 -9.57 5.94
N VAL A 55 -5.09 -8.79 5.02
CA VAL A 55 -3.78 -9.12 4.41
C VAL A 55 -2.65 -8.50 5.22
N VAL A 56 -1.52 -9.15 5.31
CA VAL A 56 -0.38 -8.59 6.09
C VAL A 56 0.43 -7.63 5.24
N TYR A 57 1.12 -6.70 5.86
CA TYR A 57 1.94 -5.73 5.09
C TYR A 57 3.21 -6.39 4.58
N ASN A 58 3.76 -7.29 5.35
CA ASN A 58 5.00 -7.99 4.91
C ASN A 58 5.96 -7.00 4.24
N THR A 59 6.72 -6.27 5.01
CA THR A 59 7.67 -5.30 4.40
C THR A 59 9.11 -5.84 4.47
N ARG A 60 9.95 -5.41 3.58
CA ARG A 60 11.36 -5.90 3.60
C ARG A 60 11.38 -7.43 3.68
N MET A 1 -2.87 -4.74 -15.25
CA MET A 1 -1.93 -5.02 -16.37
C MET A 1 -2.66 -4.95 -17.71
N GLU A 2 -3.82 -4.32 -17.74
CA GLU A 2 -4.59 -4.23 -19.01
C GLU A 2 -4.37 -2.85 -19.65
N ASP A 3 -4.00 -1.87 -18.88
CA ASP A 3 -3.78 -0.52 -19.45
C ASP A 3 -2.59 0.16 -18.75
N GLU A 4 -2.59 1.46 -18.68
CA GLU A 4 -1.45 2.17 -18.02
C GLU A 4 -1.94 2.90 -16.76
N ASP A 5 -2.13 4.19 -16.82
CA ASP A 5 -2.61 4.93 -15.62
C ASP A 5 -1.59 4.78 -14.47
N VAL A 6 -1.65 5.65 -13.50
CA VAL A 6 -0.71 5.56 -12.35
C VAL A 6 -1.46 5.71 -11.04
N PRO A 7 -1.48 4.65 -10.28
CA PRO A 7 -2.19 4.66 -8.96
C PRO A 7 -1.41 5.49 -7.95
N VAL A 8 -2.06 5.88 -6.88
CA VAL A 8 -1.37 6.70 -5.84
C VAL A 8 -1.49 6.03 -4.47
N CYS A 9 -0.52 6.22 -3.63
CA CYS A 9 -0.58 5.61 -2.26
C CYS A 9 -1.70 6.25 -1.45
N TRP A 10 -2.56 5.46 -0.89
CA TRP A 10 -3.69 6.00 -0.08
C TRP A 10 -3.20 6.58 1.25
N ILE A 11 -1.99 6.26 1.64
CA ILE A 11 -1.47 6.78 2.93
C ILE A 11 -0.95 8.22 2.78
N CYS A 12 -0.02 8.44 1.88
CA CYS A 12 0.52 9.81 1.70
C CYS A 12 -0.09 10.47 0.46
N ASN A 13 -0.89 9.74 -0.27
CA ASN A 13 -1.51 10.33 -1.49
C ASN A 13 -0.43 10.68 -2.53
N GLU A 14 0.49 9.78 -2.76
CA GLU A 14 1.57 10.06 -3.75
C GLU A 14 1.59 8.98 -4.83
N GLU A 15 1.69 9.36 -6.07
CA GLU A 15 1.72 8.35 -7.17
C GLU A 15 2.91 7.40 -7.00
N LEU A 16 2.69 6.14 -7.22
CA LEU A 16 3.80 5.15 -7.11
C LEU A 16 3.96 4.45 -8.45
N GLY A 17 2.88 4.25 -9.16
CA GLY A 17 2.94 3.62 -10.51
C GLY A 17 3.09 2.10 -10.43
N ASN A 18 3.71 1.57 -9.42
CA ASN A 18 3.87 0.09 -9.34
C ASN A 18 4.88 -0.30 -8.25
N GLU A 19 4.86 0.36 -7.13
CA GLU A 19 5.82 0.00 -6.05
C GLU A 19 5.61 -1.47 -5.65
N ARG A 20 6.52 -2.33 -6.04
CA ARG A 20 6.34 -3.77 -5.68
C ARG A 20 6.37 -3.94 -4.16
N PHE A 21 5.21 -3.98 -3.55
CA PHE A 21 5.15 -4.14 -2.07
C PHE A 21 3.86 -4.87 -1.68
N ARG A 22 3.94 -6.14 -1.45
CA ARG A 22 2.71 -6.90 -1.07
C ARG A 22 2.32 -6.57 0.36
N ALA A 23 1.32 -5.73 0.54
CA ALA A 23 0.91 -5.37 1.92
C ALA A 23 -0.58 -5.67 2.11
N CYS A 24 -1.25 -6.10 1.08
CA CYS A 24 -2.70 -6.41 1.20
C CYS A 24 -3.29 -6.73 -0.18
N GLY A 25 -4.47 -7.27 -0.20
CA GLY A 25 -5.11 -7.61 -1.51
C GLY A 25 -6.54 -7.09 -1.51
N CYS A 26 -6.72 -5.83 -1.22
CA CYS A 26 -8.10 -5.26 -1.21
C CYS A 26 -8.56 -4.97 -2.64
N THR A 27 -9.56 -4.15 -2.79
CA THR A 27 -10.05 -3.82 -4.16
C THR A 27 -10.12 -2.30 -4.33
N GLY A 28 -9.27 -1.58 -3.65
CA GLY A 28 -9.30 -0.09 -3.77
C GLY A 28 -7.87 0.46 -3.70
N GLU A 29 -7.74 1.72 -3.37
CA GLU A 29 -6.39 2.35 -3.27
C GLU A 29 -5.44 1.46 -2.47
N LEU A 30 -5.95 0.65 -1.60
CA LEU A 30 -5.05 -0.22 -0.77
C LEU A 30 -4.26 -1.17 -1.68
N GLU A 31 -4.62 -1.27 -2.93
CA GLU A 31 -3.87 -2.18 -3.84
C GLU A 31 -2.48 -1.58 -4.12
N ASN A 32 -2.41 -0.32 -4.44
CA ASN A 32 -1.10 0.31 -4.70
C ASN A 32 -0.70 1.18 -3.51
N VAL A 33 0.41 0.89 -2.89
CA VAL A 33 0.82 1.72 -1.73
C VAL A 33 2.35 1.77 -1.60
N HIS A 34 2.87 2.92 -1.29
CA HIS A 34 4.34 3.06 -1.12
C HIS A 34 4.83 2.25 0.08
N ARG A 35 5.83 1.45 -0.09
CA ARG A 35 6.36 0.65 1.05
C ARG A 35 7.04 1.59 2.05
N SER A 36 7.40 2.77 1.62
CA SER A 36 8.08 3.74 2.53
C SER A 36 7.10 4.29 3.58
N CYS A 37 6.06 4.96 3.16
CA CYS A 37 5.11 5.54 4.17
C CYS A 37 4.16 4.46 4.71
N LEU A 38 3.94 3.39 4.00
CA LEU A 38 3.02 2.35 4.56
C LEU A 38 3.74 1.54 5.64
N SER A 39 4.83 0.92 5.28
CA SER A 39 5.59 0.12 6.28
C SER A 39 5.92 0.99 7.50
N THR A 40 6.15 2.26 7.30
CA THR A 40 6.46 3.16 8.44
C THR A 40 5.15 3.61 9.12
N TRP A 41 4.15 3.92 8.34
CA TRP A 41 2.86 4.35 8.95
C TRP A 41 2.38 3.28 9.92
N LEU A 42 2.20 2.07 9.45
CA LEU A 42 1.76 0.99 10.38
C LEU A 42 2.75 0.86 11.53
N THR A 43 4.01 1.09 11.26
CA THR A 43 5.04 1.01 12.34
C THR A 43 4.77 2.10 13.38
N ILE A 44 4.35 3.26 12.92
CA ILE A 44 4.06 4.37 13.87
C ILE A 44 2.69 4.16 14.50
N SER A 45 1.74 3.67 13.74
CA SER A 45 0.37 3.43 14.30
C SER A 45 0.31 2.05 14.96
N ARG A 46 1.37 1.29 14.85
CA ARG A 46 1.40 -0.07 15.47
C ARG A 46 0.44 -1.01 14.72
N ASN A 47 0.77 -1.35 13.51
CA ASN A 47 -0.11 -2.26 12.72
C ASN A 47 0.75 -3.23 11.92
N THR A 48 0.28 -4.43 11.68
CA THR A 48 1.11 -5.40 10.91
C THR A 48 0.30 -5.96 9.72
N ALA A 49 -0.97 -5.74 9.69
CA ALA A 49 -1.78 -6.27 8.54
C ALA A 49 -2.95 -5.34 8.22
N CYS A 50 -3.43 -5.39 7.01
CA CYS A 50 -4.57 -4.52 6.61
C CYS A 50 -5.82 -4.89 7.40
N GLN A 51 -6.37 -3.98 8.16
CA GLN A 51 -7.57 -4.29 8.97
C GLN A 51 -8.82 -4.37 8.08
N ILE A 52 -8.67 -4.15 6.81
CA ILE A 52 -9.86 -4.22 5.89
C ILE A 52 -10.10 -5.66 5.43
N CYS A 53 -9.10 -6.29 4.86
CA CYS A 53 -9.28 -7.69 4.40
C CYS A 53 -8.59 -8.66 5.36
N GLY A 54 -7.70 -8.17 6.19
CA GLY A 54 -7.00 -9.06 7.15
C GLY A 54 -5.71 -9.60 6.53
N VAL A 55 -5.05 -8.84 5.71
CA VAL A 55 -3.78 -9.31 5.10
C VAL A 55 -2.58 -8.66 5.79
N VAL A 56 -1.46 -9.34 5.83
CA VAL A 56 -0.26 -8.75 6.50
C VAL A 56 0.49 -7.83 5.54
N TYR A 57 1.02 -6.74 6.04
CA TYR A 57 1.77 -5.80 5.16
C TYR A 57 3.01 -6.48 4.58
N ASN A 58 3.65 -7.30 5.36
CA ASN A 58 4.86 -8.00 4.86
C ASN A 58 5.76 -7.02 4.10
N THR A 59 6.70 -6.41 4.76
CA THR A 59 7.59 -5.44 4.07
C THR A 59 8.87 -6.14 3.61
N ARG A 60 9.24 -5.98 2.36
CA ARG A 60 10.48 -6.64 1.86
C ARG A 60 11.64 -5.64 1.81
N MET A 1 -0.93 -0.95 -16.45
CA MET A 1 -1.27 0.12 -15.48
C MET A 1 -0.02 0.95 -15.16
N GLU A 2 1.12 0.53 -15.62
CA GLU A 2 2.37 1.29 -15.35
C GLU A 2 2.64 2.29 -16.47
N ASP A 3 1.94 2.18 -17.55
CA ASP A 3 2.16 3.13 -18.68
C ASP A 3 1.57 4.51 -18.36
N GLU A 4 0.47 4.53 -17.66
CA GLU A 4 -0.16 5.84 -17.31
C GLU A 4 -1.05 5.69 -16.08
N ASP A 5 -1.80 4.62 -16.00
CA ASP A 5 -2.69 4.41 -14.83
C ASP A 5 -1.87 4.15 -13.56
N VAL A 6 -1.38 5.18 -12.95
CA VAL A 6 -0.58 5.01 -11.71
C VAL A 6 -1.49 5.12 -10.49
N PRO A 7 -1.50 4.10 -9.69
CA PRO A 7 -2.36 4.09 -8.47
C PRO A 7 -1.80 5.06 -7.43
N VAL A 8 -2.67 5.62 -6.63
CA VAL A 8 -2.24 6.58 -5.59
C VAL A 8 -2.12 5.93 -4.21
N CYS A 9 -1.02 6.15 -3.53
CA CYS A 9 -0.87 5.55 -2.18
C CYS A 9 -1.90 6.18 -1.24
N TRP A 10 -2.82 5.38 -0.76
CA TRP A 10 -3.89 5.90 0.13
C TRP A 10 -3.34 6.48 1.45
N ILE A 11 -2.09 6.26 1.73
CA ILE A 11 -1.54 6.79 3.02
C ILE A 11 -1.10 8.25 2.90
N CYS A 12 -0.21 8.56 2.00
CA CYS A 12 0.25 9.97 1.86
C CYS A 12 -0.40 10.65 0.65
N ASN A 13 -1.30 9.98 -0.02
CA ASN A 13 -1.95 10.61 -1.21
C ASN A 13 -0.90 10.87 -2.30
N GLU A 14 -0.27 9.84 -2.78
CA GLU A 14 0.75 10.02 -3.84
C GLU A 14 0.96 8.69 -4.56
N GLU A 15 0.67 8.65 -5.83
CA GLU A 15 0.83 7.37 -6.58
C GLU A 15 2.27 6.96 -6.71
N LEU A 16 2.47 5.69 -6.95
CA LEU A 16 3.85 5.16 -7.12
C LEU A 16 4.06 4.68 -8.56
N GLY A 17 3.04 4.19 -9.20
CA GLY A 17 3.17 3.74 -10.60
C GLY A 17 3.88 2.37 -10.70
N ASN A 18 4.72 2.02 -9.77
CA ASN A 18 5.41 0.70 -9.88
C ASN A 18 6.15 0.34 -8.59
N GLU A 19 5.64 0.74 -7.46
CA GLU A 19 6.34 0.38 -6.18
C GLU A 19 6.05 -1.08 -5.83
N ARG A 20 7.01 -1.95 -6.05
CA ARG A 20 6.78 -3.39 -5.74
C ARG A 20 6.61 -3.61 -4.24
N PHE A 21 5.39 -3.63 -3.77
CA PHE A 21 5.15 -3.84 -2.32
C PHE A 21 3.80 -4.53 -2.10
N ARG A 22 3.80 -5.80 -1.78
CA ARG A 22 2.51 -6.50 -1.57
C ARG A 22 2.07 -6.37 -0.10
N ALA A 23 1.36 -5.34 0.23
CA ALA A 23 0.91 -5.16 1.64
C ALA A 23 -0.58 -5.49 1.79
N CYS A 24 -1.23 -5.89 0.74
CA CYS A 24 -2.67 -6.21 0.85
C CYS A 24 -3.28 -6.46 -0.54
N GLY A 25 -4.48 -6.98 -0.57
CA GLY A 25 -5.15 -7.24 -1.87
C GLY A 25 -6.21 -6.16 -2.10
N CYS A 26 -7.13 -6.01 -1.18
CA CYS A 26 -8.19 -4.98 -1.34
C CYS A 26 -8.69 -4.95 -2.79
N THR A 27 -9.27 -3.85 -3.21
CA THR A 27 -9.78 -3.78 -4.61
C THR A 27 -8.94 -2.79 -5.44
N GLY A 28 -8.17 -1.97 -4.80
CA GLY A 28 -7.33 -1.00 -5.56
C GLY A 28 -6.68 0.00 -4.60
N GLU A 29 -7.47 0.79 -3.92
CA GLU A 29 -6.90 1.79 -2.98
C GLU A 29 -5.75 1.18 -2.18
N LEU A 30 -6.03 0.16 -1.42
CA LEU A 30 -4.96 -0.48 -0.62
C LEU A 30 -4.07 -1.34 -1.53
N GLU A 31 -4.58 -1.75 -2.65
CA GLU A 31 -3.76 -2.59 -3.58
C GLU A 31 -2.40 -1.91 -3.83
N ASN A 32 -2.41 -0.62 -4.07
CA ASN A 32 -1.14 0.09 -4.33
C ASN A 32 -0.80 1.01 -3.16
N VAL A 33 0.36 0.84 -2.57
CA VAL A 33 0.73 1.72 -1.44
C VAL A 33 2.24 1.93 -1.40
N HIS A 34 2.67 3.10 -1.03
CA HIS A 34 4.14 3.37 -0.96
C HIS A 34 4.75 2.64 0.24
N ARG A 35 5.59 1.67 0.00
CA ARG A 35 6.22 0.94 1.14
C ARG A 35 6.99 1.92 2.02
N SER A 36 7.25 3.10 1.53
CA SER A 36 7.99 4.11 2.35
C SER A 36 7.09 4.67 3.46
N CYS A 37 5.98 5.25 3.10
CA CYS A 37 5.07 5.82 4.15
C CYS A 37 4.21 4.73 4.78
N LEU A 38 4.00 3.63 4.11
CA LEU A 38 3.16 2.55 4.71
C LEU A 38 4.01 1.73 5.68
N SER A 39 5.07 1.14 5.21
CA SER A 39 5.94 0.34 6.12
C SER A 39 6.27 1.16 7.36
N THR A 40 6.51 2.43 7.19
CA THR A 40 6.82 3.30 8.37
C THR A 40 5.54 3.65 9.10
N TRP A 41 4.48 3.90 8.37
CA TRP A 41 3.20 4.24 9.03
C TRP A 41 2.78 3.11 9.97
N LEU A 42 2.62 1.91 9.45
CA LEU A 42 2.24 0.77 10.34
C LEU A 42 3.27 0.61 11.45
N THR A 43 4.51 0.85 11.15
CA THR A 43 5.56 0.72 12.20
C THR A 43 5.31 1.75 13.31
N ILE A 44 4.97 2.95 12.95
CA ILE A 44 4.70 3.99 13.98
C ILE A 44 3.30 3.78 14.58
N SER A 45 2.36 3.37 13.77
CA SER A 45 0.98 3.14 14.28
C SER A 45 0.86 1.72 14.84
N ARG A 46 1.93 0.97 14.79
CA ARG A 46 1.89 -0.42 15.31
C ARG A 46 0.87 -1.26 14.54
N ASN A 47 1.09 -1.45 13.26
CA ASN A 47 0.15 -2.26 12.45
C ASN A 47 0.92 -3.35 11.68
N THR A 48 0.29 -4.44 11.35
CA THR A 48 1.02 -5.52 10.62
C THR A 48 0.19 -6.04 9.44
N ALA A 49 -1.08 -5.75 9.39
CA ALA A 49 -1.91 -6.25 8.25
C ALA A 49 -3.02 -5.26 7.90
N CYS A 50 -3.39 -5.20 6.65
CA CYS A 50 -4.47 -4.25 6.24
C CYS A 50 -5.74 -4.50 7.08
N GLN A 51 -6.26 -3.47 7.67
CA GLN A 51 -7.49 -3.64 8.51
C GLN A 51 -8.74 -3.59 7.62
N ILE A 52 -8.58 -3.21 6.38
CA ILE A 52 -9.76 -3.14 5.46
C ILE A 52 -10.25 -4.54 5.10
N CYS A 53 -9.37 -5.41 4.69
CA CYS A 53 -9.79 -6.79 4.32
C CYS A 53 -9.11 -7.81 5.25
N GLY A 54 -8.09 -7.40 5.96
CA GLY A 54 -7.40 -8.35 6.88
C GLY A 54 -6.25 -9.07 6.17
N VAL A 55 -5.39 -8.33 5.51
CA VAL A 55 -4.25 -8.98 4.81
C VAL A 55 -2.93 -8.44 5.38
N VAL A 56 -2.02 -9.30 5.73
CA VAL A 56 -0.72 -8.83 6.31
C VAL A 56 0.08 -8.02 5.30
N TYR A 57 0.75 -7.00 5.75
CA TYR A 57 1.57 -6.16 4.84
C TYR A 57 2.73 -6.97 4.27
N ASN A 58 3.43 -7.68 5.11
CA ASN A 58 4.58 -8.51 4.63
C ASN A 58 5.72 -7.60 4.15
N THR A 59 6.02 -6.57 4.89
CA THR A 59 7.12 -5.65 4.48
C THR A 59 8.47 -6.23 4.89
N ARG A 60 9.39 -6.37 3.97
CA ARG A 60 10.72 -6.93 4.31
C ARG A 60 10.56 -8.28 5.02
N MET A 1 8.28 2.18 -22.05
CA MET A 1 6.85 1.75 -21.93
C MET A 1 6.77 0.38 -21.24
N GLU A 2 5.99 0.26 -20.20
CA GLU A 2 5.87 -1.04 -19.50
C GLU A 2 4.45 -1.25 -18.98
N ASP A 3 4.10 -0.60 -17.91
CA ASP A 3 2.72 -0.76 -17.35
C ASP A 3 1.85 0.45 -17.69
N GLU A 4 0.64 0.47 -17.19
CA GLU A 4 -0.26 1.62 -17.48
C GLU A 4 -1.08 1.97 -16.24
N ASP A 5 -1.85 3.03 -16.30
CA ASP A 5 -2.67 3.42 -15.11
C ASP A 5 -1.76 3.63 -13.90
N VAL A 6 -1.62 4.84 -13.44
CA VAL A 6 -0.75 5.11 -12.26
C VAL A 6 -1.60 5.45 -11.03
N PRO A 7 -1.67 4.50 -10.13
CA PRO A 7 -2.45 4.69 -8.89
C PRO A 7 -1.67 5.56 -7.89
N VAL A 8 -2.35 6.10 -6.91
CA VAL A 8 -1.64 6.96 -5.92
C VAL A 8 -1.68 6.31 -4.53
N CYS A 9 -0.61 6.43 -3.78
CA CYS A 9 -0.58 5.81 -2.42
C CYS A 9 -1.64 6.47 -1.54
N TRP A 10 -2.50 5.69 -0.96
CA TRP A 10 -3.59 6.25 -0.10
C TRP A 10 -3.03 6.80 1.22
N ILE A 11 -1.83 6.44 1.58
CA ILE A 11 -1.26 6.94 2.87
C ILE A 11 -0.78 8.39 2.74
N CYS A 12 0.11 8.67 1.83
CA CYS A 12 0.61 10.07 1.67
C CYS A 12 -0.03 10.73 0.44
N ASN A 13 -0.84 10.01 -0.28
CA ASN A 13 -1.48 10.60 -1.50
C ASN A 13 -0.42 10.94 -2.54
N GLU A 14 0.42 10.00 -2.87
CA GLU A 14 1.47 10.27 -3.89
C GLU A 14 1.47 9.18 -4.96
N GLU A 15 1.52 9.54 -6.21
CA GLU A 15 1.50 8.51 -7.29
C GLU A 15 2.70 7.57 -7.17
N LEU A 16 2.48 6.30 -7.39
CA LEU A 16 3.59 5.31 -7.32
C LEU A 16 3.71 4.61 -8.66
N GLY A 17 2.60 4.42 -9.34
CA GLY A 17 2.61 3.78 -10.69
C GLY A 17 2.73 2.26 -10.59
N ASN A 18 3.38 1.73 -9.58
CA ASN A 18 3.51 0.25 -9.46
C ASN A 18 4.55 -0.12 -8.41
N GLU A 19 4.54 0.52 -7.28
CA GLU A 19 5.54 0.18 -6.22
C GLU A 19 5.38 -1.30 -5.86
N ARG A 20 6.28 -2.14 -6.30
CA ARG A 20 6.17 -3.58 -5.98
C ARG A 20 6.24 -3.80 -4.47
N PHE A 21 5.12 -3.87 -3.83
CA PHE A 21 5.10 -4.09 -2.36
C PHE A 21 3.82 -4.86 -1.97
N ARG A 22 3.93 -6.15 -1.79
CA ARG A 22 2.73 -6.94 -1.42
C ARG A 22 2.36 -6.65 0.03
N ALA A 23 1.45 -5.72 0.25
CA ALA A 23 1.06 -5.40 1.64
C ALA A 23 -0.40 -5.78 1.89
N CYS A 24 -1.13 -6.12 0.86
CA CYS A 24 -2.55 -6.49 1.05
C CYS A 24 -3.21 -6.75 -0.31
N GLY A 25 -4.37 -7.35 -0.30
CA GLY A 25 -5.08 -7.64 -1.57
C GLY A 25 -6.48 -7.02 -1.52
N CYS A 26 -6.57 -5.76 -1.20
CA CYS A 26 -7.89 -5.09 -1.13
C CYS A 26 -8.41 -4.80 -2.54
N THR A 27 -9.45 -4.02 -2.65
CA THR A 27 -9.99 -3.71 -3.99
C THR A 27 -10.11 -2.19 -4.17
N GLY A 28 -9.29 -1.43 -3.50
CA GLY A 28 -9.37 0.05 -3.65
C GLY A 28 -7.98 0.67 -3.57
N GLU A 29 -7.89 1.88 -3.08
CA GLU A 29 -6.57 2.56 -2.99
C GLU A 29 -5.55 1.69 -2.26
N LEU A 30 -6.00 0.89 -1.33
CA LEU A 30 -5.05 0.03 -0.56
C LEU A 30 -4.28 -0.91 -1.50
N GLU A 31 -4.67 -1.00 -2.75
CA GLU A 31 -3.95 -1.90 -3.68
C GLU A 31 -2.59 -1.29 -4.05
N ASN A 32 -2.52 0.00 -4.22
CA ASN A 32 -1.22 0.63 -4.57
C ASN A 32 -0.75 1.54 -3.42
N VAL A 33 0.38 1.25 -2.86
CA VAL A 33 0.89 2.11 -1.75
C VAL A 33 2.42 2.07 -1.68
N HIS A 34 3.05 3.18 -1.41
CA HIS A 34 4.54 3.16 -1.30
C HIS A 34 4.96 2.34 -0.08
N ARG A 35 5.74 1.32 -0.27
CA ARG A 35 6.19 0.52 0.90
C ARG A 35 6.95 1.41 1.88
N SER A 36 7.37 2.56 1.41
CA SER A 36 8.14 3.49 2.29
C SER A 36 7.24 4.09 3.38
N CYS A 37 6.21 4.81 3.03
CA CYS A 37 5.34 5.42 4.07
C CYS A 37 4.37 4.39 4.66
N LEU A 38 4.08 3.33 3.96
CA LEU A 38 3.15 2.31 4.53
C LEU A 38 3.89 1.45 5.56
N SER A 39 4.93 0.79 5.13
CA SER A 39 5.71 -0.07 6.07
C SER A 39 6.11 0.75 7.31
N THR A 40 6.39 2.01 7.12
CA THR A 40 6.79 2.86 8.28
C THR A 40 5.54 3.38 9.00
N TRP A 41 4.48 3.60 8.28
CA TRP A 41 3.24 4.10 8.94
C TRP A 41 2.69 3.02 9.88
N LEU A 42 2.42 1.85 9.36
CA LEU A 42 1.89 0.77 10.24
C LEU A 42 2.79 0.62 11.47
N THR A 43 4.04 0.97 11.36
CA THR A 43 4.95 0.87 12.54
C THR A 43 4.53 1.89 13.60
N ILE A 44 4.10 3.04 13.18
CA ILE A 44 3.67 4.09 14.15
C ILE A 44 2.29 3.72 14.71
N SER A 45 1.42 3.23 13.88
CA SER A 45 0.06 2.84 14.35
C SER A 45 0.03 1.35 14.70
N ARG A 46 1.18 0.73 14.75
CA ARG A 46 1.23 -0.72 15.08
C ARG A 46 0.08 -1.48 14.42
N ASN A 47 0.16 -1.68 13.12
CA ASN A 47 -0.92 -2.42 12.41
C ASN A 47 -0.42 -3.80 12.00
N THR A 48 0.64 -3.83 11.21
CA THR A 48 1.24 -5.13 10.75
C THR A 48 0.38 -5.79 9.65
N ALA A 49 -0.90 -5.53 9.62
CA ALA A 49 -1.75 -6.16 8.57
C ALA A 49 -2.95 -5.28 8.24
N CYS A 50 -3.36 -5.25 7.00
CA CYS A 50 -4.53 -4.41 6.61
C CYS A 50 -5.77 -4.83 7.41
N GLN A 51 -6.26 -3.98 8.26
CA GLN A 51 -7.47 -4.35 9.07
C GLN A 51 -8.71 -4.36 8.17
N ILE A 52 -8.57 -3.96 6.94
CA ILE A 52 -9.75 -3.95 6.02
C ILE A 52 -10.07 -5.38 5.56
N CYS A 53 -9.08 -6.13 5.16
CA CYS A 53 -9.33 -7.53 4.71
C CYS A 53 -8.58 -8.51 5.61
N GLY A 54 -7.63 -8.03 6.36
CA GLY A 54 -6.87 -8.93 7.27
C GLY A 54 -5.62 -9.49 6.58
N VAL A 55 -5.07 -8.76 5.63
CA VAL A 55 -3.85 -9.27 4.95
C VAL A 55 -2.61 -8.58 5.53
N VAL A 56 -1.59 -9.33 5.86
CA VAL A 56 -0.36 -8.71 6.44
C VAL A 56 0.37 -7.88 5.38
N TYR A 57 1.08 -6.87 5.80
CA TYR A 57 1.81 -6.03 4.82
C TYR A 57 3.06 -6.75 4.32
N ASN A 58 3.71 -7.48 5.18
CA ASN A 58 4.94 -8.21 4.76
C ASN A 58 5.94 -7.25 4.11
N THR A 59 6.45 -6.32 4.84
CA THR A 59 7.43 -5.35 4.25
C THR A 59 8.84 -5.90 4.37
N ARG A 60 9.71 -5.55 3.46
CA ARG A 60 11.11 -6.05 3.52
C ARG A 60 12.10 -4.93 3.14
N MET A 1 -5.14 4.19 -23.05
CA MET A 1 -4.47 4.55 -24.33
C MET A 1 -3.85 5.95 -24.23
N GLU A 2 -4.57 6.97 -24.60
CA GLU A 2 -4.00 8.35 -24.51
C GLU A 2 -3.89 8.78 -23.05
N ASP A 3 -3.42 9.97 -22.81
CA ASP A 3 -3.28 10.45 -21.40
C ASP A 3 -2.54 9.41 -20.56
N GLU A 4 -2.54 9.56 -19.27
CA GLU A 4 -1.83 8.58 -18.40
C GLU A 4 -2.49 8.50 -17.02
N ASP A 5 -2.48 7.35 -16.40
CA ASP A 5 -3.11 7.22 -15.05
C ASP A 5 -2.23 6.37 -14.14
N VAL A 6 -1.68 6.94 -13.10
CA VAL A 6 -0.81 6.17 -12.18
C VAL A 6 -1.55 5.87 -10.87
N PRO A 7 -1.35 4.69 -10.35
CA PRO A 7 -1.99 4.30 -9.07
C PRO A 7 -1.44 5.20 -7.96
N VAL A 8 -2.10 5.30 -6.84
CA VAL A 8 -1.59 6.22 -5.79
C VAL A 8 -1.59 5.58 -4.39
N CYS A 9 -0.67 6.02 -3.57
CA CYS A 9 -0.59 5.50 -2.18
C CYS A 9 -1.58 6.24 -1.29
N TRP A 10 -2.56 5.53 -0.79
CA TRP A 10 -3.59 6.18 0.08
C TRP A 10 -3.00 6.66 1.40
N ILE A 11 -1.77 6.34 1.68
CA ILE A 11 -1.16 6.78 2.97
C ILE A 11 -0.64 8.22 2.86
N CYS A 12 0.21 8.50 1.91
CA CYS A 12 0.76 9.89 1.78
C CYS A 12 0.09 10.63 0.63
N ASN A 13 -0.75 9.96 -0.13
CA ASN A 13 -1.43 10.64 -1.27
C ASN A 13 -0.40 11.02 -2.35
N GLU A 14 0.02 10.07 -3.15
CA GLU A 14 1.01 10.36 -4.22
C GLU A 14 1.11 9.16 -5.16
N GLU A 15 0.96 9.35 -6.44
CA GLU A 15 1.03 8.19 -7.37
C GLU A 15 2.40 7.51 -7.25
N LEU A 16 2.42 6.21 -7.35
CA LEU A 16 3.69 5.47 -7.24
C LEU A 16 3.97 4.70 -8.54
N GLY A 17 2.98 4.61 -9.38
CA GLY A 17 3.14 3.91 -10.70
C GLY A 17 3.17 2.37 -10.54
N ASN A 18 3.70 1.85 -9.44
CA ASN A 18 3.74 0.37 -9.24
C ASN A 18 4.86 0.01 -8.24
N GLU A 19 4.61 0.19 -6.97
CA GLU A 19 5.66 -0.17 -5.97
C GLU A 19 5.52 -1.63 -5.59
N ARG A 20 6.46 -2.46 -5.96
CA ARG A 20 6.34 -3.90 -5.62
C ARG A 20 6.35 -4.06 -4.09
N PHE A 21 5.19 -4.14 -3.51
CA PHE A 21 5.10 -4.29 -2.03
C PHE A 21 3.83 -5.05 -1.64
N ARG A 22 3.94 -6.32 -1.40
CA ARG A 22 2.73 -7.11 -1.01
C ARG A 22 2.32 -6.74 0.42
N ALA A 23 1.48 -5.75 0.58
CA ALA A 23 1.07 -5.35 1.96
C ALA A 23 -0.42 -5.62 2.16
N CYS A 24 -1.08 -6.14 1.17
CA CYS A 24 -2.54 -6.43 1.31
C CYS A 24 -3.13 -6.83 -0.04
N GLY A 25 -4.18 -7.60 -0.01
CA GLY A 25 -4.83 -8.04 -1.28
C GLY A 25 -6.24 -7.45 -1.34
N CYS A 26 -6.35 -6.16 -1.23
CA CYS A 26 -7.69 -5.51 -1.28
C CYS A 26 -8.23 -5.55 -2.70
N THR A 27 -9.21 -4.74 -3.00
CA THR A 27 -9.77 -4.75 -4.38
C THR A 27 -9.80 -3.33 -4.96
N GLY A 28 -8.90 -2.47 -4.57
CA GLY A 28 -8.94 -1.09 -5.12
C GLY A 28 -7.72 -0.28 -4.65
N GLU A 29 -7.97 0.90 -4.14
CA GLU A 29 -6.87 1.79 -3.68
C GLU A 29 -5.75 1.04 -2.94
N LEU A 30 -6.06 0.40 -1.84
CA LEU A 30 -5.01 -0.29 -1.05
C LEU A 30 -4.13 -1.18 -1.96
N GLU A 31 -4.59 -1.54 -3.11
CA GLU A 31 -3.74 -2.39 -4.00
C GLU A 31 -2.39 -1.70 -4.26
N ASN A 32 -2.39 -0.41 -4.39
CA ASN A 32 -1.10 0.30 -4.64
C ASN A 32 -0.73 1.15 -3.43
N VAL A 33 0.41 0.90 -2.84
CA VAL A 33 0.81 1.71 -1.66
C VAL A 33 2.34 1.82 -1.58
N HIS A 34 2.84 2.99 -1.29
CA HIS A 34 4.31 3.16 -1.17
C HIS A 34 4.85 2.30 -0.02
N ARG A 35 5.80 1.46 -0.30
CA ARG A 35 6.36 0.60 0.79
C ARG A 35 7.11 1.47 1.80
N SER A 36 7.41 2.68 1.43
CA SER A 36 8.16 3.59 2.36
C SER A 36 7.24 4.13 3.45
N CYS A 37 6.21 4.84 3.10
CA CYS A 37 5.29 5.41 4.14
C CYS A 37 4.35 4.35 4.71
N LEU A 38 4.07 3.30 4.00
CA LEU A 38 3.15 2.26 4.56
C LEU A 38 3.89 1.44 5.62
N SER A 39 4.96 0.81 5.25
CA SER A 39 5.73 -0.01 6.23
C SER A 39 6.07 0.83 7.46
N THR A 40 6.41 2.08 7.25
CA THR A 40 6.76 2.95 8.42
C THR A 40 5.48 3.43 9.10
N TRP A 41 4.44 3.67 8.35
CA TRP A 41 3.16 4.13 8.97
C TRP A 41 2.64 3.05 9.92
N LEU A 42 2.40 1.88 9.41
CA LEU A 42 1.89 0.79 10.29
C LEU A 42 2.88 0.54 11.44
N THR A 43 4.16 0.65 11.17
CA THR A 43 5.16 0.43 12.24
C THR A 43 4.96 1.48 13.34
N ILE A 44 4.70 2.70 12.96
CA ILE A 44 4.47 3.76 13.98
C ILE A 44 3.04 3.67 14.50
N SER A 45 2.09 3.47 13.63
CA SER A 45 0.67 3.36 14.08
C SER A 45 0.42 1.99 14.72
N ARG A 46 1.42 1.15 14.73
CA ARG A 46 1.26 -0.20 15.34
C ARG A 46 0.30 -1.05 14.51
N ASN A 47 0.60 -1.27 13.25
CA ASN A 47 -0.29 -2.10 12.41
C ASN A 47 0.52 -3.22 11.75
N THR A 48 0.01 -4.41 11.74
CA THR A 48 0.76 -5.54 11.11
C THR A 48 0.00 -6.05 9.89
N ALA A 49 -1.24 -5.68 9.73
CA ALA A 49 -2.00 -6.16 8.55
C ALA A 49 -3.08 -5.16 8.15
N CYS A 50 -3.36 -5.05 6.89
CA CYS A 50 -4.41 -4.10 6.41
C CYS A 50 -5.73 -4.35 7.17
N GLN A 51 -6.28 -3.32 7.76
CA GLN A 51 -7.54 -3.48 8.52
C GLN A 51 -8.75 -3.45 7.57
N ILE A 52 -8.51 -3.48 6.30
CA ILE A 52 -9.65 -3.44 5.33
C ILE A 52 -9.94 -4.85 4.79
N CYS A 53 -8.92 -5.64 4.57
CA CYS A 53 -9.14 -7.01 4.06
C CYS A 53 -8.62 -8.04 5.07
N GLY A 54 -7.79 -7.62 5.99
CA GLY A 54 -7.26 -8.57 7.00
C GLY A 54 -5.97 -9.21 6.48
N VAL A 55 -5.24 -8.53 5.65
CA VAL A 55 -3.97 -9.11 5.12
C VAL A 55 -2.77 -8.47 5.81
N VAL A 56 -1.69 -9.20 5.94
CA VAL A 56 -0.49 -8.63 6.61
C VAL A 56 0.32 -7.77 5.63
N TYR A 57 1.00 -6.77 6.11
CA TYR A 57 1.80 -5.90 5.20
C TYR A 57 3.04 -6.65 4.71
N ASN A 58 3.66 -7.40 5.57
CA ASN A 58 4.87 -8.18 5.17
C ASN A 58 5.89 -7.24 4.50
N THR A 59 6.42 -6.30 5.24
CA THR A 59 7.42 -5.36 4.65
C THR A 59 8.83 -5.95 4.78
N ARG A 60 9.73 -5.52 3.95
CA ARG A 60 11.13 -6.05 4.03
C ARG A 60 12.14 -4.90 3.94
N MET A 1 4.68 5.66 -23.68
CA MET A 1 5.22 7.02 -23.46
C MET A 1 4.08 8.03 -23.29
N GLU A 2 2.93 7.74 -23.84
CA GLU A 2 1.78 8.68 -23.71
C GLU A 2 1.32 8.74 -22.26
N ASP A 3 0.58 7.76 -21.82
CA ASP A 3 0.09 7.76 -20.41
C ASP A 3 -0.56 6.41 -20.07
N GLU A 4 -0.82 6.17 -18.82
CA GLU A 4 -1.45 4.87 -18.43
C GLU A 4 -2.17 5.02 -17.08
N ASP A 5 -2.47 3.92 -16.44
CA ASP A 5 -3.17 4.00 -15.13
C ASP A 5 -2.14 3.98 -13.99
N VAL A 6 -1.79 5.13 -13.47
CA VAL A 6 -0.79 5.17 -12.36
C VAL A 6 -1.52 5.10 -11.01
N PRO A 7 -1.16 4.12 -10.24
CA PRO A 7 -1.78 3.94 -8.90
C PRO A 7 -1.28 5.01 -7.94
N VAL A 8 -2.01 5.24 -6.88
CA VAL A 8 -1.58 6.28 -5.90
C VAL A 8 -1.60 5.72 -4.48
N CYS A 9 -0.62 6.08 -3.69
CA CYS A 9 -0.57 5.57 -2.29
C CYS A 9 -1.65 6.27 -1.45
N TRP A 10 -2.61 5.53 -0.98
CA TRP A 10 -3.71 6.13 -0.18
C TRP A 10 -3.18 6.71 1.13
N ILE A 11 -1.97 6.40 1.50
CA ILE A 11 -1.43 6.94 2.79
C ILE A 11 -0.96 8.39 2.62
N CYS A 12 -0.10 8.65 1.67
CA CYS A 12 0.38 10.05 1.49
C CYS A 12 -0.36 10.73 0.32
N ASN A 13 -1.19 10.00 -0.37
CA ASN A 13 -1.94 10.61 -1.51
C ASN A 13 -0.98 11.02 -2.63
N GLU A 14 -0.40 10.07 -3.31
CA GLU A 14 0.54 10.41 -4.41
C GLU A 14 0.82 9.17 -5.27
N GLU A 15 0.91 9.33 -6.56
CA GLU A 15 1.19 8.17 -7.44
C GLU A 15 2.50 7.50 -7.01
N LEU A 16 2.53 6.20 -7.00
CA LEU A 16 3.78 5.50 -6.58
C LEU A 16 4.41 4.76 -7.76
N GLY A 17 3.87 4.91 -8.94
CA GLY A 17 4.46 4.24 -10.13
C GLY A 17 4.30 2.72 -10.01
N ASN A 18 3.46 2.28 -9.09
CA ASN A 18 3.25 0.82 -8.90
C ASN A 18 4.38 0.26 -8.05
N GLU A 19 4.61 0.85 -6.91
CA GLU A 19 5.69 0.36 -6.03
C GLU A 19 5.43 -1.09 -5.68
N ARG A 20 6.17 -1.98 -6.28
CA ARG A 20 5.95 -3.43 -6.00
C ARG A 20 6.15 -3.70 -4.51
N PHE A 21 5.08 -3.72 -3.78
CA PHE A 21 5.14 -3.97 -2.31
C PHE A 21 3.86 -4.69 -1.87
N ARG A 22 3.93 -5.97 -1.65
CA ARG A 22 2.71 -6.72 -1.24
C ARG A 22 2.34 -6.39 0.21
N ALA A 23 1.30 -5.62 0.40
CA ALA A 23 0.88 -5.27 1.78
C ALA A 23 -0.64 -5.40 1.95
N CYS A 24 -1.34 -5.75 0.90
CA CYS A 24 -2.81 -5.90 1.00
C CYS A 24 -3.42 -6.05 -0.39
N GLY A 25 -4.67 -6.44 -0.46
CA GLY A 25 -5.33 -6.61 -1.78
C GLY A 25 -6.81 -6.26 -1.66
N CYS A 26 -7.12 -5.10 -1.15
CA CYS A 26 -8.55 -4.72 -0.99
C CYS A 26 -9.22 -4.63 -2.37
N THR A 27 -9.43 -3.44 -2.89
CA THR A 27 -10.08 -3.32 -4.22
C THR A 27 -9.23 -2.44 -5.16
N GLY A 28 -8.30 -1.70 -4.62
CA GLY A 28 -7.46 -0.83 -5.50
C GLY A 28 -6.72 0.21 -4.65
N GLU A 29 -7.45 1.08 -4.01
CA GLU A 29 -6.78 2.13 -3.17
C GLU A 29 -5.69 1.51 -2.30
N LEU A 30 -5.98 0.41 -1.65
CA LEU A 30 -4.95 -0.23 -0.78
C LEU A 30 -4.07 -1.14 -1.63
N GLU A 31 -4.57 -1.61 -2.74
CA GLU A 31 -3.75 -2.49 -3.62
C GLU A 31 -2.40 -1.83 -3.90
N ASN A 32 -2.40 -0.56 -4.19
CA ASN A 32 -1.12 0.13 -4.46
C ASN A 32 -0.76 1.04 -3.29
N VAL A 33 0.37 0.82 -2.67
CA VAL A 33 0.74 1.67 -1.52
C VAL A 33 2.26 1.80 -1.42
N HIS A 34 2.75 2.97 -1.14
CA HIS A 34 4.22 3.17 -1.01
C HIS A 34 4.77 2.33 0.15
N ARG A 35 5.77 1.53 -0.12
CA ARG A 35 6.36 0.70 0.97
C ARG A 35 7.11 1.59 1.96
N SER A 36 7.39 2.81 1.58
CA SER A 36 8.13 3.73 2.48
C SER A 36 7.19 4.29 3.56
N CYS A 37 6.12 4.92 3.17
CA CYS A 37 5.19 5.50 4.21
C CYS A 37 4.25 4.42 4.78
N LEU A 38 4.02 3.34 4.09
CA LEU A 38 3.11 2.30 4.66
C LEU A 38 3.88 1.46 5.67
N SER A 39 4.94 0.81 5.24
CA SER A 39 5.73 -0.02 6.18
C SER A 39 6.10 0.80 7.42
N THR A 40 6.36 2.06 7.24
CA THR A 40 6.71 2.92 8.41
C THR A 40 5.44 3.40 9.10
N TRP A 41 4.38 3.62 8.37
CA TRP A 41 3.12 4.07 9.00
C TRP A 41 2.61 2.99 9.95
N LEU A 42 2.38 1.80 9.44
CA LEU A 42 1.89 0.71 10.33
C LEU A 42 2.87 0.52 11.49
N THR A 43 4.13 0.76 11.26
CA THR A 43 5.13 0.60 12.36
C THR A 43 4.85 1.63 13.45
N ILE A 44 4.69 2.88 13.07
CA ILE A 44 4.39 3.93 14.09
C ILE A 44 2.98 3.72 14.63
N SER A 45 2.05 3.38 13.78
CA SER A 45 0.66 3.16 14.24
C SER A 45 0.54 1.75 14.84
N ARG A 46 1.59 0.98 14.78
CA ARG A 46 1.55 -0.40 15.35
C ARG A 46 0.57 -1.27 14.57
N ASN A 47 0.91 -1.62 13.35
CA ASN A 47 0.00 -2.48 12.55
C ASN A 47 0.79 -3.57 11.84
N THR A 48 0.21 -4.73 11.68
CA THR A 48 0.94 -5.85 11.02
C THR A 48 0.21 -6.28 9.74
N ALA A 49 -1.06 -6.02 9.66
CA ALA A 49 -1.83 -6.42 8.44
C ALA A 49 -2.95 -5.41 8.17
N CYS A 50 -3.34 -5.27 6.93
CA CYS A 50 -4.42 -4.31 6.59
C CYS A 50 -5.67 -4.61 7.43
N GLN A 51 -6.33 -3.60 7.91
CA GLN A 51 -7.55 -3.82 8.73
C GLN A 51 -8.80 -3.84 7.84
N ILE A 52 -8.62 -3.71 6.55
CA ILE A 52 -9.79 -3.72 5.63
C ILE A 52 -10.04 -5.12 5.09
N CYS A 53 -9.00 -5.79 4.67
CA CYS A 53 -9.18 -7.17 4.12
C CYS A 53 -8.52 -8.20 5.06
N GLY A 54 -7.64 -7.76 5.92
CA GLY A 54 -6.98 -8.70 6.86
C GLY A 54 -5.70 -9.26 6.22
N VAL A 55 -5.09 -8.53 5.32
CA VAL A 55 -3.84 -9.02 4.68
C VAL A 55 -2.63 -8.48 5.43
N VAL A 56 -1.54 -9.21 5.44
CA VAL A 56 -0.33 -8.73 6.16
C VAL A 56 0.47 -7.78 5.26
N TYR A 57 1.12 -6.81 5.85
CA TYR A 57 1.92 -5.85 5.04
C TYR A 57 3.17 -6.55 4.50
N ASN A 58 3.67 -7.52 5.21
CA ASN A 58 4.87 -8.26 4.75
C ASN A 58 5.92 -7.28 4.22
N THR A 59 6.64 -6.64 5.10
CA THR A 59 7.68 -5.66 4.65
C THR A 59 9.08 -6.19 4.99
N ARG A 60 9.97 -6.21 4.04
CA ARG A 60 11.35 -6.72 4.32
C ARG A 60 11.28 -8.04 5.09
N MET A 1 -10.67 3.29 -11.66
CA MET A 1 -12.05 2.83 -12.00
C MET A 1 -12.08 2.18 -13.37
N GLU A 2 -11.26 2.66 -14.28
CA GLU A 2 -11.24 2.06 -15.64
C GLU A 2 -9.83 2.08 -16.21
N ASP A 3 -9.61 1.47 -17.34
CA ASP A 3 -8.25 1.45 -17.95
C ASP A 3 -7.21 1.05 -16.89
N GLU A 4 -5.96 1.04 -17.25
CA GLU A 4 -4.90 0.65 -16.27
C GLU A 4 -4.43 1.89 -15.51
N ASP A 5 -3.85 2.84 -16.20
CA ASP A 5 -3.36 4.07 -15.51
C ASP A 5 -2.35 3.70 -14.42
N VAL A 6 -2.07 4.61 -13.53
CA VAL A 6 -1.08 4.31 -12.45
C VAL A 6 -1.78 4.41 -11.08
N PRO A 7 -1.54 3.42 -10.26
CA PRO A 7 -2.15 3.39 -8.90
C PRO A 7 -1.48 4.40 -7.98
N VAL A 8 -2.12 4.73 -6.90
CA VAL A 8 -1.53 5.72 -5.94
C VAL A 8 -1.52 5.17 -4.52
N CYS A 9 -0.52 5.51 -3.75
CA CYS A 9 -0.46 5.00 -2.36
C CYS A 9 -1.63 5.55 -1.56
N TRP A 10 -2.56 4.70 -1.20
CA TRP A 10 -3.76 5.15 -0.44
C TRP A 10 -3.36 5.87 0.86
N ILE A 11 -2.12 5.76 1.26
CA ILE A 11 -1.70 6.43 2.54
C ILE A 11 -1.32 7.90 2.31
N CYS A 12 -0.39 8.17 1.44
CA CYS A 12 0.01 9.59 1.20
C CYS A 12 -0.65 10.12 -0.06
N ASN A 13 -1.36 9.30 -0.77
CA ASN A 13 -2.04 9.75 -2.02
C ASN A 13 -0.99 10.12 -3.08
N GLU A 14 -0.07 9.24 -3.34
CA GLU A 14 0.98 9.54 -4.37
C GLU A 14 1.12 8.36 -5.33
N GLU A 15 1.09 8.62 -6.60
CA GLU A 15 1.21 7.52 -7.60
C GLU A 15 2.55 6.78 -7.42
N LEU A 16 2.51 5.47 -7.49
CA LEU A 16 3.78 4.70 -7.35
C LEU A 16 4.06 3.95 -8.66
N GLY A 17 3.02 3.58 -9.36
CA GLY A 17 3.18 2.89 -10.66
C GLY A 17 3.48 1.39 -10.49
N ASN A 18 4.13 1.01 -9.42
CA ASN A 18 4.44 -0.45 -9.21
C ASN A 18 5.43 -0.62 -8.08
N GLU A 19 5.26 0.09 -7.00
CA GLU A 19 6.21 -0.07 -5.86
C GLU A 19 6.19 -1.52 -5.38
N ARG A 20 7.22 -2.27 -5.68
CA ARG A 20 7.24 -3.70 -5.25
C ARG A 20 7.21 -3.79 -3.72
N PHE A 21 6.04 -3.95 -3.17
CA PHE A 21 5.92 -4.05 -1.68
C PHE A 21 4.71 -4.91 -1.32
N ARG A 22 4.93 -6.08 -0.79
CA ARG A 22 3.77 -6.95 -0.43
C ARG A 22 3.08 -6.41 0.83
N ALA A 23 2.13 -5.52 0.65
CA ALA A 23 1.42 -4.95 1.83
C ALA A 23 0.01 -5.56 1.94
N CYS A 24 -0.97 -4.91 1.36
CA CYS A 24 -2.35 -5.47 1.44
C CYS A 24 -2.93 -5.68 0.04
N GLY A 25 -3.99 -6.43 -0.04
CA GLY A 25 -4.63 -6.69 -1.36
C GLY A 25 -5.80 -5.73 -1.55
N CYS A 26 -6.81 -5.85 -0.73
CA CYS A 26 -7.97 -4.92 -0.85
C CYS A 26 -8.53 -4.94 -2.27
N THR A 27 -9.11 -3.85 -2.71
CA THR A 27 -9.70 -3.83 -4.09
C THR A 27 -9.01 -2.79 -4.97
N GLY A 28 -7.75 -2.50 -4.72
CA GLY A 28 -7.04 -1.50 -5.57
C GLY A 28 -6.35 -0.46 -4.67
N GLU A 29 -7.11 0.19 -3.82
CA GLU A 29 -6.50 1.21 -2.92
C GLU A 29 -5.17 0.72 -2.38
N LEU A 30 -5.18 -0.38 -1.70
CA LEU A 30 -3.93 -0.91 -1.09
C LEU A 30 -3.19 -1.82 -2.07
N GLU A 31 -3.83 -2.26 -3.11
CA GLU A 31 -3.12 -3.12 -4.09
C GLU A 31 -1.80 -2.44 -4.45
N ASN A 32 -1.76 -1.14 -4.30
CA ASN A 32 -0.51 -0.39 -4.61
C ASN A 32 -0.21 0.55 -3.45
N VAL A 33 0.93 0.43 -2.83
CA VAL A 33 1.24 1.34 -1.70
C VAL A 33 2.74 1.59 -1.57
N HIS A 34 3.12 2.81 -1.30
CA HIS A 34 4.56 3.12 -1.13
C HIS A 34 5.10 2.44 0.12
N ARG A 35 6.07 1.58 0.00
CA ARG A 35 6.62 0.89 1.19
C ARG A 35 7.33 1.90 2.10
N SER A 36 7.61 3.06 1.58
CA SER A 36 8.29 4.10 2.41
C SER A 36 7.32 4.73 3.41
N CYS A 37 6.18 5.19 2.94
CA CYS A 37 5.20 5.81 3.88
C CYS A 37 4.35 4.74 4.57
N LEU A 38 4.21 3.59 3.98
CA LEU A 38 3.39 2.53 4.63
C LEU A 38 4.20 1.84 5.73
N SER A 39 5.30 1.22 5.38
CA SER A 39 6.12 0.54 6.39
C SER A 39 6.36 1.46 7.59
N THR A 40 6.44 2.74 7.35
CA THR A 40 6.65 3.70 8.47
C THR A 40 5.30 4.07 9.10
N TRP A 41 4.29 4.21 8.29
CA TRP A 41 2.95 4.57 8.84
C TRP A 41 2.48 3.48 9.80
N LEU A 42 2.38 2.26 9.34
CA LEU A 42 1.93 1.16 10.25
C LEU A 42 2.79 1.14 11.51
N THR A 43 3.99 1.65 11.44
CA THR A 43 4.87 1.67 12.64
C THR A 43 4.38 2.74 13.63
N ILE A 44 4.17 3.94 13.16
CA ILE A 44 3.68 5.02 14.07
C ILE A 44 2.28 4.68 14.58
N SER A 45 1.48 4.05 13.77
CA SER A 45 0.10 3.69 14.20
C SER A 45 0.09 2.27 14.78
N ARG A 46 1.20 1.59 14.72
CA ARG A 46 1.26 0.20 15.26
C ARG A 46 0.32 -0.71 14.49
N ASN A 47 0.59 -0.95 13.24
CA ASN A 47 -0.29 -1.85 12.44
C ASN A 47 0.56 -2.89 11.70
N THR A 48 -0.01 -4.03 11.41
CA THR A 48 0.77 -5.08 10.69
C THR A 48 -0.03 -5.66 9.54
N ALA A 49 -1.33 -5.72 9.66
CA ALA A 49 -2.15 -6.28 8.55
C ALA A 49 -3.42 -5.45 8.34
N CYS A 50 -3.74 -5.18 7.10
CA CYS A 50 -4.96 -4.37 6.82
C CYS A 50 -6.18 -4.99 7.52
N GLN A 51 -7.16 -4.20 7.85
CA GLN A 51 -8.37 -4.75 8.53
C GLN A 51 -9.50 -4.96 7.53
N ILE A 52 -9.50 -4.22 6.45
CA ILE A 52 -10.59 -4.38 5.44
C ILE A 52 -10.69 -5.84 4.98
N CYS A 53 -9.58 -6.46 4.68
CA CYS A 53 -9.62 -7.89 4.24
C CYS A 53 -8.77 -8.77 5.16
N GLY A 54 -7.90 -8.17 5.93
CA GLY A 54 -7.05 -8.97 6.86
C GLY A 54 -5.75 -9.38 6.17
N VAL A 55 -5.13 -8.49 5.45
CA VAL A 55 -3.85 -8.84 4.77
C VAL A 55 -2.68 -8.29 5.57
N VAL A 56 -1.67 -9.08 5.80
CA VAL A 56 -0.51 -8.58 6.59
C VAL A 56 0.44 -7.79 5.70
N TYR A 57 1.02 -6.75 6.23
CA TYR A 57 1.97 -5.93 5.42
C TYR A 57 3.28 -6.69 5.23
N ASN A 58 3.26 -7.72 4.43
CA ASN A 58 4.51 -8.51 4.20
C ASN A 58 5.66 -7.59 3.83
N THR A 59 6.70 -7.56 4.62
CA THR A 59 7.86 -6.67 4.31
C THR A 59 9.15 -7.49 4.28
N ARG A 60 10.22 -6.92 3.79
CA ARG A 60 11.50 -7.68 3.74
C ARG A 60 12.59 -6.94 4.53
N MET A 1 0.58 -5.68 -19.43
CA MET A 1 1.49 -5.39 -18.27
C MET A 1 1.83 -3.89 -18.24
N GLU A 2 1.92 -3.32 -17.06
CA GLU A 2 2.24 -1.87 -16.97
C GLU A 2 1.14 -1.03 -17.64
N ASP A 3 1.15 -0.98 -18.94
CA ASP A 3 0.11 -0.19 -19.66
C ASP A 3 -0.10 1.16 -18.97
N GLU A 4 -1.27 1.72 -19.09
CA GLU A 4 -1.54 3.04 -18.45
C GLU A 4 -2.06 2.83 -17.02
N ASP A 5 -3.01 3.61 -16.59
CA ASP A 5 -3.54 3.45 -15.21
C ASP A 5 -2.43 3.69 -14.18
N VAL A 6 -2.60 4.65 -13.33
CA VAL A 6 -1.56 4.92 -12.29
C VAL A 6 -2.20 5.08 -10.92
N PRO A 7 -2.00 4.08 -10.09
CA PRO A 7 -2.56 4.09 -8.73
C PRO A 7 -1.79 5.07 -7.83
N VAL A 8 -2.38 5.46 -6.73
CA VAL A 8 -1.69 6.41 -5.82
C VAL A 8 -1.62 5.83 -4.40
N CYS A 9 -0.58 6.15 -3.67
CA CYS A 9 -0.46 5.62 -2.28
C CYS A 9 -1.54 6.24 -1.40
N TRP A 10 -2.47 5.46 -0.93
CA TRP A 10 -3.55 6.00 -0.07
C TRP A 10 -3.00 6.70 1.17
N ILE A 11 -1.76 6.49 1.49
CA ILE A 11 -1.18 7.13 2.71
C ILE A 11 -0.70 8.57 2.42
N CYS A 12 0.18 8.75 1.48
CA CYS A 12 0.68 10.12 1.19
C CYS A 12 -0.04 10.72 -0.02
N ASN A 13 -0.89 9.96 -0.66
CA ASN A 13 -1.62 10.49 -1.85
C ASN A 13 -0.63 10.79 -2.98
N GLU A 14 0.26 9.88 -3.25
CA GLU A 14 1.25 10.11 -4.34
C GLU A 14 1.23 8.93 -5.33
N GLU A 15 1.15 9.21 -6.59
CA GLU A 15 1.13 8.12 -7.60
C GLU A 15 2.40 7.27 -7.49
N LEU A 16 2.25 5.97 -7.54
CA LEU A 16 3.44 5.09 -7.47
C LEU A 16 3.55 4.30 -8.77
N GLY A 17 2.44 4.06 -9.41
CA GLY A 17 2.43 3.34 -10.71
C GLY A 17 2.56 1.82 -10.53
N ASN A 18 3.24 1.37 -9.49
CA ASN A 18 3.39 -0.11 -9.28
C ASN A 18 4.54 -0.41 -8.31
N GLU A 19 4.63 0.30 -7.22
CA GLU A 19 5.74 0.02 -6.26
C GLU A 19 5.64 -1.43 -5.80
N ARG A 20 6.62 -2.24 -6.09
CA ARG A 20 6.53 -3.68 -5.65
C ARG A 20 6.51 -3.77 -4.13
N PHE A 21 5.34 -3.86 -3.57
CA PHE A 21 5.23 -3.97 -2.09
C PHE A 21 3.95 -4.75 -1.73
N ARG A 22 4.06 -6.01 -1.46
CA ARG A 22 2.85 -6.80 -1.10
C ARG A 22 2.45 -6.51 0.34
N ALA A 23 1.52 -5.61 0.54
CA ALA A 23 1.09 -5.29 1.93
C ALA A 23 -0.40 -5.54 2.10
N CYS A 24 -1.08 -5.86 1.03
CA CYS A 24 -2.54 -6.11 1.14
C CYS A 24 -3.14 -6.32 -0.26
N GLY A 25 -4.34 -6.82 -0.32
CA GLY A 25 -4.99 -7.04 -1.63
C GLY A 25 -6.37 -6.38 -1.63
N CYS A 26 -6.44 -5.13 -1.26
CA CYS A 26 -7.76 -4.44 -1.25
C CYS A 26 -8.25 -4.24 -2.68
N THR A 27 -9.15 -3.32 -2.89
CA THR A 27 -9.67 -3.10 -4.26
C THR A 27 -9.55 -1.63 -4.67
N GLY A 28 -8.58 -0.92 -4.15
CA GLY A 28 -8.45 0.52 -4.52
C GLY A 28 -7.14 1.11 -3.99
N GLU A 29 -7.22 2.30 -3.44
CA GLU A 29 -6.00 2.98 -2.91
C GLU A 29 -5.17 2.07 -2.01
N LEU A 30 -5.78 1.24 -1.22
CA LEU A 30 -4.98 0.37 -0.31
C LEU A 30 -4.30 -0.74 -1.11
N GLU A 31 -4.66 -0.91 -2.35
CA GLU A 31 -4.01 -1.96 -3.17
C GLU A 31 -2.60 -1.51 -3.57
N ASN A 32 -2.45 -0.25 -3.93
CA ASN A 32 -1.11 0.25 -4.30
C ASN A 32 -0.64 1.27 -3.27
N VAL A 33 0.47 1.02 -2.64
CA VAL A 33 0.97 1.99 -1.63
C VAL A 33 2.49 1.95 -1.52
N HIS A 34 3.11 3.09 -1.36
CA HIS A 34 4.60 3.12 -1.23
C HIS A 34 5.03 2.36 0.02
N ARG A 35 5.92 1.41 -0.11
CA ARG A 35 6.39 0.67 1.09
C ARG A 35 7.10 1.63 2.04
N SER A 36 7.45 2.79 1.56
CA SER A 36 8.17 3.78 2.41
C SER A 36 7.23 4.39 3.47
N CYS A 37 6.14 4.97 3.05
CA CYS A 37 5.22 5.59 4.08
C CYS A 37 4.31 4.54 4.72
N LEU A 38 3.96 3.48 4.04
CA LEU A 38 3.08 2.47 4.69
C LEU A 38 3.89 1.67 5.72
N SER A 39 4.93 1.01 5.29
CA SER A 39 5.76 0.21 6.24
C SER A 39 6.12 1.06 7.47
N THR A 40 6.34 2.34 7.28
CA THR A 40 6.69 3.21 8.44
C THR A 40 5.42 3.64 9.17
N TRP A 41 4.35 3.82 8.44
CA TRP A 41 3.07 4.24 9.09
C TRP A 41 2.61 3.15 10.06
N LEU A 42 2.40 1.95 9.57
CA LEU A 42 1.97 0.85 10.47
C LEU A 42 2.92 0.75 11.66
N THR A 43 4.14 1.20 11.50
CA THR A 43 5.11 1.14 12.62
C THR A 43 4.69 2.11 13.73
N ILE A 44 4.27 3.30 13.37
CA ILE A 44 3.83 4.27 14.40
C ILE A 44 2.46 3.86 14.96
N SER A 45 1.58 3.41 14.10
CA SER A 45 0.23 2.98 14.59
C SER A 45 0.30 1.52 15.07
N ARG A 46 1.46 0.93 15.04
CA ARG A 46 1.59 -0.49 15.49
C ARG A 46 0.61 -1.38 14.73
N ASN A 47 0.93 -1.70 13.51
CA ASN A 47 0.02 -2.58 12.70
C ASN A 47 0.86 -3.51 11.82
N THR A 48 0.35 -4.67 11.52
CA THR A 48 1.13 -5.62 10.67
C THR A 48 0.30 -6.13 9.50
N ALA A 49 -1.00 -6.01 9.56
CA ALA A 49 -1.84 -6.50 8.42
C ALA A 49 -3.04 -5.58 8.19
N CYS A 50 -3.47 -5.45 6.97
CA CYS A 50 -4.64 -4.59 6.66
C CYS A 50 -5.87 -5.07 7.44
N GLN A 51 -6.66 -4.17 7.94
CA GLN A 51 -7.86 -4.58 8.72
C GLN A 51 -9.11 -4.53 7.84
N ILE A 52 -8.93 -4.35 6.55
CA ILE A 52 -10.12 -4.30 5.64
C ILE A 52 -10.35 -5.67 5.00
N CYS A 53 -9.30 -6.35 4.61
CA CYS A 53 -9.47 -7.68 3.98
C CYS A 53 -8.72 -8.74 4.79
N GLY A 54 -7.81 -8.33 5.63
CA GLY A 54 -7.05 -9.32 6.46
C GLY A 54 -5.78 -9.77 5.73
N VAL A 55 -5.00 -8.84 5.23
CA VAL A 55 -3.76 -9.23 4.52
C VAL A 55 -2.55 -8.60 5.22
N VAL A 56 -1.60 -9.40 5.64
CA VAL A 56 -0.41 -8.85 6.34
C VAL A 56 0.38 -7.92 5.41
N TYR A 57 1.06 -6.96 5.96
CA TYR A 57 1.86 -6.03 5.11
C TYR A 57 3.09 -6.73 4.55
N ASN A 58 3.67 -7.61 5.30
CA ASN A 58 4.87 -8.34 4.81
C ASN A 58 5.90 -7.35 4.27
N THR A 59 6.65 -6.70 5.12
CA THR A 59 7.66 -5.73 4.64
C THR A 59 9.07 -6.19 5.06
N ARG A 60 9.95 -6.30 4.11
CA ARG A 60 11.34 -6.74 4.45
C ARG A 60 12.19 -5.54 4.86
N MET A 1 -6.47 -2.80 -12.79
CA MET A 1 -5.38 -3.31 -13.66
C MET A 1 -5.76 -3.14 -15.13
N GLU A 2 -5.37 -2.05 -15.74
CA GLU A 2 -5.71 -1.83 -17.17
C GLU A 2 -4.44 -1.57 -17.98
N ASP A 3 -4.55 -1.55 -19.29
CA ASP A 3 -3.34 -1.32 -20.12
C ASP A 3 -2.52 -0.15 -19.55
N GLU A 4 -3.17 0.83 -19.01
CA GLU A 4 -2.43 2.00 -18.44
C GLU A 4 -3.16 2.52 -17.20
N ASP A 5 -2.42 2.87 -16.17
CA ASP A 5 -3.07 3.39 -14.93
C ASP A 5 -2.01 3.62 -13.85
N VAL A 6 -2.03 4.78 -13.24
CA VAL A 6 -1.02 5.07 -12.17
C VAL A 6 -1.69 5.06 -10.80
N PRO A 7 -1.32 4.10 -10.00
CA PRO A 7 -1.89 3.97 -8.64
C PRO A 7 -1.34 5.06 -7.72
N VAL A 8 -2.00 5.30 -6.63
CA VAL A 8 -1.51 6.36 -5.69
C VAL A 8 -1.52 5.83 -4.26
N CYS A 9 -0.49 6.11 -3.50
CA CYS A 9 -0.45 5.63 -2.10
C CYS A 9 -1.56 6.30 -1.27
N TRP A 10 -2.50 5.54 -0.82
CA TRP A 10 -3.63 6.12 -0.02
C TRP A 10 -3.11 6.69 1.31
N ILE A 11 -1.88 6.39 1.66
CA ILE A 11 -1.35 6.92 2.96
C ILE A 11 -0.91 8.37 2.81
N CYS A 12 -0.04 8.67 1.90
CA CYS A 12 0.43 10.07 1.74
C CYS A 12 -0.25 10.73 0.53
N ASN A 13 -1.15 10.05 -0.10
CA ASN A 13 -1.85 10.64 -1.28
C ASN A 13 -0.84 11.05 -2.35
N GLU A 14 -0.09 10.12 -2.87
CA GLU A 14 0.91 10.46 -3.92
C GLU A 14 1.02 9.29 -4.91
N GLU A 15 1.13 9.59 -6.17
CA GLU A 15 1.24 8.49 -7.18
C GLU A 15 2.57 7.76 -7.02
N LEU A 16 2.55 6.48 -7.27
CA LEU A 16 3.80 5.68 -7.14
C LEU A 16 4.01 4.80 -8.39
N GLY A 17 3.03 4.73 -9.25
CA GLY A 17 3.14 3.95 -10.52
C GLY A 17 3.03 2.43 -10.27
N ASN A 18 3.51 1.93 -9.13
CA ASN A 18 3.44 0.46 -8.81
C ASN A 18 4.70 0.06 -8.02
N GLU A 19 4.88 0.59 -6.85
CA GLU A 19 6.09 0.21 -6.06
C GLU A 19 5.97 -1.25 -5.63
N ARG A 20 6.94 -2.06 -5.96
CA ARG A 20 6.86 -3.49 -5.58
C ARG A 20 6.81 -3.63 -4.06
N PHE A 21 5.63 -3.75 -3.52
CA PHE A 21 5.49 -3.90 -2.04
C PHE A 21 4.24 -4.72 -1.69
N ARG A 22 4.41 -5.98 -1.41
CA ARG A 22 3.23 -6.82 -1.06
C ARG A 22 2.74 -6.47 0.35
N ALA A 23 1.83 -5.54 0.44
CA ALA A 23 1.31 -5.14 1.79
C ALA A 23 -0.13 -5.64 1.96
N CYS A 24 -0.87 -5.69 0.89
CA CYS A 24 -2.28 -6.17 0.99
C CYS A 24 -2.91 -6.25 -0.40
N GLY A 25 -4.03 -6.89 -0.51
CA GLY A 25 -4.71 -7.01 -1.83
C GLY A 25 -5.91 -6.07 -1.85
N CYS A 26 -6.83 -6.25 -0.94
CA CYS A 26 -8.03 -5.37 -0.91
C CYS A 26 -8.58 -5.16 -2.31
N THR A 27 -9.52 -4.27 -2.46
CA THR A 27 -10.11 -4.01 -3.81
C THR A 27 -10.08 -2.51 -4.11
N GLY A 28 -9.28 -1.76 -3.39
CA GLY A 28 -9.24 -0.29 -3.64
C GLY A 28 -7.78 0.20 -3.65
N GLU A 29 -7.57 1.43 -3.30
CA GLU A 29 -6.19 2.01 -3.28
C GLU A 29 -5.23 1.14 -2.48
N LEU A 30 -5.71 0.53 -1.44
CA LEU A 30 -4.80 -0.30 -0.60
C LEU A 30 -3.98 -1.26 -1.48
N GLU A 31 -4.47 -1.58 -2.65
CA GLU A 31 -3.71 -2.49 -3.55
C GLU A 31 -2.31 -1.90 -3.81
N ASN A 32 -2.24 -0.62 -4.09
CA ASN A 32 -0.92 0.01 -4.33
C ASN A 32 -0.59 0.98 -3.20
N VAL A 33 0.51 0.78 -2.53
CA VAL A 33 0.87 1.70 -1.42
C VAL A 33 2.38 1.88 -1.33
N HIS A 34 2.82 3.08 -1.10
CA HIS A 34 4.28 3.34 -0.99
C HIS A 34 4.90 2.53 0.15
N ARG A 35 5.93 1.79 -0.13
CA ARG A 35 6.58 0.98 0.94
C ARG A 35 7.33 1.90 1.90
N SER A 36 7.57 3.12 1.51
CA SER A 36 8.30 4.06 2.40
C SER A 36 7.38 4.59 3.51
N CYS A 37 6.28 5.19 3.16
CA CYS A 37 5.37 5.75 4.22
C CYS A 37 4.47 4.66 4.81
N LEU A 38 4.22 3.60 4.10
CA LEU A 38 3.34 2.53 4.68
C LEU A 38 4.12 1.70 5.70
N SER A 39 5.19 1.07 5.28
CA SER A 39 5.99 0.26 6.23
C SER A 39 6.32 1.08 7.48
N THR A 40 6.60 2.34 7.30
CA THR A 40 6.92 3.20 8.49
C THR A 40 5.64 3.64 9.18
N TRP A 41 4.60 3.87 8.43
CA TRP A 41 3.31 4.29 9.06
C TRP A 41 2.80 3.19 10.00
N LEU A 42 2.60 2.01 9.48
CA LEU A 42 2.12 0.89 10.34
C LEU A 42 3.01 0.77 11.58
N THR A 43 4.26 1.17 11.47
CA THR A 43 5.16 1.07 12.65
C THR A 43 4.65 2.00 13.76
N ILE A 44 4.31 3.21 13.42
CA ILE A 44 3.79 4.16 14.45
C ILE A 44 2.34 3.83 14.77
N SER A 45 1.53 3.63 13.76
CA SER A 45 0.10 3.30 14.00
C SER A 45 -0.02 1.88 14.56
N ARG A 46 1.04 1.11 14.47
CA ARG A 46 1.00 -0.28 14.99
C ARG A 46 -0.16 -1.05 14.35
N ASN A 47 0.01 -1.44 13.11
CA ASN A 47 -1.07 -2.21 12.42
C ASN A 47 -0.51 -3.55 11.95
N THR A 48 0.49 -3.51 11.13
CA THR A 48 1.13 -4.77 10.61
C THR A 48 0.25 -5.44 9.52
N ALA A 49 -1.05 -5.31 9.61
CA ALA A 49 -1.91 -5.95 8.58
C ALA A 49 -3.06 -5.04 8.19
N CYS A 50 -3.52 -5.14 6.97
CA CYS A 50 -4.64 -4.27 6.52
C CYS A 50 -5.90 -4.56 7.34
N GLN A 51 -6.66 -3.56 7.66
CA GLN A 51 -7.90 -3.77 8.45
C GLN A 51 -9.12 -3.81 7.53
N ILE A 52 -8.90 -3.85 6.24
CA ILE A 52 -10.04 -3.88 5.29
C ILE A 52 -10.25 -5.30 4.75
N CYS A 53 -9.19 -6.03 4.53
CA CYS A 53 -9.34 -7.42 4.01
C CYS A 53 -8.72 -8.43 4.98
N GLY A 54 -7.89 -7.98 5.88
CA GLY A 54 -7.26 -8.92 6.85
C GLY A 54 -5.93 -9.45 6.31
N VAL A 55 -5.26 -8.68 5.48
CA VAL A 55 -3.96 -9.14 4.93
C VAL A 55 -2.80 -8.50 5.72
N VAL A 56 -1.69 -9.17 5.81
CA VAL A 56 -0.53 -8.60 6.55
C VAL A 56 0.34 -7.76 5.62
N TYR A 57 0.95 -6.73 6.13
CA TYR A 57 1.83 -5.88 5.27
C TYR A 57 3.13 -6.62 4.95
N ASN A 58 3.05 -7.72 4.26
CA ASN A 58 4.28 -8.49 3.90
C ASN A 58 5.38 -7.52 3.45
N THR A 59 6.52 -7.57 4.07
CA THR A 59 7.63 -6.66 3.67
C THR A 59 8.95 -7.43 3.59
N ARG A 60 9.56 -7.47 2.44
CA ARG A 60 10.85 -8.21 2.30
C ARG A 60 12.01 -7.34 2.78
N MET A 1 5.36 4.12 -23.76
CA MET A 1 6.76 3.67 -23.54
C MET A 1 7.18 3.92 -22.09
N GLU A 2 6.33 3.59 -21.16
CA GLU A 2 6.67 3.82 -19.72
C GLU A 2 5.96 2.78 -18.85
N ASP A 3 4.69 2.96 -18.63
CA ASP A 3 3.93 2.00 -17.79
C ASP A 3 2.42 2.18 -18.01
N GLU A 4 1.61 1.51 -17.22
CA GLU A 4 0.14 1.66 -17.38
C GLU A 4 -0.40 2.71 -16.42
N ASP A 5 -1.62 2.58 -15.99
CA ASP A 5 -2.21 3.58 -15.06
C ASP A 5 -1.30 3.77 -13.85
N VAL A 6 -1.41 4.89 -13.18
CA VAL A 6 -0.55 5.14 -11.99
C VAL A 6 -1.42 5.32 -10.75
N PRO A 7 -1.41 4.32 -9.91
CA PRO A 7 -2.21 4.34 -8.66
C PRO A 7 -1.56 5.28 -7.64
N VAL A 8 -2.30 5.68 -6.63
CA VAL A 8 -1.73 6.61 -5.61
C VAL A 8 -1.73 5.97 -4.22
N CYS A 9 -0.67 6.14 -3.49
CA CYS A 9 -0.61 5.54 -2.12
C CYS A 9 -1.68 6.19 -1.24
N TRP A 10 -2.57 5.40 -0.71
CA TRP A 10 -3.65 5.95 0.14
C TRP A 10 -3.11 6.51 1.47
N ILE A 11 -1.88 6.21 1.80
CA ILE A 11 -1.32 6.71 3.08
C ILE A 11 -0.86 8.17 2.94
N CYS A 12 0.02 8.44 2.02
CA CYS A 12 0.51 9.84 1.85
C CYS A 12 -0.14 10.48 0.62
N ASN A 13 -1.04 9.78 -0.02
CA ASN A 13 -1.70 10.36 -1.21
C ASN A 13 -0.65 10.75 -2.27
N GLU A 14 0.04 9.78 -2.80
CA GLU A 14 1.08 10.08 -3.82
C GLU A 14 1.15 8.96 -4.86
N GLU A 15 1.08 9.31 -6.12
CA GLU A 15 1.14 8.27 -7.18
C GLU A 15 2.43 7.45 -7.06
N LEU A 16 2.32 6.15 -7.15
CA LEU A 16 3.53 5.30 -7.05
C LEU A 16 3.78 4.62 -8.41
N GLY A 17 2.74 4.41 -9.17
CA GLY A 17 2.88 3.79 -10.52
C GLY A 17 3.06 2.28 -10.44
N ASN A 18 3.66 1.76 -9.40
CA ASN A 18 3.85 0.28 -9.31
C ASN A 18 4.85 -0.08 -8.21
N GLU A 19 4.75 0.55 -7.06
CA GLU A 19 5.70 0.22 -5.97
C GLU A 19 5.56 -1.26 -5.60
N ARG A 20 6.51 -2.07 -5.98
CA ARG A 20 6.41 -3.53 -5.66
C ARG A 20 6.40 -3.72 -4.14
N PHE A 21 5.23 -3.83 -3.56
CA PHE A 21 5.14 -4.02 -2.10
C PHE A 21 3.90 -4.84 -1.74
N ARG A 22 4.07 -6.10 -1.45
CA ARG A 22 2.90 -6.95 -1.10
C ARG A 22 2.39 -6.58 0.30
N ALA A 23 1.52 -5.62 0.39
CA ALA A 23 1.00 -5.21 1.73
C ALA A 23 -0.47 -5.63 1.88
N CYS A 24 -1.11 -5.95 0.80
CA CYS A 24 -2.54 -6.36 0.89
C CYS A 24 -3.11 -6.62 -0.51
N GLY A 25 -4.23 -7.27 -0.57
CA GLY A 25 -4.86 -7.56 -1.89
C GLY A 25 -6.27 -6.98 -1.91
N CYS A 26 -6.40 -5.72 -1.64
CA CYS A 26 -7.75 -5.09 -1.63
C CYS A 26 -8.18 -4.77 -3.06
N THR A 27 -9.18 -3.94 -3.22
CA THR A 27 -9.65 -3.59 -4.59
C THR A 27 -9.71 -2.08 -4.75
N GLY A 28 -9.18 -1.34 -3.82
CA GLY A 28 -9.22 0.14 -3.93
C GLY A 28 -7.81 0.71 -3.80
N GLU A 29 -7.68 1.86 -3.20
CA GLU A 29 -6.35 2.50 -3.04
C GLU A 29 -5.39 1.57 -2.28
N LEU A 30 -5.89 0.88 -1.29
CA LEU A 30 -5.01 -0.03 -0.50
C LEU A 30 -4.21 -0.97 -1.41
N GLU A 31 -4.65 -1.17 -2.62
CA GLU A 31 -3.90 -2.08 -3.54
C GLU A 31 -2.51 -1.51 -3.82
N ASN A 32 -2.42 -0.22 -4.07
CA ASN A 32 -1.09 0.38 -4.35
C ASN A 32 -0.66 1.27 -3.20
N VAL A 33 0.46 0.98 -2.60
CA VAL A 33 0.93 1.82 -1.48
C VAL A 33 2.45 1.85 -1.41
N HIS A 34 3.03 2.99 -1.16
CA HIS A 34 4.53 3.08 -1.06
C HIS A 34 5.02 2.26 0.13
N ARG A 35 5.96 1.39 -0.09
CA ARG A 35 6.50 0.59 1.05
C ARG A 35 7.24 1.52 2.01
N SER A 36 7.52 2.72 1.58
CA SER A 36 8.25 3.69 2.45
C SER A 36 7.33 4.26 3.54
N CYS A 37 6.27 4.94 3.17
CA CYS A 37 5.37 5.52 4.22
C CYS A 37 4.43 4.46 4.81
N LEU A 38 4.19 3.38 4.12
CA LEU A 38 3.27 2.36 4.70
C LEU A 38 4.02 1.52 5.74
N SER A 39 5.07 0.85 5.35
CA SER A 39 5.84 0.02 6.31
C SER A 39 6.22 0.87 7.53
N THR A 40 6.50 2.13 7.33
CA THR A 40 6.88 3.01 8.48
C THR A 40 5.61 3.52 9.17
N TRP A 41 4.56 3.73 8.44
CA TRP A 41 3.30 4.22 9.07
C TRP A 41 2.77 3.15 10.02
N LEU A 42 2.50 1.97 9.52
CA LEU A 42 1.99 0.88 10.40
C LEU A 42 2.92 0.70 11.59
N THR A 43 4.16 1.07 11.45
CA THR A 43 5.11 0.93 12.57
C THR A 43 4.81 1.99 13.64
N ILE A 44 4.63 3.21 13.23
CA ILE A 44 4.31 4.29 14.20
C ILE A 44 2.84 4.22 14.59
N SER A 45 2.01 3.72 13.70
CA SER A 45 0.55 3.61 14.02
C SER A 45 0.26 2.26 14.67
N ARG A 46 1.25 1.40 14.74
CA ARG A 46 1.04 0.06 15.37
C ARG A 46 0.13 -0.80 14.49
N ASN A 47 0.52 -1.03 13.26
CA ASN A 47 -0.32 -1.88 12.35
C ASN A 47 0.54 -2.96 11.70
N THR A 48 -0.04 -4.06 11.33
CA THR A 48 0.76 -5.13 10.69
C THR A 48 0.02 -5.71 9.48
N ALA A 49 -1.29 -5.71 9.51
CA ALA A 49 -2.06 -6.26 8.34
C ALA A 49 -3.22 -5.33 7.98
N CYS A 50 -3.56 -5.27 6.73
CA CYS A 50 -4.69 -4.39 6.29
C CYS A 50 -5.93 -4.68 7.14
N GLN A 51 -6.62 -3.66 7.56
CA GLN A 51 -7.85 -3.87 8.39
C GLN A 51 -9.07 -4.07 7.48
N ILE A 52 -8.89 -3.94 6.20
CA ILE A 52 -10.04 -4.12 5.26
C ILE A 52 -10.19 -5.59 4.88
N CYS A 53 -9.13 -6.22 4.47
CA CYS A 53 -9.23 -7.66 4.10
C CYS A 53 -8.51 -8.54 5.13
N GLY A 54 -7.67 -7.95 5.94
CA GLY A 54 -6.97 -8.74 6.98
C GLY A 54 -5.63 -9.26 6.44
N VAL A 55 -5.16 -8.74 5.35
CA VAL A 55 -3.85 -9.22 4.80
C VAL A 55 -2.70 -8.58 5.56
N VAL A 56 -1.59 -9.26 5.69
CA VAL A 56 -0.44 -8.67 6.45
C VAL A 56 0.41 -7.79 5.52
N TYR A 57 1.03 -6.77 6.07
CA TYR A 57 1.88 -5.88 5.24
C TYR A 57 3.19 -6.58 4.88
N ASN A 58 3.13 -7.61 4.09
CA ASN A 58 4.39 -8.33 3.71
C ASN A 58 5.33 -7.39 2.96
N THR A 59 6.47 -7.11 3.53
CA THR A 59 7.45 -6.20 2.85
C THR A 59 8.40 -7.01 1.96
N ARG A 60 8.48 -6.66 0.70
CA ARG A 60 9.39 -7.41 -0.21
C ARG A 60 10.67 -6.60 -0.47
N MET A 1 -6.01 -2.23 -10.60
CA MET A 1 -6.36 -1.86 -11.99
C MET A 1 -5.23 -2.24 -12.95
N GLU A 2 -5.55 -2.96 -14.00
CA GLU A 2 -4.49 -3.37 -14.97
C GLU A 2 -4.07 -2.17 -15.83
N ASP A 3 -3.84 -2.40 -17.09
CA ASP A 3 -3.44 -1.27 -17.98
C ASP A 3 -2.17 -0.60 -17.46
N GLU A 4 -1.94 0.62 -17.84
CA GLU A 4 -0.72 1.34 -17.38
C GLU A 4 -1.10 2.43 -16.37
N ASP A 5 -2.37 2.65 -16.19
CA ASP A 5 -2.82 3.70 -15.23
C ASP A 5 -1.91 3.75 -13.99
N VAL A 6 -1.61 4.92 -13.52
CA VAL A 6 -0.72 5.04 -12.32
C VAL A 6 -1.55 5.05 -11.03
N PRO A 7 -1.32 4.06 -10.21
CA PRO A 7 -2.04 3.96 -8.92
C PRO A 7 -1.51 4.98 -7.92
N VAL A 8 -2.25 5.26 -6.88
CA VAL A 8 -1.78 6.26 -5.88
C VAL A 8 -1.74 5.64 -4.49
N CYS A 9 -0.84 6.06 -3.65
CA CYS A 9 -0.76 5.50 -2.28
C CYS A 9 -1.96 5.96 -1.46
N TRP A 10 -2.66 5.04 -0.88
CA TRP A 10 -3.87 5.39 -0.08
C TRP A 10 -3.49 6.10 1.23
N ILE A 11 -2.28 5.95 1.68
CA ILE A 11 -1.86 6.60 2.95
C ILE A 11 -1.62 8.10 2.77
N CYS A 12 -0.73 8.48 1.89
CA CYS A 12 -0.47 9.94 1.69
C CYS A 12 -1.12 10.42 0.39
N ASN A 13 -1.77 9.55 -0.33
CA ASN A 13 -2.45 9.97 -1.59
C ASN A 13 -1.41 10.51 -2.59
N GLU A 14 -0.55 9.66 -3.08
CA GLU A 14 0.48 10.11 -4.06
C GLU A 14 0.74 9.00 -5.08
N GLU A 15 0.74 9.32 -6.34
CA GLU A 15 0.98 8.28 -7.38
C GLU A 15 2.33 7.59 -7.17
N LEU A 16 2.38 6.29 -7.29
CA LEU A 16 3.67 5.56 -7.11
C LEU A 16 4.03 4.83 -8.41
N GLY A 17 3.07 4.66 -9.27
CA GLY A 17 3.33 3.96 -10.58
C GLY A 17 3.22 2.45 -10.43
N ASN A 18 3.54 1.92 -9.25
CA ASN A 18 3.47 0.44 -8.98
C ASN A 18 4.67 0.02 -8.11
N GLU A 19 4.80 0.57 -6.95
CA GLU A 19 5.95 0.19 -6.07
C GLU A 19 5.81 -1.27 -5.66
N ARG A 20 6.77 -2.09 -5.98
CA ARG A 20 6.68 -3.53 -5.59
C ARG A 20 6.64 -3.66 -4.08
N PHE A 21 5.47 -3.75 -3.52
CA PHE A 21 5.33 -3.89 -2.04
C PHE A 21 4.06 -4.68 -1.72
N ARG A 22 4.17 -5.94 -1.46
CA ARG A 22 2.94 -6.74 -1.15
C ARG A 22 2.45 -6.40 0.26
N ALA A 23 1.64 -5.38 0.38
CA ALA A 23 1.13 -5.00 1.73
C ALA A 23 -0.28 -5.55 1.94
N CYS A 24 -1.04 -5.69 0.90
CA CYS A 24 -2.41 -6.21 1.07
C CYS A 24 -2.94 -6.80 -0.23
N GLY A 25 -4.23 -6.85 -0.39
CA GLY A 25 -4.83 -7.41 -1.63
C GLY A 25 -6.18 -6.74 -1.88
N CYS A 26 -6.41 -5.61 -1.26
CA CYS A 26 -7.70 -4.89 -1.44
C CYS A 26 -7.97 -4.65 -2.93
N THR A 27 -8.95 -3.86 -3.24
CA THR A 27 -9.26 -3.58 -4.67
C THR A 27 -9.32 -2.07 -4.91
N GLY A 28 -8.59 -1.30 -4.16
CA GLY A 28 -8.63 0.18 -4.37
C GLY A 28 -7.31 0.82 -3.95
N GLU A 29 -7.38 2.00 -3.38
CA GLU A 29 -6.14 2.71 -2.95
C GLU A 29 -5.22 1.79 -2.15
N LEU A 30 -5.77 0.96 -1.31
CA LEU A 30 -4.94 0.05 -0.47
C LEU A 30 -4.16 -0.92 -1.36
N GLU A 31 -4.44 -0.97 -2.64
CA GLU A 31 -3.70 -1.91 -3.53
C GLU A 31 -2.29 -1.38 -3.81
N ASN A 32 -2.15 -0.10 -3.97
CA ASN A 32 -0.79 0.47 -4.26
C ASN A 32 -0.40 1.50 -3.19
N VAL A 33 0.71 1.30 -2.55
CA VAL A 33 1.13 2.28 -1.50
C VAL A 33 2.66 2.34 -1.41
N HIS A 34 3.21 3.51 -1.20
CA HIS A 34 4.69 3.60 -1.07
C HIS A 34 5.16 2.82 0.16
N ARG A 35 5.99 1.84 -0.02
CA ARG A 35 6.48 1.06 1.15
C ARG A 35 7.14 2.02 2.15
N SER A 36 7.47 3.20 1.71
CA SER A 36 8.12 4.20 2.61
C SER A 36 7.13 4.72 3.67
N CYS A 37 6.06 5.34 3.26
CA CYS A 37 5.09 5.88 4.27
C CYS A 37 4.30 4.75 4.94
N LEU A 38 4.03 3.69 4.24
CA LEU A 38 3.25 2.58 4.86
C LEU A 38 4.14 1.79 5.83
N SER A 39 5.20 1.21 5.33
CA SER A 39 6.10 0.43 6.22
C SER A 39 6.45 1.24 7.47
N THR A 40 6.61 2.53 7.34
CA THR A 40 6.94 3.37 8.54
C THR A 40 5.66 3.73 9.29
N TRP A 41 4.60 4.00 8.58
CA TRP A 41 3.33 4.36 9.28
C TRP A 41 2.87 3.20 10.16
N LEU A 42 2.68 2.04 9.61
CA LEU A 42 2.24 0.88 10.44
C LEU A 42 3.20 0.69 11.62
N THR A 43 4.46 0.94 11.43
CA THR A 43 5.43 0.77 12.54
C THR A 43 5.12 1.78 13.65
N ILE A 44 4.89 3.01 13.28
CA ILE A 44 4.56 4.05 14.31
C ILE A 44 3.09 3.92 14.71
N SER A 45 2.29 3.29 13.90
CA SER A 45 0.84 3.14 14.24
C SER A 45 0.58 1.74 14.77
N ARG A 46 1.57 0.89 14.74
CA ARG A 46 1.39 -0.51 15.24
C ARG A 46 0.22 -1.19 14.53
N ASN A 47 0.36 -1.43 13.24
CA ASN A 47 -0.73 -2.10 12.48
C ASN A 47 -0.23 -3.44 11.96
N THR A 48 0.65 -3.41 11.00
CA THR A 48 1.21 -4.67 10.43
C THR A 48 0.21 -5.38 9.51
N ALA A 49 -1.06 -5.12 9.63
CA ALA A 49 -2.03 -5.81 8.73
C ALA A 49 -3.25 -4.93 8.50
N CYS A 50 -3.67 -4.83 7.26
CA CYS A 50 -4.87 -4.01 6.94
C CYS A 50 -6.09 -4.52 7.71
N GLN A 51 -6.91 -3.64 8.22
CA GLN A 51 -8.11 -4.08 8.99
C GLN A 51 -9.34 -4.17 8.08
N ILE A 52 -9.16 -4.04 6.80
CA ILE A 52 -10.32 -4.12 5.88
C ILE A 52 -10.53 -5.56 5.41
N CYS A 53 -9.46 -6.26 5.12
CA CYS A 53 -9.59 -7.67 4.67
C CYS A 53 -8.81 -8.60 5.60
N GLY A 54 -7.92 -8.07 6.38
CA GLY A 54 -7.14 -8.94 7.32
C GLY A 54 -5.85 -9.44 6.66
N VAL A 55 -5.37 -8.76 5.66
CA VAL A 55 -4.11 -9.21 5.00
C VAL A 55 -2.90 -8.49 5.61
N VAL A 56 -1.89 -9.23 6.00
CA VAL A 56 -0.69 -8.60 6.62
C VAL A 56 0.14 -7.84 5.58
N TYR A 57 0.91 -6.88 6.01
CA TYR A 57 1.75 -6.10 5.05
C TYR A 57 2.98 -6.91 4.63
N ASN A 58 2.78 -7.98 3.91
CA ASN A 58 3.95 -8.80 3.47
C ASN A 58 5.09 -7.90 3.00
N THR A 59 6.17 -7.87 3.71
CA THR A 59 7.32 -7.00 3.31
C THR A 59 8.53 -7.85 2.91
N ARG A 60 9.47 -7.27 2.24
CA ARG A 60 10.68 -8.05 1.81
C ARG A 60 11.53 -8.40 3.03
N MET A 1 -9.58 -2.62 -12.00
CA MET A 1 -9.31 -1.47 -12.92
C MET A 1 -7.83 -1.07 -12.83
N GLU A 2 -7.13 -1.14 -13.92
CA GLU A 2 -5.69 -0.76 -13.91
C GLU A 2 -5.29 -0.10 -15.23
N ASP A 3 -5.67 -0.70 -16.32
CA ASP A 3 -5.32 -0.12 -17.66
C ASP A 3 -3.88 0.41 -17.64
N GLU A 4 -3.69 1.68 -17.90
CA GLU A 4 -2.30 2.24 -17.89
C GLU A 4 -2.20 3.39 -16.89
N ASP A 5 -3.32 3.90 -16.43
CA ASP A 5 -3.28 5.02 -15.46
C ASP A 5 -2.29 4.71 -14.32
N VAL A 6 -2.07 5.64 -13.43
CA VAL A 6 -1.12 5.40 -12.31
C VAL A 6 -1.87 5.41 -10.98
N PRO A 7 -1.67 4.37 -10.21
CA PRO A 7 -2.33 4.24 -8.89
C PRO A 7 -1.70 5.20 -7.88
N VAL A 8 -2.38 5.47 -6.81
CA VAL A 8 -1.83 6.40 -5.78
C VAL A 8 -1.85 5.73 -4.40
N CYS A 9 -0.81 5.93 -3.62
CA CYS A 9 -0.78 5.32 -2.26
C CYS A 9 -1.93 5.88 -1.42
N TRP A 10 -2.74 5.02 -0.90
CA TRP A 10 -3.90 5.48 -0.07
C TRP A 10 -3.44 6.05 1.28
N ILE A 11 -2.20 5.85 1.64
CA ILE A 11 -1.72 6.38 2.95
C ILE A 11 -1.34 7.85 2.83
N CYS A 12 -0.43 8.18 1.95
CA CYS A 12 -0.01 9.60 1.79
C CYS A 12 -0.68 10.21 0.55
N ASN A 13 -1.52 9.48 -0.11
CA ASN A 13 -2.19 10.02 -1.33
C ASN A 13 -1.14 10.48 -2.34
N GLU A 14 -0.23 9.63 -2.70
CA GLU A 14 0.81 10.01 -3.70
C GLU A 14 0.95 8.94 -4.77
N GLU A 15 0.94 9.32 -6.02
CA GLU A 15 1.06 8.33 -7.12
C GLU A 15 2.35 7.52 -6.98
N LEU A 16 2.28 6.23 -7.17
CA LEU A 16 3.50 5.39 -7.07
C LEU A 16 3.77 4.75 -8.43
N GLY A 17 2.74 4.48 -9.18
CA GLY A 17 2.91 3.88 -10.55
C GLY A 17 3.22 2.38 -10.48
N ASN A 18 3.86 1.92 -9.45
CA ASN A 18 4.18 0.46 -9.35
C ASN A 18 5.21 0.21 -8.25
N GLU A 19 4.81 0.32 -7.02
CA GLU A 19 5.77 0.07 -5.91
C GLU A 19 5.74 -1.42 -5.56
N ARG A 20 6.76 -2.15 -5.92
CA ARG A 20 6.74 -3.61 -5.62
C ARG A 20 6.69 -3.81 -4.09
N PHE A 21 5.51 -3.96 -3.56
CA PHE A 21 5.37 -4.17 -2.10
C PHE A 21 4.12 -5.00 -1.81
N ARG A 22 4.27 -6.27 -1.60
CA ARG A 22 3.07 -7.11 -1.32
C ARG A 22 2.55 -6.83 0.09
N ALA A 23 1.61 -5.92 0.20
CA ALA A 23 1.07 -5.60 1.56
C ALA A 23 -0.40 -6.01 1.67
N CYS A 24 -1.29 -5.19 1.17
CA CYS A 24 -2.74 -5.55 1.25
C CYS A 24 -3.32 -5.81 -0.14
N GLY A 25 -4.48 -6.39 -0.18
CA GLY A 25 -5.14 -6.68 -1.48
C GLY A 25 -6.28 -5.69 -1.67
N CYS A 26 -7.18 -5.61 -0.73
CA CYS A 26 -8.32 -4.65 -0.85
C CYS A 26 -8.87 -4.65 -2.28
N THR A 27 -9.36 -3.54 -2.75
CA THR A 27 -9.93 -3.52 -4.15
C THR A 27 -9.31 -2.40 -4.99
N GLY A 28 -8.08 -2.05 -4.73
CA GLY A 28 -7.44 -0.97 -5.54
C GLY A 28 -6.74 0.01 -4.62
N GLU A 29 -7.45 0.61 -3.71
CA GLU A 29 -6.82 1.59 -2.78
C GLU A 29 -5.46 1.07 -2.31
N LEU A 30 -5.44 -0.07 -1.69
CA LEU A 30 -4.15 -0.62 -1.19
C LEU A 30 -3.45 -1.44 -2.26
N GLU A 31 -4.12 -1.79 -3.31
CA GLU A 31 -3.44 -2.57 -4.38
C GLU A 31 -2.13 -1.85 -4.71
N ASN A 32 -2.08 -0.57 -4.45
CA ASN A 32 -0.84 0.21 -4.70
C ASN A 32 -0.48 1.00 -3.45
N VAL A 33 0.67 0.79 -2.90
CA VAL A 33 1.05 1.56 -1.68
C VAL A 33 2.56 1.76 -1.60
N HIS A 34 2.99 2.95 -1.32
CA HIS A 34 4.46 3.20 -1.20
C HIS A 34 5.01 2.42 -0.02
N ARG A 35 5.91 1.51 -0.25
CA ARG A 35 6.48 0.74 0.89
C ARG A 35 7.16 1.72 1.86
N SER A 36 7.40 2.92 1.42
CA SER A 36 8.07 3.92 2.30
C SER A 36 7.14 4.43 3.41
N CYS A 37 6.04 5.04 3.06
CA CYS A 37 5.13 5.56 4.12
C CYS A 37 4.30 4.43 4.74
N LEU A 38 4.03 3.37 4.01
CA LEU A 38 3.23 2.26 4.61
C LEU A 38 4.09 1.48 5.62
N SER A 39 5.17 0.91 5.17
CA SER A 39 6.05 0.13 6.09
C SER A 39 6.35 0.94 7.35
N THR A 40 6.62 2.21 7.19
CA THR A 40 6.93 3.06 8.38
C THR A 40 5.64 3.43 9.11
N TRP A 41 4.60 3.72 8.39
CA TRP A 41 3.31 4.09 9.04
C TRP A 41 2.85 2.95 9.95
N LEU A 42 2.66 1.77 9.41
CA LEU A 42 2.22 0.63 10.26
C LEU A 42 3.15 0.46 11.45
N THR A 43 4.40 0.87 11.32
CA THR A 43 5.34 0.73 12.46
C THR A 43 5.02 1.77 13.54
N ILE A 44 4.72 2.97 13.14
CA ILE A 44 4.39 4.03 14.15
C ILE A 44 2.98 3.81 14.69
N SER A 45 2.10 3.27 13.89
CA SER A 45 0.71 3.03 14.37
C SER A 45 0.54 1.56 14.79
N ARG A 46 1.55 0.76 14.59
CA ARG A 46 1.44 -0.67 14.98
C ARG A 46 0.25 -1.34 14.29
N ASN A 47 0.39 -1.67 13.04
CA ASN A 47 -0.72 -2.33 12.30
C ASN A 47 -0.29 -3.71 11.81
N THR A 48 0.74 -3.75 11.00
CA THR A 48 1.28 -5.03 10.45
C THR A 48 0.37 -5.57 9.34
N ALA A 49 -0.92 -5.40 9.45
CA ALA A 49 -1.82 -5.93 8.39
C ALA A 49 -3.00 -4.98 8.15
N CYS A 50 -3.52 -4.97 6.96
CA CYS A 50 -4.68 -4.07 6.67
C CYS A 50 -5.85 -4.42 7.58
N GLN A 51 -6.62 -3.44 7.98
CA GLN A 51 -7.78 -3.72 8.88
C GLN A 51 -9.08 -3.79 8.08
N ILE A 52 -9.04 -3.36 6.84
CA ILE A 52 -10.28 -3.39 6.01
C ILE A 52 -10.57 -4.82 5.53
N CYS A 53 -9.56 -5.54 5.10
CA CYS A 53 -9.78 -6.93 4.61
C CYS A 53 -8.99 -7.92 5.47
N GLY A 54 -8.01 -7.45 6.19
CA GLY A 54 -7.22 -8.37 7.05
C GLY A 54 -6.04 -8.95 6.28
N VAL A 55 -5.31 -8.15 5.55
CA VAL A 55 -4.13 -8.68 4.80
C VAL A 55 -2.84 -8.12 5.41
N VAL A 56 -1.92 -8.98 5.75
CA VAL A 56 -0.65 -8.49 6.36
C VAL A 56 0.19 -7.72 5.34
N TYR A 57 0.94 -6.76 5.79
CA TYR A 57 1.79 -5.96 4.87
C TYR A 57 3.02 -6.77 4.42
N ASN A 58 3.66 -7.43 5.35
CA ASN A 58 4.86 -8.24 4.99
C ASN A 58 5.95 -7.32 4.42
N THR A 59 6.68 -6.66 5.27
CA THR A 59 7.76 -5.75 4.78
C THR A 59 9.13 -6.28 5.20
N ARG A 60 10.05 -6.36 4.27
CA ARG A 60 11.41 -6.87 4.61
C ARG A 60 12.46 -5.79 4.38
N MET A 1 -0.30 2.71 -16.17
CA MET A 1 0.66 1.83 -16.91
C MET A 1 0.55 2.06 -18.42
N GLU A 2 -0.59 2.46 -18.88
CA GLU A 2 -0.76 2.69 -20.34
C GLU A 2 -0.78 4.20 -20.64
N ASP A 3 -1.85 4.85 -20.29
CA ASP A 3 -1.94 6.32 -20.54
C ASP A 3 -1.84 7.10 -19.24
N GLU A 4 -2.93 7.27 -18.55
CA GLU A 4 -2.90 8.03 -17.27
C GLU A 4 -3.24 7.10 -16.10
N ASP A 5 -3.67 5.91 -16.37
CA ASP A 5 -4.02 4.96 -15.27
C ASP A 5 -2.79 4.68 -14.41
N VAL A 6 -2.70 5.28 -13.26
CA VAL A 6 -1.53 5.04 -12.38
C VAL A 6 -2.00 4.85 -10.93
N PRO A 7 -1.38 3.91 -10.26
CA PRO A 7 -1.75 3.61 -8.85
C PRO A 7 -1.25 4.72 -7.93
N VAL A 8 -1.86 4.86 -6.79
CA VAL A 8 -1.44 5.92 -5.82
C VAL A 8 -1.47 5.38 -4.39
N CYS A 9 -0.58 5.83 -3.56
CA CYS A 9 -0.55 5.34 -2.15
C CYS A 9 -1.71 5.95 -1.36
N TRP A 10 -2.56 5.12 -0.83
CA TRP A 10 -3.74 5.62 -0.06
C TRP A 10 -3.29 6.39 1.20
N ILE A 11 -2.08 6.21 1.65
CA ILE A 11 -1.63 6.92 2.89
C ILE A 11 -1.27 8.38 2.59
N CYS A 12 -0.34 8.61 1.70
CA CYS A 12 0.05 10.02 1.40
C CYS A 12 -0.59 10.49 0.09
N ASN A 13 -1.40 9.66 -0.52
CA ASN A 13 -2.06 10.06 -1.79
C ASN A 13 -1.00 10.46 -2.84
N GLU A 14 -0.15 9.55 -3.21
CA GLU A 14 0.89 9.87 -4.22
C GLU A 14 1.04 8.70 -5.20
N GLU A 15 1.09 8.98 -6.48
CA GLU A 15 1.23 7.89 -7.47
C GLU A 15 2.59 7.19 -7.32
N LEU A 16 2.60 5.89 -7.39
CA LEU A 16 3.90 5.16 -7.28
C LEU A 16 4.20 4.49 -8.63
N GLY A 17 3.17 4.20 -9.38
CA GLY A 17 3.35 3.61 -10.73
C GLY A 17 3.61 2.09 -10.67
N ASN A 18 4.25 1.61 -9.63
CA ASN A 18 4.50 0.13 -9.55
C ASN A 18 5.43 -0.21 -8.38
N GLU A 19 5.34 0.48 -7.29
CA GLU A 19 6.23 0.15 -6.14
C GLU A 19 5.98 -1.30 -5.71
N ARG A 20 6.87 -2.19 -6.02
CA ARG A 20 6.65 -3.62 -5.65
C ARG A 20 6.60 -3.77 -4.12
N PHE A 21 5.44 -3.78 -3.57
CA PHE A 21 5.30 -3.94 -2.09
C PHE A 21 3.99 -4.66 -1.77
N ARG A 22 4.04 -5.94 -1.54
CA ARG A 22 2.79 -6.69 -1.23
C ARG A 22 2.34 -6.40 0.20
N ALA A 23 1.53 -5.38 0.37
CA ALA A 23 1.05 -5.03 1.74
C ALA A 23 -0.45 -5.31 1.88
N CYS A 24 -1.12 -5.60 0.79
CA CYS A 24 -2.58 -5.86 0.90
C CYS A 24 -3.20 -6.14 -0.47
N GLY A 25 -4.49 -5.92 -0.60
CA GLY A 25 -5.18 -6.17 -1.89
C GLY A 25 -6.65 -5.76 -1.75
N CYS A 26 -6.90 -4.74 -0.97
CA CYS A 26 -8.31 -4.29 -0.78
C CYS A 26 -9.02 -4.09 -2.13
N THR A 27 -9.21 -2.88 -2.56
CA THR A 27 -9.90 -2.65 -3.86
C THR A 27 -9.09 -1.74 -4.78
N GLY A 28 -8.13 -1.03 -4.24
CA GLY A 28 -7.31 -0.13 -5.11
C GLY A 28 -6.42 0.78 -4.26
N GLU A 29 -6.99 1.80 -3.66
CA GLU A 29 -6.16 2.72 -2.84
C GLU A 29 -5.23 1.92 -1.91
N LEU A 30 -5.72 0.87 -1.33
CA LEU A 30 -4.86 0.05 -0.43
C LEU A 30 -4.05 -0.94 -1.25
N GLU A 31 -4.39 -1.10 -2.51
CA GLU A 31 -3.65 -2.04 -3.38
C GLU A 31 -2.26 -1.48 -3.70
N ASN A 32 -2.17 -0.20 -3.94
CA ASN A 32 -0.85 0.41 -4.26
C ASN A 32 -0.41 1.34 -3.13
N VAL A 33 0.71 1.08 -2.53
CA VAL A 33 1.17 1.98 -1.43
C VAL A 33 2.71 1.97 -1.33
N HIS A 34 3.31 3.11 -1.14
CA HIS A 34 4.80 3.14 -1.01
C HIS A 34 5.24 2.38 0.25
N ARG A 35 6.18 1.49 0.11
CA ARG A 35 6.67 0.73 1.30
C ARG A 35 7.34 1.70 2.27
N SER A 36 7.67 2.88 1.81
CA SER A 36 8.35 3.87 2.68
C SER A 36 7.37 4.46 3.72
N CYS A 37 6.26 5.01 3.29
CA CYS A 37 5.31 5.60 4.28
C CYS A 37 4.44 4.53 4.94
N LEU A 38 4.12 3.46 4.25
CA LEU A 38 3.27 2.42 4.88
C LEU A 38 4.08 1.61 5.89
N SER A 39 5.12 0.96 5.44
CA SER A 39 5.94 0.16 6.38
C SER A 39 6.32 0.99 7.62
N THR A 40 6.49 2.27 7.46
CA THR A 40 6.86 3.12 8.62
C THR A 40 5.59 3.59 9.33
N TRP A 41 4.55 3.87 8.60
CA TRP A 41 3.28 4.33 9.24
C TRP A 41 2.77 3.23 10.19
N LEU A 42 2.53 2.05 9.70
CA LEU A 42 2.04 0.96 10.59
C LEU A 42 2.95 0.85 11.81
N THR A 43 4.23 1.04 11.62
CA THR A 43 5.18 0.95 12.78
C THR A 43 4.80 2.01 13.82
N ILE A 44 4.54 3.21 13.38
CA ILE A 44 4.15 4.29 14.34
C ILE A 44 2.69 4.09 14.77
N SER A 45 1.84 3.71 13.85
CA SER A 45 0.41 3.52 14.21
C SER A 45 0.22 2.13 14.84
N ARG A 46 1.29 1.38 14.98
CA ARG A 46 1.18 0.04 15.59
C ARG A 46 0.25 -0.86 14.76
N ASN A 47 0.58 -1.09 13.51
CA ASN A 47 -0.28 -1.95 12.66
C ASN A 47 0.56 -3.06 12.02
N THR A 48 -0.06 -4.14 11.62
CA THR A 48 0.71 -5.24 10.99
C THR A 48 -0.03 -5.78 9.76
N ALA A 49 -1.33 -5.91 9.84
CA ALA A 49 -2.10 -6.43 8.68
C ALA A 49 -3.40 -5.64 8.52
N CYS A 50 -3.70 -5.24 7.31
CA CYS A 50 -4.96 -4.47 7.08
C CYS A 50 -6.16 -5.22 7.64
N GLN A 51 -7.14 -4.52 8.11
CA GLN A 51 -8.35 -5.20 8.68
C GLN A 51 -9.43 -5.32 7.60
N ILE A 52 -9.41 -4.45 6.62
CA ILE A 52 -10.44 -4.52 5.55
C ILE A 52 -10.53 -5.94 5.00
N CYS A 53 -9.42 -6.51 4.59
CA CYS A 53 -9.46 -7.90 4.05
C CYS A 53 -8.62 -8.84 4.92
N GLY A 54 -7.76 -8.30 5.74
CA GLY A 54 -6.93 -9.16 6.62
C GLY A 54 -5.61 -9.54 5.94
N VAL A 55 -5.10 -8.71 5.07
CA VAL A 55 -3.81 -9.06 4.40
C VAL A 55 -2.64 -8.42 5.15
N VAL A 56 -1.72 -9.21 5.62
CA VAL A 56 -0.55 -8.66 6.36
C VAL A 56 0.31 -7.78 5.46
N TYR A 57 1.06 -6.87 6.02
CA TYR A 57 1.92 -5.98 5.21
C TYR A 57 3.21 -6.72 4.81
N ASN A 58 3.10 -7.72 3.98
CA ASN A 58 4.32 -8.47 3.55
C ASN A 58 5.33 -7.51 2.90
N THR A 59 6.58 -7.64 3.23
CA THR A 59 7.61 -6.74 2.65
C THR A 59 8.71 -7.55 1.96
N ARG A 60 9.50 -6.93 1.13
CA ARG A 60 10.59 -7.66 0.43
C ARG A 60 10.02 -8.84 -0.36
N MET A 1 8.44 0.06 -22.42
CA MET A 1 7.45 -0.74 -21.66
C MET A 1 6.03 -0.27 -21.96
N GLU A 2 5.06 -0.78 -21.25
CA GLU A 2 3.65 -0.35 -21.49
C GLU A 2 3.05 0.25 -20.22
N ASP A 3 3.19 -0.45 -19.12
CA ASP A 3 2.62 0.06 -17.84
C ASP A 3 1.14 0.40 -18.00
N GLU A 4 0.50 0.80 -16.94
CA GLU A 4 -0.95 1.15 -17.03
C GLU A 4 -1.24 2.39 -16.19
N ASP A 5 -2.48 2.63 -15.88
CA ASP A 5 -2.82 3.84 -15.06
C ASP A 5 -1.89 3.91 -13.85
N VAL A 6 -1.50 5.09 -13.46
CA VAL A 6 -0.59 5.23 -12.29
C VAL A 6 -1.42 5.34 -11.00
N PRO A 7 -1.38 4.30 -10.21
CA PRO A 7 -2.13 4.27 -8.93
C PRO A 7 -1.50 5.22 -7.92
N VAL A 8 -2.23 5.58 -6.91
CA VAL A 8 -1.67 6.51 -5.88
C VAL A 8 -1.68 5.85 -4.50
N CYS A 9 -0.69 6.15 -3.69
CA CYS A 9 -0.64 5.55 -2.33
C CYS A 9 -1.80 6.08 -1.49
N TRP A 10 -2.55 5.21 -0.88
CA TRP A 10 -3.71 5.66 -0.05
C TRP A 10 -3.25 6.37 1.22
N ILE A 11 -2.03 6.14 1.64
CA ILE A 11 -1.54 6.79 2.89
C ILE A 11 -1.18 8.26 2.67
N CYS A 12 -0.29 8.54 1.75
CA CYS A 12 0.10 9.96 1.51
C CYS A 12 -0.58 10.50 0.24
N ASN A 13 -1.29 9.65 -0.46
CA ASN A 13 -1.98 10.11 -1.70
C ASN A 13 -0.96 10.54 -2.76
N GLU A 14 -0.03 9.70 -3.08
CA GLU A 14 1.00 10.06 -4.11
C GLU A 14 1.07 8.96 -5.16
N GLU A 15 1.13 9.31 -6.42
CA GLU A 15 1.20 8.27 -7.49
C GLU A 15 2.51 7.48 -7.39
N LEU A 16 2.42 6.18 -7.42
CA LEU A 16 3.66 5.35 -7.35
C LEU A 16 3.86 4.65 -8.69
N GLY A 17 2.79 4.45 -9.42
CA GLY A 17 2.88 3.81 -10.76
C GLY A 17 2.95 2.28 -10.66
N ASN A 18 3.55 1.75 -9.61
CA ASN A 18 3.65 0.26 -9.44
C ASN A 18 4.80 -0.12 -8.51
N GLU A 19 5.01 0.60 -7.44
CA GLU A 19 6.13 0.23 -6.53
C GLU A 19 5.91 -1.19 -6.01
N ARG A 20 6.83 -2.07 -6.28
CA ARG A 20 6.66 -3.49 -5.83
C ARG A 20 6.62 -3.59 -4.30
N PHE A 21 5.44 -3.63 -3.74
CA PHE A 21 5.31 -3.75 -2.26
C PHE A 21 4.03 -4.49 -1.90
N ARG A 22 4.13 -5.74 -1.53
CA ARG A 22 2.90 -6.50 -1.17
C ARG A 22 2.39 -6.04 0.20
N ALA A 23 1.50 -5.09 0.22
CA ALA A 23 0.96 -4.59 1.52
C ALA A 23 -0.43 -5.15 1.77
N CYS A 24 -1.04 -5.76 0.78
CA CYS A 24 -2.40 -6.31 0.99
C CYS A 24 -2.95 -6.87 -0.32
N GLY A 25 -4.25 -6.97 -0.41
CA GLY A 25 -4.89 -7.51 -1.64
C GLY A 25 -6.24 -6.82 -1.82
N CYS A 26 -6.42 -5.68 -1.19
CA CYS A 26 -7.71 -4.96 -1.31
C CYS A 26 -8.01 -4.64 -2.78
N THR A 27 -9.03 -3.88 -3.03
CA THR A 27 -9.36 -3.53 -4.44
C THR A 27 -9.51 -2.00 -4.59
N GLY A 28 -8.93 -1.25 -3.70
CA GLY A 28 -9.04 0.23 -3.81
C GLY A 28 -7.70 0.89 -3.51
N GLU A 29 -7.73 2.08 -2.98
CA GLU A 29 -6.46 2.80 -2.67
C GLU A 29 -5.47 1.87 -1.96
N LEU A 30 -5.96 1.03 -1.09
CA LEU A 30 -5.06 0.10 -0.35
C LEU A 30 -4.32 -0.84 -1.31
N GLU A 31 -4.68 -0.84 -2.57
CA GLU A 31 -3.99 -1.74 -3.55
C GLU A 31 -2.59 -1.23 -3.86
N ASN A 32 -2.42 0.06 -4.04
CA ASN A 32 -1.07 0.59 -4.36
C ASN A 32 -0.60 1.58 -3.28
N VAL A 33 0.51 1.30 -2.67
CA VAL A 33 1.03 2.23 -1.61
C VAL A 33 2.55 2.18 -1.56
N HIS A 34 3.19 3.29 -1.33
CA HIS A 34 4.68 3.27 -1.24
C HIS A 34 5.13 2.49 0.00
N ARG A 35 6.00 1.54 -0.17
CA ARG A 35 6.48 0.76 1.00
C ARG A 35 7.20 1.69 1.98
N SER A 36 7.55 2.87 1.52
CA SER A 36 8.28 3.82 2.40
C SER A 36 7.35 4.43 3.45
N CYS A 37 6.24 4.99 3.04
CA CYS A 37 5.32 5.63 4.05
C CYS A 37 4.45 4.57 4.74
N LEU A 38 4.05 3.53 4.06
CA LEU A 38 3.19 2.52 4.72
C LEU A 38 4.00 1.68 5.71
N SER A 39 5.02 1.01 5.25
CA SER A 39 5.85 0.17 6.17
C SER A 39 6.30 1.00 7.37
N THR A 40 6.52 2.28 7.20
CA THR A 40 6.95 3.12 8.35
C THR A 40 5.74 3.60 9.15
N TRP A 41 4.67 3.93 8.48
CA TRP A 41 3.45 4.39 9.22
C TRP A 41 2.96 3.29 10.15
N LEU A 42 2.66 2.13 9.61
CA LEU A 42 2.17 1.02 10.48
C LEU A 42 3.17 0.77 11.62
N THR A 43 4.44 0.98 11.38
CA THR A 43 5.43 0.76 12.47
C THR A 43 5.11 1.68 13.64
N ILE A 44 4.81 2.92 13.36
CA ILE A 44 4.47 3.87 14.46
C ILE A 44 3.03 3.64 14.92
N SER A 45 2.14 3.35 14.00
CA SER A 45 0.73 3.11 14.40
C SER A 45 0.57 1.67 14.90
N ARG A 46 1.64 0.94 15.00
CA ARG A 46 1.55 -0.47 15.47
C ARG A 46 0.61 -1.28 14.59
N ASN A 47 0.69 -1.11 13.30
CA ASN A 47 -0.21 -1.87 12.39
C ASN A 47 0.59 -2.99 11.71
N THR A 48 0.00 -4.14 11.55
CA THR A 48 0.74 -5.27 10.90
C THR A 48 -0.08 -5.85 9.74
N ALA A 49 -1.37 -5.68 9.76
CA ALA A 49 -2.20 -6.23 8.66
C ALA A 49 -3.46 -5.41 8.46
N CYS A 50 -3.84 -5.17 7.23
CA CYS A 50 -5.06 -4.38 6.95
C CYS A 50 -6.26 -4.98 7.66
N GLN A 51 -7.25 -4.19 7.99
CA GLN A 51 -8.45 -4.73 8.68
C GLN A 51 -9.57 -4.97 7.67
N ILE A 52 -9.54 -4.28 6.57
CA ILE A 52 -10.61 -4.46 5.54
C ILE A 52 -10.69 -5.93 5.13
N CYS A 53 -9.58 -6.56 4.88
CA CYS A 53 -9.61 -7.99 4.48
C CYS A 53 -8.84 -8.85 5.49
N GLY A 54 -8.01 -8.25 6.29
CA GLY A 54 -7.26 -9.04 7.31
C GLY A 54 -5.95 -9.55 6.71
N VAL A 55 -5.40 -8.86 5.74
CA VAL A 55 -4.12 -9.33 5.14
C VAL A 55 -2.95 -8.61 5.82
N VAL A 56 -1.82 -9.26 5.92
CA VAL A 56 -0.65 -8.59 6.58
C VAL A 56 0.15 -7.77 5.58
N TYR A 57 0.86 -6.79 6.06
CA TYR A 57 1.68 -5.94 5.14
C TYR A 57 2.95 -6.68 4.73
N ASN A 58 2.81 -7.69 3.93
CA ASN A 58 4.01 -8.48 3.50
C ASN A 58 5.14 -7.53 3.08
N THR A 59 6.29 -7.68 3.69
CA THR A 59 7.44 -6.79 3.32
C THR A 59 8.70 -7.64 3.11
N ARG A 60 9.38 -7.44 2.02
CA ARG A 60 10.61 -8.25 1.76
C ARG A 60 11.83 -7.32 1.71
N MET A 1 7.57 -0.11 -18.75
CA MET A 1 6.55 -0.27 -19.82
C MET A 1 5.27 0.49 -19.45
N GLU A 2 5.09 0.80 -18.19
CA GLU A 2 3.86 1.54 -17.77
C GLU A 2 2.62 0.91 -18.40
N ASP A 3 1.49 1.54 -18.27
CA ASP A 3 0.25 0.98 -18.86
C ASP A 3 -0.73 2.11 -19.18
N GLU A 4 -1.51 2.53 -18.22
CA GLU A 4 -2.49 3.62 -18.47
C GLU A 4 -2.89 4.30 -17.15
N ASP A 5 -3.67 3.62 -16.35
CA ASP A 5 -4.09 4.23 -15.06
C ASP A 5 -2.99 4.06 -14.00
N VAL A 6 -2.50 5.15 -13.46
CA VAL A 6 -1.43 5.06 -12.43
C VAL A 6 -2.04 5.11 -11.03
N PRO A 7 -1.72 4.12 -10.24
CA PRO A 7 -2.25 4.05 -8.84
C PRO A 7 -1.55 5.07 -7.94
N VAL A 8 -2.15 5.38 -6.83
CA VAL A 8 -1.55 6.37 -5.90
C VAL A 8 -1.52 5.81 -4.46
N CYS A 9 -0.46 6.04 -3.74
CA CYS A 9 -0.39 5.53 -2.35
C CYS A 9 -1.49 6.19 -1.51
N TRP A 10 -2.41 5.39 -1.04
CA TRP A 10 -3.53 5.93 -0.23
C TRP A 10 -3.04 6.58 1.08
N ILE A 11 -1.81 6.36 1.45
CA ILE A 11 -1.31 6.96 2.72
C ILE A 11 -0.94 8.43 2.52
N CYS A 12 -0.05 8.72 1.61
CA CYS A 12 0.34 10.14 1.37
C CYS A 12 -0.33 10.69 0.12
N ASN A 13 -1.18 9.90 -0.50
CA ASN A 13 -1.88 10.37 -1.73
C ASN A 13 -0.86 10.75 -2.80
N GLU A 14 0.03 9.85 -3.14
CA GLU A 14 1.05 10.16 -4.20
C GLU A 14 1.15 9.00 -5.19
N GLU A 15 1.10 9.30 -6.46
CA GLU A 15 1.20 8.21 -7.48
C GLU A 15 2.49 7.43 -7.32
N LEU A 16 2.42 6.13 -7.41
CA LEU A 16 3.66 5.31 -7.28
C LEU A 16 3.88 4.53 -8.59
N GLY A 17 2.85 4.34 -9.35
CA GLY A 17 2.98 3.64 -10.68
C GLY A 17 3.07 2.13 -10.50
N ASN A 18 3.64 1.64 -9.43
CA ASN A 18 3.74 0.16 -9.25
C ASN A 18 4.76 -0.19 -8.15
N GLU A 19 4.61 0.39 -6.99
CA GLU A 19 5.58 0.09 -5.90
C GLU A 19 5.47 -1.39 -5.52
N ARG A 20 6.47 -2.18 -5.83
CA ARG A 20 6.40 -3.62 -5.48
C ARG A 20 6.39 -3.79 -3.96
N PHE A 21 5.22 -3.92 -3.40
CA PHE A 21 5.12 -4.08 -1.92
C PHE A 21 3.86 -4.89 -1.58
N ARG A 22 4.00 -6.16 -1.34
CA ARG A 22 2.81 -6.98 -1.01
C ARG A 22 2.39 -6.73 0.44
N ALA A 23 1.39 -5.90 0.65
CA ALA A 23 0.95 -5.61 2.04
C ALA A 23 -0.58 -5.67 2.13
N CYS A 24 -1.24 -5.96 1.04
CA CYS A 24 -2.73 -6.03 1.07
C CYS A 24 -3.28 -6.18 -0.35
N GLY A 25 -4.54 -6.48 -0.48
CA GLY A 25 -5.14 -6.63 -1.83
C GLY A 25 -6.62 -6.25 -1.79
N CYS A 26 -6.93 -5.10 -1.25
CA CYS A 26 -8.36 -4.68 -1.19
C CYS A 26 -8.93 -4.53 -2.61
N THR A 27 -9.20 -3.33 -3.06
CA THR A 27 -9.77 -3.16 -4.42
C THR A 27 -8.94 -2.17 -5.25
N GLY A 28 -8.10 -1.40 -4.60
CA GLY A 28 -7.29 -0.41 -5.37
C GLY A 28 -6.56 0.52 -4.39
N GLU A 29 -7.29 1.31 -3.65
CA GLU A 29 -6.64 2.24 -2.69
C GLU A 29 -5.50 1.54 -1.95
N LEU A 30 -5.81 0.52 -1.20
CA LEU A 30 -4.74 -0.20 -0.44
C LEU A 30 -3.93 -1.10 -1.40
N GLU A 31 -4.46 -1.36 -2.55
CA GLU A 31 -3.71 -2.23 -3.52
C GLU A 31 -2.32 -1.64 -3.79
N ASN A 32 -2.25 -0.39 -4.13
CA ASN A 32 -0.93 0.24 -4.40
C ASN A 32 -0.53 1.15 -3.24
N VAL A 33 0.59 0.89 -2.63
CA VAL A 33 1.01 1.76 -1.49
C VAL A 33 2.53 1.84 -1.37
N HIS A 34 3.06 3.02 -1.17
CA HIS A 34 4.53 3.16 -1.01
C HIS A 34 5.01 2.36 0.20
N ARG A 35 5.93 1.47 0.01
CA ARG A 35 6.44 0.68 1.16
C ARG A 35 7.16 1.59 2.15
N SER A 36 7.50 2.78 1.72
CA SER A 36 8.22 3.72 2.61
C SER A 36 7.28 4.32 3.68
N CYS A 37 6.26 5.03 3.28
CA CYS A 37 5.35 5.63 4.30
C CYS A 37 4.41 4.57 4.90
N LEU A 38 4.12 3.51 4.20
CA LEU A 38 3.21 2.49 4.78
C LEU A 38 3.96 1.66 5.83
N SER A 39 5.02 1.00 5.43
CA SER A 39 5.79 0.16 6.40
C SER A 39 6.12 0.97 7.65
N THR A 40 6.53 2.20 7.48
CA THR A 40 6.88 3.04 8.66
C THR A 40 5.61 3.49 9.39
N TRP A 41 4.56 3.76 8.65
CA TRP A 41 3.30 4.21 9.30
C TRP A 41 2.75 3.08 10.18
N LEU A 42 2.49 1.93 9.61
CA LEU A 42 1.97 0.80 10.42
C LEU A 42 2.90 0.52 11.60
N THR A 43 4.16 0.86 11.47
CA THR A 43 5.11 0.62 12.59
C THR A 43 4.74 1.53 13.76
N ILE A 44 4.45 2.77 13.49
CA ILE A 44 4.08 3.71 14.57
C ILE A 44 2.64 3.45 15.01
N SER A 45 1.78 3.12 14.08
CA SER A 45 0.36 2.84 14.44
C SER A 45 0.23 1.41 14.96
N ARG A 46 1.24 0.61 14.74
CA ARG A 46 1.19 -0.80 15.22
C ARG A 46 0.05 -1.56 14.54
N ASN A 47 0.28 -2.05 13.35
CA ASN A 47 -0.80 -2.81 12.64
C ASN A 47 -0.21 -4.08 12.03
N THR A 48 0.74 -3.93 11.15
CA THR A 48 1.41 -5.10 10.49
C THR A 48 0.47 -5.79 9.49
N ALA A 49 -0.79 -5.44 9.47
CA ALA A 49 -1.72 -6.10 8.50
C ALA A 49 -2.87 -5.16 8.15
N CYS A 50 -3.32 -5.17 6.92
CA CYS A 50 -4.44 -4.29 6.52
C CYS A 50 -5.74 -4.77 7.19
N GLN A 51 -6.40 -3.91 7.92
CA GLN A 51 -7.66 -4.33 8.60
C GLN A 51 -8.82 -4.33 7.59
N ILE A 52 -8.64 -3.73 6.45
CA ILE A 52 -9.73 -3.71 5.44
C ILE A 52 -9.98 -5.11 4.90
N CYS A 53 -8.95 -5.78 4.44
CA CYS A 53 -9.14 -7.16 3.90
C CYS A 53 -8.54 -8.18 4.88
N GLY A 54 -7.70 -7.75 5.77
CA GLY A 54 -7.09 -8.70 6.74
C GLY A 54 -5.77 -9.25 6.18
N VAL A 55 -5.15 -8.54 5.28
CA VAL A 55 -3.86 -9.04 4.72
C VAL A 55 -2.68 -8.47 5.49
N VAL A 56 -1.62 -9.21 5.64
CA VAL A 56 -0.44 -8.70 6.40
C VAL A 56 0.42 -7.82 5.50
N TYR A 57 0.90 -6.71 6.02
CA TYR A 57 1.74 -5.79 5.19
C TYR A 57 3.00 -6.52 4.69
N ASN A 58 3.70 -7.19 5.56
CA ASN A 58 4.94 -7.90 5.14
C ASN A 58 5.84 -6.95 4.33
N THR A 59 6.60 -6.13 5.00
CA THR A 59 7.49 -5.19 4.27
C THR A 59 8.83 -5.86 3.97
N ARG A 60 9.42 -5.55 2.84
CA ARG A 60 10.73 -6.17 2.49
C ARG A 60 11.69 -5.12 1.95
N MET A 1 2.12 7.49 -26.95
CA MET A 1 1.01 6.56 -26.58
C MET A 1 0.68 6.70 -25.08
N GLU A 2 -0.57 6.63 -24.74
CA GLU A 2 -0.95 6.76 -23.30
C GLU A 2 -1.15 5.39 -22.67
N ASP A 3 -0.94 5.27 -21.39
CA ASP A 3 -1.12 3.95 -20.72
C ASP A 3 -2.56 3.79 -20.23
N GLU A 4 -2.74 3.11 -19.12
CA GLU A 4 -4.12 2.92 -18.58
C GLU A 4 -4.36 3.85 -17.40
N ASP A 5 -3.88 3.48 -16.24
CA ASP A 5 -4.08 4.36 -15.05
C ASP A 5 -2.93 4.18 -14.06
N VAL A 6 -2.56 5.22 -13.38
CA VAL A 6 -1.44 5.11 -12.39
C VAL A 6 -1.99 5.13 -10.97
N PRO A 7 -1.61 4.13 -10.20
CA PRO A 7 -2.08 4.01 -8.81
C PRO A 7 -1.38 5.05 -7.91
N VAL A 8 -1.95 5.31 -6.76
CA VAL A 8 -1.34 6.30 -5.84
C VAL A 8 -1.37 5.79 -4.40
N CYS A 9 -0.33 6.03 -3.66
CA CYS A 9 -0.31 5.55 -2.24
C CYS A 9 -1.40 6.27 -1.45
N TRP A 10 -2.34 5.54 -0.96
CA TRP A 10 -3.46 6.16 -0.17
C TRP A 10 -2.95 6.74 1.15
N ILE A 11 -1.75 6.40 1.56
CA ILE A 11 -1.24 6.93 2.85
C ILE A 11 -0.81 8.40 2.69
N CYS A 12 0.10 8.66 1.79
CA CYS A 12 0.55 10.08 1.60
C CYS A 12 -0.06 10.67 0.32
N ASN A 13 -0.89 9.93 -0.35
CA ASN A 13 -1.52 10.44 -1.60
C ASN A 13 -0.45 10.77 -2.64
N GLU A 14 0.36 9.81 -3.00
CA GLU A 14 1.42 10.08 -4.00
C GLU A 14 1.48 8.93 -5.02
N GLU A 15 1.44 9.25 -6.28
CA GLU A 15 1.47 8.18 -7.32
C GLU A 15 2.74 7.33 -7.17
N LEU A 16 2.59 6.04 -7.32
CA LEU A 16 3.78 5.15 -7.21
C LEU A 16 3.95 4.37 -8.52
N GLY A 17 2.87 4.16 -9.23
CA GLY A 17 2.94 3.46 -10.55
C GLY A 17 3.05 1.94 -10.39
N ASN A 18 3.67 1.46 -9.34
CA ASN A 18 3.79 -0.03 -9.16
C ASN A 18 4.87 -0.38 -8.13
N GLU A 19 4.89 0.29 -7.00
CA GLU A 19 5.92 -0.05 -6.00
C GLU A 19 5.78 -1.51 -5.58
N ARG A 20 6.77 -2.32 -5.87
CA ARG A 20 6.66 -3.76 -5.51
C ARG A 20 6.55 -3.92 -4.00
N PHE A 21 5.36 -4.02 -3.49
CA PHE A 21 5.18 -4.18 -2.02
C PHE A 21 3.92 -4.99 -1.71
N ARG A 22 4.06 -6.26 -1.45
CA ARG A 22 2.86 -7.08 -1.13
C ARG A 22 2.39 -6.78 0.30
N ALA A 23 1.47 -5.87 0.45
CA ALA A 23 0.99 -5.52 1.82
C ALA A 23 -0.52 -5.71 1.94
N CYS A 24 -1.19 -5.99 0.85
CA CYS A 24 -2.67 -6.18 0.92
C CYS A 24 -3.26 -6.35 -0.49
N GLY A 25 -4.49 -6.76 -0.55
CA GLY A 25 -5.14 -6.94 -1.88
C GLY A 25 -6.23 -5.88 -2.06
N CYS A 26 -7.08 -5.72 -1.08
CA CYS A 26 -8.17 -4.69 -1.18
C CYS A 26 -8.72 -4.65 -2.61
N THR A 27 -9.31 -3.55 -3.01
CA THR A 27 -9.86 -3.46 -4.40
C THR A 27 -9.06 -2.47 -5.24
N GLY A 28 -8.21 -1.68 -4.63
CA GLY A 28 -7.41 -0.71 -5.42
C GLY A 28 -6.69 0.26 -4.49
N GLU A 29 -7.43 1.07 -3.77
CA GLU A 29 -6.78 2.04 -2.85
C GLU A 29 -5.62 1.37 -2.10
N LEU A 30 -5.91 0.35 -1.34
CA LEU A 30 -4.83 -0.33 -0.59
C LEU A 30 -4.03 -1.25 -1.54
N GLU A 31 -4.55 -1.46 -2.72
CA GLU A 31 -3.83 -2.34 -3.70
C GLU A 31 -2.47 -1.74 -4.03
N ASN A 32 -2.37 -0.43 -4.07
CA ASN A 32 -1.06 0.21 -4.39
C ASN A 32 -0.64 1.11 -3.24
N VAL A 33 0.49 0.85 -2.64
CA VAL A 33 0.93 1.72 -1.51
C VAL A 33 2.45 1.79 -1.42
N HIS A 34 2.97 2.97 -1.17
CA HIS A 34 4.46 3.12 -1.03
C HIS A 34 4.95 2.29 0.15
N ARG A 35 5.88 1.40 -0.07
CA ARG A 35 6.41 0.58 1.07
C ARG A 35 7.17 1.49 2.04
N SER A 36 7.51 2.68 1.61
CA SER A 36 8.25 3.61 2.51
C SER A 36 7.34 4.18 3.60
N CYS A 37 6.32 4.89 3.24
CA CYS A 37 5.42 5.48 4.29
C CYS A 37 4.46 4.43 4.86
N LEU A 38 4.20 3.37 4.15
CA LEU A 38 3.27 2.33 4.70
C LEU A 38 4.01 1.47 5.73
N SER A 39 5.06 0.80 5.32
CA SER A 39 5.82 -0.06 6.26
C SER A 39 6.21 0.75 7.50
N THR A 40 6.49 2.01 7.33
CA THR A 40 6.87 2.85 8.51
C THR A 40 5.62 3.34 9.22
N TRP A 41 4.57 3.60 8.47
CA TRP A 41 3.31 4.09 9.11
C TRP A 41 2.77 2.99 10.04
N LEU A 42 2.51 1.83 9.53
CA LEU A 42 1.98 0.73 10.40
C LEU A 42 2.90 0.57 11.63
N THR A 43 4.15 0.89 11.48
CA THR A 43 5.09 0.76 12.63
C THR A 43 4.69 1.74 13.73
N ILE A 44 4.40 2.96 13.36
CA ILE A 44 3.99 3.97 14.38
C ILE A 44 2.51 3.77 14.72
N SER A 45 1.76 3.16 13.84
CA SER A 45 0.31 2.93 14.11
C SER A 45 0.13 1.57 14.78
N ARG A 46 1.07 0.68 14.60
CA ARG A 46 0.97 -0.67 15.22
C ARG A 46 -0.13 -1.49 14.54
N ASN A 47 0.08 -1.89 13.32
CA ASN A 47 -0.95 -2.69 12.61
C ASN A 47 -0.33 -3.98 12.04
N THR A 48 0.63 -3.83 11.18
CA THR A 48 1.32 -5.01 10.56
C THR A 48 0.42 -5.72 9.54
N ALA A 49 -0.85 -5.40 9.49
CA ALA A 49 -1.73 -6.08 8.49
C ALA A 49 -2.90 -5.17 8.12
N CYS A 50 -3.27 -5.17 6.86
CA CYS A 50 -4.41 -4.31 6.42
C CYS A 50 -5.67 -4.69 7.19
N GLN A 51 -6.33 -3.74 7.79
CA GLN A 51 -7.56 -4.05 8.56
C GLN A 51 -8.79 -4.01 7.65
N ILE A 52 -8.59 -3.73 6.38
CA ILE A 52 -9.74 -3.67 5.44
C ILE A 52 -10.10 -5.07 4.95
N CYS A 53 -9.11 -5.87 4.63
CA CYS A 53 -9.39 -7.26 4.15
C CYS A 53 -8.70 -8.28 5.06
N GLY A 54 -7.77 -7.84 5.88
CA GLY A 54 -7.08 -8.79 6.79
C GLY A 54 -5.82 -9.34 6.11
N VAL A 55 -5.07 -8.50 5.47
CA VAL A 55 -3.82 -8.98 4.79
C VAL A 55 -2.59 -8.39 5.48
N VAL A 56 -1.60 -9.19 5.74
CA VAL A 56 -0.38 -8.66 6.42
C VAL A 56 0.44 -7.78 5.46
N TYR A 57 0.98 -6.70 5.96
CA TYR A 57 1.79 -5.80 5.09
C TYR A 57 3.07 -6.51 4.63
N ASN A 58 3.69 -7.24 5.51
CA ASN A 58 4.95 -7.95 5.14
C ASN A 58 5.92 -6.98 4.46
N THR A 59 6.47 -6.07 5.22
CA THR A 59 7.44 -5.09 4.62
C THR A 59 8.87 -5.55 4.85
N ARG A 60 9.82 -4.93 4.19
CA ARG A 60 11.24 -5.33 4.37
C ARG A 60 11.40 -6.84 4.14
N MET A 1 -2.50 -7.98 -13.14
CA MET A 1 -3.47 -7.83 -14.28
C MET A 1 -4.03 -6.40 -14.29
N GLU A 2 -3.18 -5.41 -14.20
CA GLU A 2 -3.68 -4.00 -14.22
C GLU A 2 -3.07 -3.24 -15.40
N ASP A 3 -1.77 -3.15 -15.45
CA ASP A 3 -1.10 -2.42 -16.57
C ASP A 3 -1.63 -0.99 -16.69
N GLU A 4 -0.84 -0.10 -17.23
CA GLU A 4 -1.28 1.32 -17.38
C GLU A 4 -1.97 1.80 -16.10
N ASP A 5 -2.58 2.95 -16.14
CA ASP A 5 -3.26 3.48 -14.92
C ASP A 5 -2.24 3.66 -13.79
N VAL A 6 -2.30 4.78 -13.11
CA VAL A 6 -1.34 5.02 -12.00
C VAL A 6 -2.06 5.03 -10.64
N PRO A 7 -1.73 4.07 -9.83
CA PRO A 7 -2.34 3.95 -8.49
C PRO A 7 -1.72 4.97 -7.53
N VAL A 8 -2.35 5.24 -6.43
CA VAL A 8 -1.80 6.23 -5.47
C VAL A 8 -1.78 5.65 -4.06
N CYS A 9 -0.72 5.90 -3.33
CA CYS A 9 -0.64 5.37 -1.94
C CYS A 9 -1.73 5.99 -1.08
N TRP A 10 -2.64 5.18 -0.60
CA TRP A 10 -3.76 5.70 0.24
C TRP A 10 -3.24 6.35 1.52
N ILE A 11 -1.98 6.18 1.82
CA ILE A 11 -1.44 6.78 3.08
C ILE A 11 -1.05 8.26 2.87
N CYS A 12 -0.18 8.52 1.95
CA CYS A 12 0.25 9.94 1.70
C CYS A 12 -0.47 10.51 0.48
N ASN A 13 -1.36 9.75 -0.12
CA ASN A 13 -2.07 10.27 -1.32
C ASN A 13 -1.06 10.65 -2.41
N GLU A 14 -0.15 9.76 -2.71
CA GLU A 14 0.86 10.05 -3.75
C GLU A 14 0.95 8.90 -4.75
N GLU A 15 0.97 9.19 -6.02
CA GLU A 15 1.04 8.10 -7.03
C GLU A 15 2.34 7.33 -6.91
N LEU A 16 2.29 6.06 -7.19
CA LEU A 16 3.51 5.21 -7.11
C LEU A 16 3.69 4.43 -8.43
N GLY A 17 2.63 4.30 -9.20
CA GLY A 17 2.70 3.61 -10.52
C GLY A 17 2.79 2.09 -10.39
N ASN A 18 3.40 1.56 -9.36
CA ASN A 18 3.50 0.07 -9.20
C ASN A 18 4.58 -0.30 -8.21
N GLU A 19 4.63 0.35 -7.08
CA GLU A 19 5.67 0.01 -6.08
C GLU A 19 5.54 -1.46 -5.67
N ARG A 20 6.48 -2.28 -6.04
CA ARG A 20 6.38 -3.73 -5.68
C ARG A 20 6.37 -3.88 -4.16
N PHE A 21 5.20 -3.98 -3.58
CA PHE A 21 5.12 -4.14 -2.10
C PHE A 21 3.88 -4.96 -1.74
N ARG A 22 4.05 -6.23 -1.48
CA ARG A 22 2.88 -7.08 -1.12
C ARG A 22 2.40 -6.74 0.30
N ALA A 23 1.45 -5.85 0.42
CA ALA A 23 0.97 -5.47 1.78
C ALA A 23 -0.55 -5.63 1.86
N CYS A 24 -1.21 -5.80 0.75
CA CYS A 24 -2.68 -5.96 0.79
C CYS A 24 -3.23 -6.35 -0.59
N GLY A 25 -4.49 -6.11 -0.81
CA GLY A 25 -5.09 -6.48 -2.11
C GLY A 25 -6.53 -5.95 -2.17
N CYS A 26 -6.80 -4.85 -1.53
CA CYS A 26 -8.19 -4.30 -1.53
C CYS A 26 -8.65 -4.06 -2.99
N THR A 27 -8.89 -2.83 -3.38
CA THR A 27 -9.35 -2.59 -4.78
C THR A 27 -8.50 -1.54 -5.48
N GLY A 28 -7.72 -0.78 -4.76
CA GLY A 28 -6.88 0.26 -5.43
C GLY A 28 -6.13 1.11 -4.41
N GLU A 29 -6.78 2.09 -3.84
CA GLU A 29 -6.09 2.96 -2.85
C GLU A 29 -5.24 2.11 -1.90
N LEU A 30 -5.80 1.04 -1.37
CA LEU A 30 -5.01 0.18 -0.46
C LEU A 30 -4.26 -0.88 -1.28
N GLU A 31 -4.89 -1.37 -2.31
CA GLU A 31 -4.23 -2.39 -3.18
C GLU A 31 -2.88 -1.86 -3.63
N ASN A 32 -2.73 -0.57 -3.72
CA ASN A 32 -1.43 0.03 -4.13
C ASN A 32 -0.94 0.98 -3.05
N VAL A 33 0.21 0.75 -2.50
CA VAL A 33 0.71 1.66 -1.44
C VAL A 33 2.24 1.73 -1.43
N HIS A 34 2.77 2.90 -1.21
CA HIS A 34 4.26 3.05 -1.16
C HIS A 34 4.84 2.23 0.00
N ARG A 35 5.80 1.41 -0.27
CA ARG A 35 6.42 0.60 0.81
C ARG A 35 7.20 1.51 1.77
N SER A 36 7.46 2.72 1.37
CA SER A 36 8.23 3.65 2.25
C SER A 36 7.35 4.20 3.38
N CYS A 37 6.29 4.90 3.03
CA CYS A 37 5.42 5.47 4.12
C CYS A 37 4.51 4.40 4.73
N LEU A 38 4.22 3.35 4.04
CA LEU A 38 3.34 2.30 4.65
C LEU A 38 4.14 1.48 5.65
N SER A 39 5.18 0.83 5.22
CA SER A 39 6.00 0.01 6.15
C SER A 39 6.39 0.84 7.37
N THR A 40 6.65 2.11 7.18
CA THR A 40 7.03 2.97 8.34
C THR A 40 5.76 3.43 9.07
N TRP A 41 4.70 3.66 8.35
CA TRP A 41 3.43 4.11 9.00
C TRP A 41 2.95 3.04 9.98
N LEU A 42 2.72 1.84 9.50
CA LEU A 42 2.26 0.76 10.41
C LEU A 42 3.21 0.64 11.60
N THR A 43 4.48 0.92 11.39
CA THR A 43 5.45 0.84 12.52
C THR A 43 5.13 1.92 13.56
N ILE A 44 4.88 3.12 13.11
CA ILE A 44 4.56 4.22 14.06
C ILE A 44 3.12 4.08 14.56
N SER A 45 2.22 3.70 13.69
CA SER A 45 0.80 3.53 14.12
C SER A 45 0.60 2.16 14.76
N ARG A 46 1.61 1.33 14.72
CA ARG A 46 1.49 -0.03 15.34
C ARG A 46 0.50 -0.89 14.54
N ASN A 47 0.84 -1.23 13.33
CA ASN A 47 -0.08 -2.06 12.50
C ASN A 47 0.67 -3.26 11.93
N THR A 48 -0.02 -4.20 11.36
CA THR A 48 0.66 -5.40 10.78
C THR A 48 -0.07 -5.89 9.53
N ALA A 49 -1.38 -5.84 9.53
CA ALA A 49 -2.14 -6.31 8.34
C ALA A 49 -3.42 -5.49 8.17
N CYS A 50 -3.72 -5.10 6.96
CA CYS A 50 -4.97 -4.31 6.74
C CYS A 50 -6.15 -5.00 7.42
N GLN A 51 -7.13 -4.26 7.86
CA GLN A 51 -8.29 -4.90 8.54
C GLN A 51 -9.45 -5.11 7.55
N ILE A 52 -9.51 -4.31 6.53
CA ILE A 52 -10.63 -4.46 5.55
C ILE A 52 -10.66 -5.90 5.02
N CYS A 53 -9.57 -6.38 4.47
CA CYS A 53 -9.56 -7.78 3.96
C CYS A 53 -8.67 -8.66 4.84
N GLY A 54 -7.84 -8.07 5.64
CA GLY A 54 -6.97 -8.87 6.55
C GLY A 54 -5.68 -9.33 5.83
N VAL A 55 -5.12 -8.50 5.00
CA VAL A 55 -3.87 -8.91 4.30
C VAL A 55 -2.66 -8.25 4.97
N VAL A 56 -1.72 -9.04 5.43
CA VAL A 56 -0.53 -8.46 6.13
C VAL A 56 0.28 -7.55 5.21
N TYR A 57 1.03 -6.66 5.80
CA TYR A 57 1.87 -5.73 5.00
C TYR A 57 3.15 -6.42 4.54
N ASN A 58 3.85 -7.04 5.45
CA ASN A 58 5.12 -7.74 5.06
C ASN A 58 6.05 -6.77 4.34
N THR A 59 6.81 -6.00 5.06
CA THR A 59 7.74 -5.03 4.41
C THR A 59 9.18 -5.56 4.47
N ARG A 60 9.83 -5.63 3.34
CA ARG A 60 11.24 -6.13 3.31
C ARG A 60 12.10 -5.26 2.41
N MET A 1 -0.68 9.64 -27.79
CA MET A 1 -1.89 9.87 -26.94
C MET A 1 -1.48 9.95 -25.47
N GLU A 2 -2.43 9.92 -24.57
CA GLU A 2 -2.10 10.01 -23.13
C GLU A 2 -1.48 8.69 -22.65
N ASP A 3 -1.21 8.58 -21.38
CA ASP A 3 -0.61 7.32 -20.84
C ASP A 3 -1.67 6.51 -20.10
N GLU A 4 -1.41 5.26 -19.86
CA GLU A 4 -2.41 4.42 -19.14
C GLU A 4 -2.74 5.04 -17.77
N ASP A 5 -3.36 4.30 -16.90
CA ASP A 5 -3.73 4.85 -15.56
C ASP A 5 -2.61 4.58 -14.55
N VAL A 6 -2.46 5.43 -13.58
CA VAL A 6 -1.40 5.22 -12.54
C VAL A 6 -2.02 5.24 -11.14
N PRO A 7 -1.67 4.24 -10.37
CA PRO A 7 -2.21 4.12 -9.00
C PRO A 7 -1.55 5.13 -8.05
N VAL A 8 -2.18 5.39 -6.92
CA VAL A 8 -1.61 6.36 -5.94
C VAL A 8 -1.62 5.76 -4.53
N CYS A 9 -0.60 6.01 -3.76
CA CYS A 9 -0.57 5.46 -2.37
C CYS A 9 -1.71 6.06 -1.54
N TRP A 10 -2.54 5.23 -1.00
CA TRP A 10 -3.69 5.71 -0.18
C TRP A 10 -3.23 6.36 1.13
N ILE A 11 -2.01 6.13 1.54
CA ILE A 11 -1.54 6.74 2.82
C ILE A 11 -1.12 8.20 2.63
N CYS A 12 -0.19 8.46 1.75
CA CYS A 12 0.26 9.86 1.54
C CYS A 12 -0.41 10.46 0.30
N ASN A 13 -1.17 9.67 -0.41
CA ASN A 13 -1.86 10.19 -1.62
C ASN A 13 -0.84 10.62 -2.68
N GLU A 14 0.04 9.73 -3.06
CA GLU A 14 1.06 10.09 -4.09
C GLU A 14 1.15 8.95 -5.12
N GLU A 15 1.20 9.28 -6.39
CA GLU A 15 1.28 8.23 -7.44
C GLU A 15 2.55 7.40 -7.28
N LEU A 16 2.44 6.10 -7.46
CA LEU A 16 3.65 5.22 -7.35
C LEU A 16 3.84 4.45 -8.66
N GLY A 17 2.78 4.25 -9.39
CA GLY A 17 2.88 3.54 -10.71
C GLY A 17 2.90 2.03 -10.52
N ASN A 18 3.44 1.54 -9.42
CA ASN A 18 3.48 0.05 -9.19
C ASN A 18 4.57 -0.30 -8.18
N GLU A 19 4.61 0.35 -7.05
CA GLU A 19 5.65 0.03 -6.05
C GLU A 19 5.53 -1.45 -5.63
N ARG A 20 6.49 -2.26 -5.98
CA ARG A 20 6.40 -3.71 -5.61
C ARG A 20 6.38 -3.85 -4.09
N PHE A 21 5.22 -3.96 -3.52
CA PHE A 21 5.13 -4.10 -2.04
C PHE A 21 3.89 -4.93 -1.67
N ARG A 22 4.07 -6.18 -1.32
CA ARG A 22 2.89 -7.01 -0.94
C ARG A 22 2.43 -6.67 0.48
N ALA A 23 1.55 -5.72 0.61
CA ALA A 23 1.09 -5.34 1.98
C ALA A 23 -0.45 -5.43 2.06
N CYS A 24 -1.10 -5.58 0.94
CA CYS A 24 -2.59 -5.66 0.98
C CYS A 24 -3.15 -5.68 -0.44
N GLY A 25 -4.40 -6.02 -0.57
CA GLY A 25 -5.03 -6.07 -1.92
C GLY A 25 -6.53 -5.80 -1.80
N CYS A 26 -6.89 -4.76 -1.10
CA CYS A 26 -8.34 -4.44 -0.94
C CYS A 26 -9.01 -4.34 -2.31
N THR A 27 -9.27 -3.16 -2.79
CA THR A 27 -9.92 -3.02 -4.12
C THR A 27 -9.11 -2.09 -5.03
N GLY A 28 -8.20 -1.34 -4.49
CA GLY A 28 -7.39 -0.43 -5.34
C GLY A 28 -6.64 0.60 -4.48
N GLU A 29 -7.36 1.43 -3.76
CA GLU A 29 -6.69 2.45 -2.92
C GLU A 29 -5.58 1.82 -2.07
N LEU A 30 -5.85 0.70 -1.46
CA LEU A 30 -4.80 0.04 -0.63
C LEU A 30 -3.92 -0.84 -1.51
N GLU A 31 -4.44 -1.28 -2.63
CA GLU A 31 -3.65 -2.13 -3.55
C GLU A 31 -2.28 -1.50 -3.83
N ASN A 32 -2.26 -0.25 -4.22
CA ASN A 32 -0.95 0.40 -4.52
C ASN A 32 -0.54 1.33 -3.37
N VAL A 33 0.59 1.06 -2.76
CA VAL A 33 1.05 1.93 -1.65
C VAL A 33 2.58 1.91 -1.53
N HIS A 34 3.19 3.05 -1.34
CA HIS A 34 4.69 3.05 -1.19
C HIS A 34 5.07 2.25 0.06
N ARG A 35 5.90 1.26 -0.07
CA ARG A 35 6.32 0.49 1.14
C ARG A 35 7.06 1.42 2.10
N SER A 36 7.45 2.56 1.63
CA SER A 36 8.18 3.53 2.51
C SER A 36 7.26 4.11 3.57
N CYS A 37 6.17 4.73 3.17
CA CYS A 37 5.26 5.33 4.18
C CYS A 37 4.34 4.28 4.82
N LEU A 38 3.98 3.24 4.12
CA LEU A 38 3.10 2.22 4.74
C LEU A 38 3.87 1.39 5.76
N SER A 39 4.92 0.74 5.34
CA SER A 39 5.73 -0.08 6.28
C SER A 39 6.12 0.75 7.49
N THR A 40 6.40 2.01 7.30
CA THR A 40 6.79 2.87 8.46
C THR A 40 5.54 3.38 9.19
N TRP A 41 4.48 3.62 8.46
CA TRP A 41 3.23 4.12 9.13
C TRP A 41 2.69 3.04 10.08
N LEU A 42 2.41 1.87 9.56
CA LEU A 42 1.89 0.78 10.44
C LEU A 42 2.84 0.57 11.62
N THR A 43 4.11 0.81 11.43
CA THR A 43 5.08 0.63 12.54
C THR A 43 4.75 1.63 13.66
N ILE A 44 4.47 2.86 13.30
CA ILE A 44 4.13 3.88 14.33
C ILE A 44 2.70 3.65 14.82
N SER A 45 1.81 3.31 13.93
CA SER A 45 0.40 3.06 14.34
C SER A 45 0.27 1.67 14.97
N ARG A 46 1.32 0.89 14.89
CA ARG A 46 1.28 -0.48 15.49
C ARG A 46 0.37 -1.39 14.68
N ASN A 47 0.66 -1.59 13.43
CA ASN A 47 -0.20 -2.48 12.59
C ASN A 47 0.68 -3.45 11.79
N THR A 48 0.26 -4.67 11.63
CA THR A 48 1.08 -5.64 10.85
C THR A 48 0.30 -6.15 9.64
N ALA A 49 -0.99 -5.95 9.62
CA ALA A 49 -1.81 -6.43 8.46
C ALA A 49 -2.98 -5.49 8.21
N CYS A 50 -3.30 -5.24 6.96
CA CYS A 50 -4.43 -4.32 6.64
C CYS A 50 -5.73 -4.87 7.25
N GLN A 51 -6.38 -4.10 8.08
CA GLN A 51 -7.65 -4.57 8.70
C GLN A 51 -8.81 -4.40 7.70
N ILE A 52 -8.54 -3.83 6.56
CA ILE A 52 -9.63 -3.64 5.55
C ILE A 52 -9.88 -4.95 4.81
N CYS A 53 -8.84 -5.63 4.40
CA CYS A 53 -9.03 -6.92 3.68
C CYS A 53 -8.47 -8.07 4.52
N GLY A 54 -7.64 -7.77 5.48
CA GLY A 54 -7.06 -8.83 6.33
C GLY A 54 -5.73 -9.34 5.75
N VAL A 55 -5.05 -8.52 4.98
CA VAL A 55 -3.75 -8.96 4.41
C VAL A 55 -2.58 -8.43 5.25
N VAL A 56 -1.54 -9.19 5.40
CA VAL A 56 -0.38 -8.73 6.21
C VAL A 56 0.50 -7.79 5.38
N TYR A 57 1.02 -6.75 5.99
CA TYR A 57 1.88 -5.80 5.23
C TYR A 57 3.14 -6.50 4.72
N ASN A 58 3.74 -7.33 5.52
CA ASN A 58 4.97 -8.05 5.07
C ASN A 58 5.97 -7.05 4.48
N THR A 59 6.66 -6.32 5.31
CA THR A 59 7.65 -5.33 4.79
C THR A 59 9.07 -5.81 5.08
N ARG A 60 10.00 -5.51 4.22
CA ARG A 60 11.41 -5.95 4.45
C ARG A 60 12.33 -4.73 4.57
N MET A 1 0.48 12.84 -24.29
CA MET A 1 -0.46 13.36 -23.25
C MET A 1 -1.66 12.41 -23.11
N GLU A 2 -1.43 11.23 -22.61
CA GLU A 2 -2.55 10.27 -22.44
C GLU A 2 -2.24 9.26 -21.34
N ASP A 3 -1.52 8.22 -21.66
CA ASP A 3 -1.18 7.20 -20.63
C ASP A 3 -2.46 6.60 -20.05
N GLU A 4 -2.34 5.84 -18.99
CA GLU A 4 -3.55 5.22 -18.39
C GLU A 4 -3.75 5.75 -16.96
N ASP A 5 -4.16 4.90 -16.05
CA ASP A 5 -4.38 5.37 -14.66
C ASP A 5 -3.28 4.83 -13.73
N VAL A 6 -2.38 5.68 -13.31
CA VAL A 6 -1.30 5.23 -12.40
C VAL A 6 -1.83 5.07 -10.98
N PRO A 7 -1.32 4.10 -10.28
CA PRO A 7 -1.76 3.85 -8.89
C PRO A 7 -1.26 4.96 -7.96
N VAL A 8 -1.91 5.14 -6.85
CA VAL A 8 -1.48 6.21 -5.90
C VAL A 8 -1.46 5.67 -4.46
N CYS A 9 -0.43 5.99 -3.71
CA CYS A 9 -0.37 5.49 -2.31
C CYS A 9 -1.45 6.18 -1.47
N TRP A 10 -2.42 5.44 -1.02
CA TRP A 10 -3.52 6.04 -0.21
C TRP A 10 -2.99 6.71 1.06
N ILE A 11 -1.77 6.42 1.44
CA ILE A 11 -1.22 7.04 2.70
C ILE A 11 -0.80 8.50 2.45
N CYS A 12 0.07 8.73 1.51
CA CYS A 12 0.51 10.13 1.24
C CYS A 12 -0.22 10.70 0.02
N ASN A 13 -1.12 9.95 -0.55
CA ASN A 13 -1.88 10.44 -1.73
C ASN A 13 -0.90 10.85 -2.84
N GLU A 14 -0.13 9.91 -3.34
CA GLU A 14 0.84 10.25 -4.42
C GLU A 14 1.04 9.04 -5.34
N GLU A 15 1.09 9.25 -6.62
CA GLU A 15 1.28 8.11 -7.56
C GLU A 15 2.59 7.39 -7.27
N LEU A 16 2.59 6.08 -7.33
CA LEU A 16 3.85 5.33 -7.06
C LEU A 16 4.23 4.54 -8.32
N GLY A 17 3.31 4.39 -9.24
CA GLY A 17 3.61 3.65 -10.50
C GLY A 17 3.39 2.15 -10.31
N ASN A 18 3.60 1.65 -9.10
CA ASN A 18 3.42 0.19 -8.76
C ASN A 18 4.63 -0.28 -7.97
N GLU A 19 4.92 0.34 -6.86
CA GLU A 19 6.10 -0.08 -6.06
C GLU A 19 5.92 -1.54 -5.64
N ARG A 20 6.85 -2.39 -5.98
CA ARG A 20 6.71 -3.82 -5.60
C ARG A 20 6.67 -3.96 -4.08
N PHE A 21 5.49 -4.02 -3.53
CA PHE A 21 5.38 -4.17 -2.05
C PHE A 21 4.10 -4.93 -1.69
N ARG A 22 4.19 -6.20 -1.43
CA ARG A 22 2.98 -6.98 -1.08
C ARG A 22 2.53 -6.61 0.35
N ALA A 23 1.64 -5.67 0.47
CA ALA A 23 1.18 -5.27 1.83
C ALA A 23 -0.30 -5.60 2.01
N CYS A 24 -0.98 -5.92 0.95
CA CYS A 24 -2.43 -6.25 1.05
C CYS A 24 -3.02 -6.43 -0.36
N GLY A 25 -4.16 -7.04 -0.45
CA GLY A 25 -4.80 -7.24 -1.78
C GLY A 25 -6.22 -6.68 -1.76
N CYS A 26 -6.36 -5.43 -1.43
CA CYS A 26 -7.72 -4.82 -1.37
C CYS A 26 -8.23 -4.56 -2.80
N THR A 27 -9.24 -3.75 -2.93
CA THR A 27 -9.79 -3.47 -4.30
C THR A 27 -9.88 -1.96 -4.55
N GLY A 28 -9.06 -1.18 -3.91
CA GLY A 28 -9.12 0.29 -4.11
C GLY A 28 -7.72 0.90 -4.04
N GLU A 29 -7.57 1.94 -3.28
CA GLU A 29 -6.23 2.60 -3.16
C GLU A 29 -5.27 1.73 -2.37
N LEU A 30 -5.75 1.06 -1.35
CA LEU A 30 -4.85 0.21 -0.52
C LEU A 30 -4.05 -0.77 -1.40
N GLU A 31 -4.57 -1.14 -2.52
CA GLU A 31 -3.82 -2.09 -3.40
C GLU A 31 -2.42 -1.55 -3.68
N ASN A 32 -2.31 -0.33 -4.13
CA ASN A 32 -0.97 0.24 -4.42
C ASN A 32 -0.56 1.18 -3.30
N VAL A 33 0.55 0.91 -2.66
CA VAL A 33 0.98 1.81 -1.56
C VAL A 33 2.51 1.82 -1.43
N HIS A 34 3.07 2.97 -1.18
CA HIS A 34 4.55 3.06 -1.03
C HIS A 34 5.01 2.24 0.19
N ARG A 35 5.96 1.37 0.01
CA ARG A 35 6.45 0.58 1.17
C ARG A 35 7.18 1.49 2.15
N SER A 36 7.56 2.66 1.69
CA SER A 36 8.30 3.62 2.58
C SER A 36 7.37 4.23 3.63
N CYS A 37 6.32 4.91 3.22
CA CYS A 37 5.41 5.52 4.23
C CYS A 37 4.44 4.50 4.81
N LEU A 38 4.19 3.40 4.13
CA LEU A 38 3.25 2.40 4.71
C LEU A 38 3.98 1.52 5.73
N SER A 39 5.00 0.82 5.33
CA SER A 39 5.75 -0.04 6.28
C SER A 39 6.11 0.77 7.54
N THR A 40 6.42 2.02 7.38
CA THR A 40 6.78 2.86 8.55
C THR A 40 5.51 3.37 9.24
N TRP A 41 4.52 3.76 8.48
CA TRP A 41 3.26 4.26 9.10
C TRP A 41 2.69 3.19 10.05
N LEU A 42 2.42 2.02 9.56
CA LEU A 42 1.87 0.95 10.44
C LEU A 42 2.77 0.76 11.66
N THR A 43 4.05 0.89 11.50
CA THR A 43 4.97 0.71 12.66
C THR A 43 4.60 1.71 13.76
N ILE A 44 4.20 2.90 13.38
CA ILE A 44 3.82 3.91 14.40
C ILE A 44 2.40 3.64 14.90
N SER A 45 1.48 3.42 14.00
CA SER A 45 0.08 3.14 14.42
C SER A 45 -0.03 1.74 15.02
N ARG A 46 0.95 0.91 14.77
CA ARG A 46 0.91 -0.47 15.32
C ARG A 46 -0.18 -1.31 14.62
N ASN A 47 0.05 -1.69 13.40
CA ASN A 47 -0.97 -2.50 12.67
C ASN A 47 -0.32 -3.75 12.09
N THR A 48 0.60 -3.56 11.18
CA THR A 48 1.31 -4.71 10.53
C THR A 48 0.37 -5.47 9.58
N ALA A 49 -0.88 -5.12 9.53
CA ALA A 49 -1.81 -5.84 8.62
C ALA A 49 -2.97 -4.93 8.21
N CYS A 50 -3.40 -5.04 6.98
CA CYS A 50 -4.55 -4.19 6.52
C CYS A 50 -5.80 -4.52 7.34
N GLN A 51 -6.69 -3.58 7.48
CA GLN A 51 -7.93 -3.85 8.28
C GLN A 51 -9.10 -4.19 7.35
N ILE A 52 -8.91 -4.03 6.06
CA ILE A 52 -10.03 -4.35 5.11
C ILE A 52 -10.01 -5.84 4.74
N CYS A 53 -8.87 -6.36 4.39
CA CYS A 53 -8.79 -7.80 4.02
C CYS A 53 -8.04 -8.60 5.10
N GLY A 54 -7.41 -7.92 6.01
CA GLY A 54 -6.67 -8.63 7.10
C GLY A 54 -5.31 -9.09 6.58
N VAL A 55 -4.99 -8.80 5.35
CA VAL A 55 -3.67 -9.22 4.81
C VAL A 55 -2.54 -8.50 5.55
N VAL A 56 -1.51 -9.21 5.93
CA VAL A 56 -0.40 -8.55 6.66
C VAL A 56 0.45 -7.72 5.68
N TYR A 57 1.07 -6.68 6.15
CA TYR A 57 1.91 -5.84 5.25
C TYR A 57 3.18 -6.59 4.86
N ASN A 58 3.04 -7.70 4.20
CA ASN A 58 4.24 -8.49 3.78
C ASN A 58 5.31 -7.55 3.22
N THR A 59 6.39 -7.39 3.95
CA THR A 59 7.48 -6.49 3.45
C THR A 59 8.55 -7.32 2.73
N ARG A 60 8.79 -7.04 1.49
CA ARG A 60 9.81 -7.80 0.73
C ARG A 60 10.21 -7.05 -0.55
N MET A 1 3.04 -3.94 -17.85
CA MET A 1 1.56 -3.82 -17.81
C MET A 1 1.15 -2.39 -17.46
N GLU A 2 1.65 -1.42 -18.21
CA GLU A 2 1.30 0.00 -17.92
C GLU A 2 0.71 0.65 -19.17
N ASP A 3 0.35 1.90 -19.09
CA ASP A 3 -0.22 2.59 -20.28
C ASP A 3 -0.49 4.07 -19.98
N GLU A 4 -1.51 4.35 -19.22
CA GLU A 4 -1.82 5.77 -18.89
C GLU A 4 -2.24 5.90 -17.42
N ASP A 5 -3.10 5.04 -16.96
CA ASP A 5 -3.56 5.12 -15.54
C ASP A 5 -2.41 4.83 -14.58
N VAL A 6 -2.36 5.52 -13.47
CA VAL A 6 -1.27 5.29 -12.48
C VAL A 6 -1.88 5.19 -11.07
N PRO A 7 -1.46 4.19 -10.35
CA PRO A 7 -1.98 3.97 -8.98
C PRO A 7 -1.42 5.01 -8.00
N VAL A 8 -2.07 5.17 -6.88
CA VAL A 8 -1.59 6.17 -5.87
C VAL A 8 -1.60 5.56 -4.48
N CYS A 9 -0.68 5.96 -3.65
CA CYS A 9 -0.64 5.40 -2.27
C CYS A 9 -1.79 5.95 -1.44
N TRP A 10 -2.60 5.09 -0.91
CA TRP A 10 -3.78 5.55 -0.10
C TRP A 10 -3.33 6.23 1.20
N ILE A 11 -2.12 5.99 1.63
CA ILE A 11 -1.65 6.62 2.90
C ILE A 11 -1.31 8.10 2.72
N CYS A 12 -0.41 8.41 1.82
CA CYS A 12 -0.05 9.85 1.61
C CYS A 12 -0.67 10.40 0.33
N ASN A 13 -1.47 9.61 -0.34
CA ASN A 13 -2.11 10.10 -1.59
C ASN A 13 -1.06 10.54 -2.61
N GLU A 14 -0.23 9.64 -3.06
CA GLU A 14 0.82 10.00 -4.05
C GLU A 14 0.98 8.87 -5.08
N GLU A 15 0.99 9.21 -6.34
CA GLU A 15 1.13 8.16 -7.39
C GLU A 15 2.48 7.44 -7.26
N LEU A 16 2.48 6.14 -7.37
CA LEU A 16 3.78 5.40 -7.28
C LEU A 16 4.10 4.80 -8.66
N GLY A 17 3.08 4.42 -9.39
CA GLY A 17 3.30 3.87 -10.77
C GLY A 17 3.68 2.40 -10.75
N ASN A 18 4.34 1.91 -9.74
CA ASN A 18 4.72 0.46 -9.74
C ASN A 18 5.46 0.07 -8.47
N GLU A 19 5.11 0.61 -7.34
CA GLU A 19 5.82 0.23 -6.09
C GLU A 19 5.52 -1.24 -5.76
N ARG A 20 6.46 -2.11 -6.01
CA ARG A 20 6.23 -3.56 -5.72
C ARG A 20 6.26 -3.79 -4.20
N PHE A 21 5.11 -3.84 -3.59
CA PHE A 21 5.06 -4.06 -2.11
C PHE A 21 3.78 -4.83 -1.74
N ARG A 22 3.90 -6.12 -1.53
CA ARG A 22 2.70 -6.92 -1.17
C ARG A 22 2.28 -6.63 0.27
N ALA A 23 1.41 -5.68 0.48
CA ALA A 23 0.97 -5.35 1.86
C ALA A 23 -0.53 -5.55 2.00
N CYS A 24 -1.21 -5.82 0.91
CA CYS A 24 -2.69 -6.02 0.98
C CYS A 24 -3.27 -6.09 -0.43
N GLY A 25 -4.49 -6.53 -0.54
CA GLY A 25 -5.15 -6.62 -1.88
C GLY A 25 -6.27 -5.57 -1.96
N CYS A 26 -7.10 -5.52 -0.96
CA CYS A 26 -8.21 -4.50 -0.97
C CYS A 26 -8.82 -4.39 -2.37
N THR A 27 -9.44 -3.28 -2.68
CA THR A 27 -10.05 -3.12 -4.02
C THR A 27 -9.23 -2.16 -4.89
N GLY A 28 -8.34 -1.41 -4.32
CA GLY A 28 -7.52 -0.47 -5.15
C GLY A 28 -6.72 0.48 -4.26
N GLU A 29 -7.37 1.41 -3.62
CA GLU A 29 -6.63 2.38 -2.76
C GLU A 29 -5.53 1.68 -1.95
N LEU A 30 -5.83 0.58 -1.32
CA LEU A 30 -4.79 -0.13 -0.52
C LEU A 30 -4.00 -1.07 -1.44
N GLU A 31 -4.44 -1.22 -2.65
CA GLU A 31 -3.72 -2.12 -3.61
C GLU A 31 -2.36 -1.52 -3.99
N ASN A 32 -2.24 -0.22 -4.03
CA ASN A 32 -0.94 0.39 -4.40
C ASN A 32 -0.49 1.36 -3.30
N VAL A 33 0.64 1.12 -2.71
CA VAL A 33 1.11 2.05 -1.64
C VAL A 33 2.64 2.05 -1.56
N HIS A 34 3.25 3.19 -1.32
CA HIS A 34 4.74 3.21 -1.21
C HIS A 34 5.18 2.38 0.00
N ARG A 35 5.99 1.39 -0.22
CA ARG A 35 6.47 0.55 0.91
C ARG A 35 7.19 1.43 1.94
N SER A 36 7.55 2.63 1.57
CA SER A 36 8.27 3.53 2.51
C SER A 36 7.32 4.14 3.55
N CYS A 37 6.22 4.71 3.12
CA CYS A 37 5.29 5.34 4.12
C CYS A 37 4.39 4.28 4.80
N LEU A 38 4.00 3.25 4.09
CA LEU A 38 3.12 2.24 4.73
C LEU A 38 3.90 1.43 5.77
N SER A 39 4.96 0.80 5.36
CA SER A 39 5.77 -0.01 6.31
C SER A 39 6.17 0.83 7.53
N THR A 40 6.41 2.10 7.33
CA THR A 40 6.82 2.96 8.49
C THR A 40 5.58 3.50 9.21
N TRP A 41 4.50 3.69 8.49
CA TRP A 41 3.26 4.21 9.14
C TRP A 41 2.72 3.15 10.11
N LEU A 42 2.43 1.98 9.62
CA LEU A 42 1.90 0.90 10.52
C LEU A 42 2.82 0.76 11.74
N THR A 43 4.08 1.08 11.60
CA THR A 43 5.00 0.97 12.76
C THR A 43 4.62 2.00 13.83
N ILE A 44 4.35 3.20 13.43
CA ILE A 44 3.97 4.25 14.42
C ILE A 44 2.54 3.99 14.91
N SER A 45 1.68 3.55 14.03
CA SER A 45 0.27 3.28 14.45
C SER A 45 0.14 1.84 14.95
N ARG A 46 1.25 1.16 15.12
CA ARG A 46 1.19 -0.25 15.61
C ARG A 46 0.29 -1.09 14.70
N ASN A 47 0.73 -1.36 13.50
CA ASN A 47 -0.10 -2.18 12.57
C ASN A 47 0.77 -3.22 11.88
N THR A 48 0.25 -4.41 11.69
CA THR A 48 1.05 -5.46 11.01
C THR A 48 0.30 -6.04 9.81
N ALA A 49 -0.96 -5.73 9.69
CA ALA A 49 -1.74 -6.26 8.53
C ALA A 49 -2.90 -5.32 8.19
N CYS A 50 -3.31 -5.31 6.95
CA CYS A 50 -4.45 -4.42 6.55
C CYS A 50 -5.73 -4.83 7.28
N GLN A 51 -6.41 -3.89 7.87
CA GLN A 51 -7.66 -4.23 8.60
C GLN A 51 -8.86 -4.16 7.65
N ILE A 52 -8.64 -3.73 6.44
CA ILE A 52 -9.77 -3.64 5.46
C ILE A 52 -10.10 -5.03 4.92
N CYS A 53 -9.10 -5.81 4.60
CA CYS A 53 -9.37 -7.18 4.06
C CYS A 53 -8.70 -8.23 4.95
N GLY A 54 -7.76 -7.83 5.76
CA GLY A 54 -7.08 -8.80 6.66
C GLY A 54 -5.83 -9.37 5.97
N VAL A 55 -5.06 -8.52 5.32
CA VAL A 55 -3.82 -9.01 4.65
C VAL A 55 -2.59 -8.42 5.33
N VAL A 56 -1.66 -9.24 5.73
CA VAL A 56 -0.44 -8.71 6.41
C VAL A 56 0.36 -7.83 5.45
N TYR A 57 1.02 -6.83 5.97
CA TYR A 57 1.82 -5.93 5.10
C TYR A 57 3.02 -6.67 4.52
N ASN A 58 3.64 -7.50 5.31
CA ASN A 58 4.82 -8.26 4.81
C ASN A 58 5.82 -7.32 4.14
N THR A 59 6.83 -6.89 4.86
CA THR A 59 7.83 -5.98 4.26
C THR A 59 9.24 -6.49 4.52
N ARG A 60 10.10 -6.43 3.55
CA ARG A 60 11.50 -6.93 3.74
C ARG A 60 12.36 -6.57 2.54
N MET A 1 0.18 8.62 -24.77
CA MET A 1 -1.06 8.11 -25.42
C MET A 1 -2.06 7.63 -24.37
N GLU A 2 -3.07 6.91 -24.78
CA GLU A 2 -4.08 6.42 -23.80
C GLU A 2 -3.39 5.67 -22.67
N ASP A 3 -2.87 4.51 -22.94
CA ASP A 3 -2.18 3.72 -21.88
C ASP A 3 -3.08 3.58 -20.65
N GLU A 4 -2.50 3.35 -19.51
CA GLU A 4 -3.33 3.21 -18.27
C GLU A 4 -3.00 4.33 -17.28
N ASP A 5 -3.83 4.53 -16.29
CA ASP A 5 -3.57 5.61 -15.31
C ASP A 5 -2.52 5.16 -14.29
N VAL A 6 -2.04 6.06 -13.48
CA VAL A 6 -1.00 5.68 -12.47
C VAL A 6 -1.64 5.54 -11.09
N PRO A 7 -1.23 4.52 -10.39
CA PRO A 7 -1.77 4.25 -9.03
C PRO A 7 -1.19 5.27 -8.04
N VAL A 8 -1.82 5.42 -6.91
CA VAL A 8 -1.31 6.40 -5.90
C VAL A 8 -1.38 5.81 -4.50
N CYS A 9 -0.38 6.08 -3.69
CA CYS A 9 -0.38 5.54 -2.30
C CYS A 9 -1.49 6.24 -1.49
N TRP A 10 -2.42 5.48 -0.97
CA TRP A 10 -3.53 6.09 -0.18
C TRP A 10 -3.03 6.65 1.15
N ILE A 11 -1.80 6.39 1.50
CA ILE A 11 -1.28 6.91 2.80
C ILE A 11 -0.78 8.35 2.65
N CYS A 12 0.12 8.60 1.74
CA CYS A 12 0.63 9.98 1.57
C CYS A 12 -0.02 10.68 0.37
N ASN A 13 -0.85 9.97 -0.35
CA ASN A 13 -1.52 10.59 -1.53
C ASN A 13 -0.47 10.97 -2.60
N GLU A 14 0.32 10.01 -3.02
CA GLU A 14 1.34 10.31 -4.06
C GLU A 14 1.43 9.14 -5.05
N GLU A 15 1.44 9.43 -6.32
CA GLU A 15 1.51 8.35 -7.33
C GLU A 15 2.79 7.53 -7.14
N LEU A 16 2.73 6.27 -7.44
CA LEU A 16 3.93 5.41 -7.28
C LEU A 16 4.16 4.58 -8.55
N GLY A 17 3.18 4.50 -9.41
CA GLY A 17 3.33 3.76 -10.69
C GLY A 17 3.14 2.25 -10.51
N ASN A 18 3.48 1.72 -9.35
CA ASN A 18 3.32 0.25 -9.04
C ASN A 18 4.51 -0.22 -8.20
N GLU A 19 4.66 0.30 -7.01
CA GLU A 19 5.79 -0.13 -6.16
C GLU A 19 5.62 -1.59 -5.76
N ARG A 20 6.51 -2.45 -6.16
CA ARG A 20 6.36 -3.89 -5.80
C ARG A 20 6.41 -4.06 -4.29
N PHE A 21 5.26 -4.12 -3.67
CA PHE A 21 5.21 -4.27 -2.19
C PHE A 21 3.95 -5.03 -1.79
N ARG A 22 4.05 -6.31 -1.56
CA ARG A 22 2.85 -7.10 -1.17
C ARG A 22 2.44 -6.76 0.26
N ALA A 23 1.60 -5.77 0.43
CA ALA A 23 1.17 -5.40 1.80
C ALA A 23 -0.31 -5.72 2.01
N CYS A 24 -0.96 -6.22 1.01
CA CYS A 24 -2.41 -6.55 1.16
C CYS A 24 -2.98 -7.12 -0.14
N GLY A 25 -4.27 -7.03 -0.30
CA GLY A 25 -4.91 -7.56 -1.54
C GLY A 25 -6.31 -6.94 -1.67
N CYS A 26 -6.54 -5.80 -1.08
CA CYS A 26 -7.88 -5.16 -1.18
C CYS A 26 -8.28 -4.99 -2.64
N THR A 27 -9.27 -4.18 -2.91
CA THR A 27 -9.72 -3.97 -4.31
C THR A 27 -9.73 -2.47 -4.65
N GLY A 28 -8.93 -1.69 -3.98
CA GLY A 28 -8.91 -0.23 -4.28
C GLY A 28 -7.49 0.32 -4.06
N GLU A 29 -7.39 1.59 -3.79
CA GLU A 29 -6.04 2.21 -3.57
C GLU A 29 -5.17 1.31 -2.70
N LEU A 30 -5.72 0.74 -1.66
CA LEU A 30 -4.90 -0.13 -0.77
C LEU A 30 -4.11 -1.14 -1.60
N GLU A 31 -4.54 -1.43 -2.80
CA GLU A 31 -3.79 -2.40 -3.64
C GLU A 31 -2.41 -1.83 -3.96
N ASN A 32 -2.34 -0.59 -4.34
CA ASN A 32 -1.02 0.03 -4.64
C ASN A 32 -0.64 0.96 -3.49
N VAL A 33 0.46 0.72 -2.85
CA VAL A 33 0.87 1.62 -1.72
C VAL A 33 2.38 1.71 -1.59
N HIS A 34 2.88 2.88 -1.34
CA HIS A 34 4.35 3.05 -1.19
C HIS A 34 4.87 2.21 -0.01
N ARG A 35 5.84 1.37 -0.26
CA ARG A 35 6.37 0.52 0.86
C ARG A 35 7.14 1.39 1.85
N SER A 36 7.49 2.58 1.46
CA SER A 36 8.25 3.47 2.38
C SER A 36 7.33 4.07 3.47
N CYS A 37 6.29 4.75 3.08
CA CYS A 37 5.39 5.35 4.11
C CYS A 37 4.41 4.33 4.67
N LEU A 38 4.10 3.29 3.94
CA LEU A 38 3.14 2.29 4.48
C LEU A 38 3.82 1.42 5.54
N SER A 39 4.87 0.74 5.19
CA SER A 39 5.58 -0.12 6.18
C SER A 39 5.91 0.69 7.43
N THR A 40 6.36 1.91 7.28
CA THR A 40 6.69 2.74 8.46
C THR A 40 5.40 3.26 9.12
N TRP A 41 4.43 3.63 8.34
CA TRP A 41 3.16 4.13 8.93
C TRP A 41 2.56 3.06 9.84
N LEU A 42 2.29 1.90 9.32
CA LEU A 42 1.70 0.82 10.18
C LEU A 42 2.59 0.60 11.41
N THR A 43 3.86 0.89 11.29
CA THR A 43 4.78 0.70 12.45
C THR A 43 4.53 1.81 13.47
N ILE A 44 4.39 3.02 13.01
CA ILE A 44 4.15 4.16 13.95
C ILE A 44 2.71 4.08 14.49
N SER A 45 1.81 3.54 13.71
CA SER A 45 0.40 3.43 14.18
C SER A 45 0.16 2.04 14.77
N ARG A 46 1.08 1.13 14.55
CA ARG A 46 0.93 -0.25 15.09
C ARG A 46 -0.22 -0.98 14.37
N ASN A 47 0.01 -1.39 13.14
CA ASN A 47 -1.06 -2.11 12.40
C ASN A 47 -0.57 -3.52 12.03
N THR A 48 0.51 -3.59 11.30
CA THR A 48 1.09 -4.91 10.88
C THR A 48 0.24 -5.55 9.78
N ALA A 49 -1.06 -5.51 9.91
CA ALA A 49 -1.90 -6.15 8.87
C ALA A 49 -3.15 -5.30 8.61
N CYS A 50 -3.47 -5.09 7.36
CA CYS A 50 -4.69 -4.29 7.04
C CYS A 50 -5.90 -4.85 7.76
N GLN A 51 -6.85 -4.03 8.10
CA GLN A 51 -8.07 -4.53 8.80
C GLN A 51 -9.21 -4.76 7.80
N ILE A 52 -9.17 -4.08 6.70
CA ILE A 52 -10.26 -4.25 5.69
C ILE A 52 -10.43 -5.74 5.34
N CYS A 53 -9.35 -6.41 5.03
CA CYS A 53 -9.45 -7.86 4.69
C CYS A 53 -8.59 -8.69 5.65
N GLY A 54 -7.65 -8.07 6.31
CA GLY A 54 -6.80 -8.80 7.28
C GLY A 54 -5.58 -9.42 6.57
N VAL A 55 -4.85 -8.64 5.82
CA VAL A 55 -3.65 -9.18 5.13
C VAL A 55 -2.40 -8.47 5.65
N VAL A 56 -1.51 -9.19 6.27
CA VAL A 56 -0.28 -8.54 6.80
C VAL A 56 0.44 -7.74 5.71
N TYR A 57 1.14 -6.71 6.08
CA TYR A 57 1.85 -5.89 5.06
C TYR A 57 3.13 -6.59 4.60
N ASN A 58 3.72 -7.38 5.44
CA ASN A 58 4.98 -8.09 5.04
C ASN A 58 5.93 -7.12 4.35
N THR A 59 6.81 -6.49 5.10
CA THR A 59 7.76 -5.54 4.48
C THR A 59 9.20 -5.93 4.82
N ARG A 60 10.10 -5.77 3.88
CA ARG A 60 11.52 -6.15 4.14
C ARG A 60 12.40 -5.69 2.97
N MET A 1 -3.63 -5.11 -20.74
CA MET A 1 -3.26 -4.84 -22.16
C MET A 1 -3.75 -3.45 -22.59
N GLU A 2 -3.93 -2.56 -21.65
CA GLU A 2 -4.41 -1.18 -22.01
C GLU A 2 -3.77 -0.15 -21.07
N ASP A 3 -3.81 -0.40 -19.80
CA ASP A 3 -3.21 0.54 -18.82
C ASP A 3 -3.85 1.93 -18.97
N GLU A 4 -3.72 2.76 -17.97
CA GLU A 4 -4.31 4.12 -18.05
C GLU A 4 -3.59 5.07 -17.09
N ASP A 5 -4.00 5.10 -15.84
CA ASP A 5 -3.31 6.01 -14.87
C ASP A 5 -2.52 5.18 -13.86
N VAL A 6 -1.89 5.81 -12.91
CA VAL A 6 -1.10 5.05 -11.90
C VAL A 6 -1.83 5.04 -10.56
N PRO A 7 -1.66 3.97 -9.82
CA PRO A 7 -2.33 3.84 -8.50
C PRO A 7 -1.70 4.80 -7.50
N VAL A 8 -2.50 5.34 -6.64
CA VAL A 8 -1.98 6.30 -5.62
C VAL A 8 -1.89 5.65 -4.24
N CYS A 9 -0.81 5.85 -3.55
CA CYS A 9 -0.66 5.27 -2.19
C CYS A 9 -1.72 5.87 -1.27
N TRP A 10 -2.69 5.09 -0.89
CA TRP A 10 -3.78 5.59 -0.02
C TRP A 10 -3.25 6.27 1.26
N ILE A 11 -1.99 6.09 1.58
CA ILE A 11 -1.45 6.72 2.82
C ILE A 11 -1.09 8.20 2.60
N CYS A 12 -0.23 8.49 1.66
CA CYS A 12 0.15 9.91 1.42
C CYS A 12 -0.58 10.48 0.20
N ASN A 13 -1.32 9.66 -0.49
CA ASN A 13 -2.06 10.15 -1.69
C ASN A 13 -1.09 10.48 -2.82
N GLU A 14 -0.18 9.60 -3.12
CA GLU A 14 0.80 9.86 -4.22
C GLU A 14 0.99 8.59 -5.05
N GLU A 15 0.90 8.68 -6.35
CA GLU A 15 1.08 7.46 -7.18
C GLU A 15 2.48 6.87 -7.01
N LEU A 16 2.56 5.57 -7.00
CA LEU A 16 3.91 4.92 -6.86
C LEU A 16 4.36 4.36 -8.21
N GLY A 17 3.54 4.50 -9.21
CA GLY A 17 3.91 4.01 -10.58
C GLY A 17 3.80 2.48 -10.69
N ASN A 18 4.06 1.75 -9.61
CA ASN A 18 3.97 0.24 -9.62
C ASN A 18 4.96 -0.32 -8.58
N GLU A 19 5.06 0.31 -7.45
CA GLU A 19 6.02 -0.18 -6.41
C GLU A 19 5.66 -1.62 -6.00
N ARG A 20 6.60 -2.53 -6.12
CA ARG A 20 6.32 -3.94 -5.74
C ARG A 20 6.31 -4.08 -4.21
N PHE A 21 5.16 -4.05 -3.61
CA PHE A 21 5.09 -4.19 -2.13
C PHE A 21 3.81 -4.93 -1.72
N ARG A 22 3.92 -6.19 -1.41
CA ARG A 22 2.71 -6.97 -1.02
C ARG A 22 2.26 -6.58 0.39
N ALA A 23 1.29 -5.72 0.50
CA ALA A 23 0.82 -5.30 1.85
C ALA A 23 -0.72 -5.39 1.95
N CYS A 24 -1.38 -5.62 0.85
CA CYS A 24 -2.87 -5.71 0.89
C CYS A 24 -3.43 -5.79 -0.52
N GLY A 25 -4.68 -6.13 -0.64
CA GLY A 25 -5.32 -6.22 -1.98
C GLY A 25 -6.80 -5.89 -1.86
N CYS A 26 -7.12 -4.76 -1.27
CA CYS A 26 -8.54 -4.38 -1.11
C CYS A 26 -9.20 -4.11 -2.47
N THR A 27 -9.35 -2.87 -2.86
CA THR A 27 -9.99 -2.58 -4.18
C THR A 27 -9.05 -1.77 -5.07
N GLY A 28 -8.01 -1.21 -4.51
CA GLY A 28 -7.06 -0.41 -5.34
C GLY A 28 -6.30 0.58 -4.45
N GLU A 29 -7.00 1.48 -3.81
CA GLU A 29 -6.30 2.46 -2.93
C GLU A 29 -5.30 1.74 -2.02
N LEU A 30 -5.72 0.67 -1.42
CA LEU A 30 -4.78 -0.08 -0.53
C LEU A 30 -3.98 -1.09 -1.36
N GLU A 31 -4.59 -1.60 -2.40
CA GLU A 31 -3.87 -2.58 -3.27
C GLU A 31 -2.49 -2.03 -3.62
N ASN A 32 -2.42 -0.76 -3.93
CA ASN A 32 -1.11 -0.15 -4.28
C ASN A 32 -0.71 0.86 -3.20
N VAL A 33 0.43 0.67 -2.59
CA VAL A 33 0.84 1.63 -1.54
C VAL A 33 2.37 1.73 -1.46
N HIS A 34 2.87 2.89 -1.15
CA HIS A 34 4.34 3.07 -1.03
C HIS A 34 4.89 2.25 0.14
N ARG A 35 5.88 1.44 -0.10
CA ARG A 35 6.48 0.64 1.01
C ARG A 35 7.19 1.58 1.98
N SER A 36 7.44 2.79 1.57
CA SER A 36 8.16 3.75 2.46
C SER A 36 7.23 4.28 3.55
N CYS A 37 6.17 4.95 3.19
CA CYS A 37 5.26 5.51 4.24
C CYS A 37 4.34 4.44 4.82
N LEU A 38 4.09 3.36 4.11
CA LEU A 38 3.20 2.31 4.70
C LEU A 38 3.96 1.48 5.73
N SER A 39 5.00 0.82 5.30
CA SER A 39 5.80 -0.02 6.23
C SER A 39 6.17 0.79 7.48
N THR A 40 6.38 2.07 7.31
CA THR A 40 6.74 2.92 8.49
C THR A 40 5.46 3.41 9.18
N TRP A 41 4.44 3.73 8.42
CA TRP A 41 3.16 4.19 9.04
C TRP A 41 2.65 3.13 10.01
N LEU A 42 2.42 1.94 9.54
CA LEU A 42 1.92 0.86 10.45
C LEU A 42 2.83 0.76 11.66
N THR A 43 4.12 0.89 11.48
CA THR A 43 5.05 0.81 12.64
C THR A 43 4.73 1.94 13.63
N ILE A 44 4.51 3.13 13.12
CA ILE A 44 4.18 4.27 14.01
C ILE A 44 2.76 4.12 14.56
N SER A 45 1.82 3.82 13.70
CA SER A 45 0.42 3.64 14.16
C SER A 45 0.26 2.28 14.85
N ARG A 46 1.28 1.47 14.80
CA ARG A 46 1.22 0.13 15.45
C ARG A 46 0.28 -0.80 14.68
N ASN A 47 0.60 -1.11 13.45
CA ASN A 47 -0.28 -2.02 12.66
C ASN A 47 0.55 -3.17 12.10
N THR A 48 -0.07 -4.21 11.63
CA THR A 48 0.69 -5.36 11.08
C THR A 48 0.09 -5.83 9.75
N ALA A 49 -1.21 -5.81 9.65
CA ALA A 49 -1.86 -6.26 8.38
C ALA A 49 -3.11 -5.44 8.10
N CYS A 50 -3.36 -5.15 6.85
CA CYS A 50 -4.59 -4.36 6.51
C CYS A 50 -5.81 -4.95 7.23
N GLN A 51 -6.49 -4.16 8.01
CA GLN A 51 -7.69 -4.69 8.73
C GLN A 51 -8.91 -4.63 7.81
N ILE A 52 -8.75 -4.18 6.60
CA ILE A 52 -9.91 -4.10 5.67
C ILE A 52 -10.06 -5.42 4.90
N CYS A 53 -8.98 -6.01 4.48
CA CYS A 53 -9.07 -7.29 3.72
C CYS A 53 -8.41 -8.42 4.52
N GLY A 54 -7.60 -8.08 5.49
CA GLY A 54 -6.93 -9.14 6.30
C GLY A 54 -5.59 -9.53 5.68
N VAL A 55 -4.94 -8.62 5.00
CA VAL A 55 -3.62 -8.96 4.39
C VAL A 55 -2.48 -8.36 5.23
N VAL A 56 -1.38 -9.06 5.33
CA VAL A 56 -0.24 -8.52 6.13
C VAL A 56 0.64 -7.61 5.28
N TYR A 57 1.23 -6.62 5.88
CA TYR A 57 2.11 -5.69 5.10
C TYR A 57 3.33 -6.44 4.57
N ASN A 58 3.96 -7.22 5.42
CA ASN A 58 5.16 -7.99 4.97
C ASN A 58 6.12 -7.07 4.21
N THR A 59 6.89 -6.28 4.92
CA THR A 59 7.85 -5.38 4.25
C THR A 59 9.28 -5.89 4.41
N ARG A 60 9.93 -6.22 3.33
CA ARG A 60 11.33 -6.73 3.42
C ARG A 60 12.27 -5.89 2.57
N MET A 1 -5.63 -0.74 -24.90
CA MET A 1 -6.19 0.36 -24.06
C MET A 1 -5.18 1.50 -23.95
N GLU A 2 -5.12 2.15 -22.82
CA GLU A 2 -4.14 3.27 -22.66
C GLU A 2 -2.83 2.73 -22.09
N ASP A 3 -1.74 3.40 -22.36
CA ASP A 3 -0.43 2.93 -21.83
C ASP A 3 -0.52 2.68 -20.33
N GLU A 4 0.48 2.04 -19.77
CA GLU A 4 0.45 1.76 -18.30
C GLU A 4 -0.03 3.00 -17.53
N ASP A 5 -0.59 2.81 -16.37
CA ASP A 5 -1.09 3.98 -15.58
C ASP A 5 -0.26 4.13 -14.30
N VAL A 6 -0.53 5.15 -13.53
CA VAL A 6 0.24 5.36 -12.27
C VAL A 6 -0.70 5.37 -11.06
N PRO A 7 -0.61 4.34 -10.27
CA PRO A 7 -1.47 4.21 -9.07
C PRO A 7 -1.03 5.22 -8.00
N VAL A 8 -1.87 5.49 -7.05
CA VAL A 8 -1.51 6.46 -5.98
C VAL A 8 -1.57 5.82 -4.60
N CYS A 9 -0.61 6.13 -3.75
CA CYS A 9 -0.61 5.54 -2.38
C CYS A 9 -1.77 6.11 -1.57
N TRP A 10 -2.66 5.26 -1.13
CA TRP A 10 -3.84 5.73 -0.35
C TRP A 10 -3.41 6.42 0.96
N ILE A 11 -2.20 6.20 1.39
CA ILE A 11 -1.74 6.84 2.67
C ILE A 11 -1.44 8.33 2.47
N CYS A 12 -0.56 8.65 1.56
CA CYS A 12 -0.22 10.09 1.34
C CYS A 12 -0.90 10.63 0.09
N ASN A 13 -1.72 9.84 -0.54
CA ASN A 13 -2.42 10.30 -1.77
C ASN A 13 -1.40 10.79 -2.81
N GLU A 14 -0.44 9.98 -3.13
CA GLU A 14 0.58 10.39 -4.13
C GLU A 14 0.94 9.22 -5.05
N GLU A 15 1.06 9.47 -6.32
CA GLU A 15 1.41 8.37 -7.27
C GLU A 15 2.71 7.70 -6.84
N LEU A 16 2.79 6.40 -6.94
CA LEU A 16 4.03 5.70 -6.52
C LEU A 16 4.66 4.96 -7.71
N GLY A 17 4.12 5.13 -8.89
CA GLY A 17 4.71 4.45 -10.08
C GLY A 17 4.50 2.94 -9.98
N ASN A 18 3.66 2.50 -9.07
CA ASN A 18 3.41 1.05 -8.89
C ASN A 18 4.52 0.44 -8.06
N GLU A 19 4.79 1.00 -6.92
CA GLU A 19 5.86 0.45 -6.06
C GLU A 19 5.55 -1.00 -5.75
N ARG A 20 6.25 -1.90 -6.38
CA ARG A 20 5.97 -3.35 -6.14
C ARG A 20 6.17 -3.68 -4.65
N PHE A 21 5.09 -3.69 -3.92
CA PHE A 21 5.15 -4.00 -2.47
C PHE A 21 3.85 -4.70 -2.04
N ARG A 22 3.88 -6.00 -1.89
CA ARG A 22 2.64 -6.72 -1.50
C ARG A 22 2.32 -6.45 -0.03
N ALA A 23 1.37 -5.58 0.22
CA ALA A 23 1.01 -5.25 1.63
C ALA A 23 -0.47 -5.57 1.89
N CYS A 24 -1.15 -6.10 0.91
CA CYS A 24 -2.59 -6.43 1.12
C CYS A 24 -3.22 -6.98 -0.17
N GLY A 25 -4.51 -6.87 -0.29
CA GLY A 25 -5.19 -7.38 -1.51
C GLY A 25 -6.58 -6.74 -1.61
N CYS A 26 -6.75 -5.59 -1.00
CA CYS A 26 -8.08 -4.91 -1.06
C CYS A 26 -8.54 -4.75 -2.51
N THR A 27 -9.54 -3.95 -2.73
CA THR A 27 -10.03 -3.77 -4.13
C THR A 27 -10.12 -2.27 -4.48
N GLY A 28 -9.30 -1.45 -3.89
CA GLY A 28 -9.37 0.00 -4.21
C GLY A 28 -8.01 0.68 -4.00
N GLU A 29 -7.98 1.72 -3.20
CA GLU A 29 -6.69 2.45 -2.96
C GLU A 29 -5.67 1.57 -2.23
N LEU A 30 -6.12 0.85 -1.25
CA LEU A 30 -5.17 -0.01 -0.48
C LEU A 30 -4.40 -0.95 -1.41
N GLU A 31 -4.86 -1.13 -2.62
CA GLU A 31 -4.14 -2.02 -3.57
C GLU A 31 -2.72 -1.48 -3.83
N ASN A 32 -2.61 -0.29 -4.33
CA ASN A 32 -1.27 0.29 -4.60
C ASN A 32 -0.86 1.17 -3.42
N VAL A 33 0.27 0.92 -2.83
CA VAL A 33 0.70 1.76 -1.67
C VAL A 33 2.21 1.90 -1.61
N HIS A 34 2.67 3.05 -1.23
CA HIS A 34 4.13 3.30 -1.11
C HIS A 34 4.72 2.43 0.00
N ARG A 35 5.69 1.60 -0.32
CA ARG A 35 6.31 0.76 0.73
C ARG A 35 7.04 1.63 1.74
N SER A 36 7.28 2.87 1.38
CA SER A 36 8.00 3.80 2.31
C SER A 36 7.08 4.31 3.42
N CYS A 37 6.04 5.01 3.07
CA CYS A 37 5.12 5.55 4.13
C CYS A 37 4.24 4.44 4.71
N LEU A 38 4.04 3.36 3.99
CA LEU A 38 3.19 2.27 4.55
C LEU A 38 3.99 1.42 5.53
N SER A 39 5.07 0.82 5.08
CA SER A 39 5.89 -0.01 5.99
C SER A 39 6.23 0.78 7.25
N THR A 40 6.38 2.07 7.13
CA THR A 40 6.70 2.90 8.32
C THR A 40 5.41 3.27 9.06
N TRP A 41 4.39 3.64 8.34
CA TRP A 41 3.10 4.01 9.00
C TRP A 41 2.63 2.84 9.90
N LEU A 42 2.47 1.68 9.33
CA LEU A 42 2.02 0.52 10.16
C LEU A 42 2.98 0.33 11.34
N THR A 43 4.23 0.68 11.15
CA THR A 43 5.22 0.52 12.26
C THR A 43 4.96 1.58 13.33
N ILE A 44 4.71 2.79 12.92
CA ILE A 44 4.45 3.87 13.91
C ILE A 44 3.06 3.67 14.52
N SER A 45 2.08 3.36 13.71
CA SER A 45 0.71 3.15 14.24
C SER A 45 0.55 1.69 14.70
N ARG A 46 1.60 0.92 14.58
CA ARG A 46 1.52 -0.51 15.02
C ARG A 46 0.34 -1.22 14.35
N ASN A 47 0.43 -1.50 13.09
CA ASN A 47 -0.69 -2.19 12.39
C ASN A 47 -0.27 -3.61 12.01
N THR A 48 0.76 -3.73 11.21
CA THR A 48 1.27 -5.07 10.77
C THR A 48 0.36 -5.69 9.71
N ALA A 49 -0.93 -5.45 9.78
CA ALA A 49 -1.84 -6.04 8.76
C ALA A 49 -3.07 -5.16 8.56
N CYS A 50 -3.51 -5.04 7.34
CA CYS A 50 -4.71 -4.19 7.06
C CYS A 50 -5.93 -4.73 7.82
N GLN A 51 -6.87 -3.88 8.13
CA GLN A 51 -8.08 -4.35 8.88
C GLN A 51 -9.24 -4.59 7.91
N ILE A 52 -9.25 -3.92 6.79
CA ILE A 52 -10.35 -4.13 5.81
C ILE A 52 -10.52 -5.62 5.49
N CYS A 53 -9.45 -6.30 5.18
CA CYS A 53 -9.56 -7.75 4.86
C CYS A 53 -8.70 -8.59 5.82
N GLY A 54 -7.76 -7.97 6.48
CA GLY A 54 -6.91 -8.73 7.45
C GLY A 54 -5.67 -9.31 6.74
N VAL A 55 -5.11 -8.59 5.81
CA VAL A 55 -3.90 -9.11 5.12
C VAL A 55 -2.65 -8.41 5.65
N VAL A 56 -1.66 -9.15 6.07
CA VAL A 56 -0.42 -8.51 6.61
C VAL A 56 0.31 -7.73 5.52
N TYR A 57 1.04 -6.71 5.90
CA TYR A 57 1.79 -5.92 4.89
C TYR A 57 3.00 -6.69 4.38
N ASN A 58 3.80 -7.19 5.28
CA ASN A 58 5.01 -7.97 4.87
C ASN A 58 6.02 -7.06 4.17
N THR A 59 7.14 -6.82 4.78
CA THR A 59 8.17 -5.95 4.15
C THR A 59 9.55 -6.58 4.28
N ARG A 60 10.19 -6.88 3.18
CA ARG A 60 11.54 -7.51 3.24
C ARG A 60 11.52 -8.72 4.18
N MET A 1 -3.18 -5.13 -13.62
CA MET A 1 -3.11 -3.68 -13.21
C MET A 1 -1.75 -3.38 -12.59
N GLU A 2 -0.73 -3.28 -13.40
CA GLU A 2 0.63 -2.98 -12.84
C GLU A 2 1.18 -1.70 -13.46
N ASP A 3 1.14 -1.60 -14.76
CA ASP A 3 1.68 -0.38 -15.43
C ASP A 3 0.53 0.52 -15.86
N GLU A 4 -0.37 0.02 -16.64
CA GLU A 4 -1.54 0.82 -17.10
C GLU A 4 -2.01 1.76 -16.00
N ASP A 5 -2.36 2.98 -16.35
CA ASP A 5 -2.84 3.95 -15.34
C ASP A 5 -1.82 4.07 -14.19
N VAL A 6 -1.99 5.05 -13.34
CA VAL A 6 -1.04 5.23 -12.20
C VAL A 6 -1.81 5.32 -10.88
N PRO A 7 -1.69 4.28 -10.10
CA PRO A 7 -2.37 4.22 -8.78
C PRO A 7 -1.72 5.17 -7.78
N VAL A 8 -2.41 5.50 -6.72
CA VAL A 8 -1.84 6.42 -5.70
C VAL A 8 -1.79 5.73 -4.33
N CYS A 9 -0.77 6.02 -3.56
CA CYS A 9 -0.68 5.40 -2.21
C CYS A 9 -1.82 5.90 -1.32
N TRP A 10 -2.66 5.01 -0.87
CA TRP A 10 -3.81 5.41 -0.01
C TRP A 10 -3.36 6.12 1.27
N ILE A 11 -2.12 5.98 1.65
CA ILE A 11 -1.64 6.63 2.91
C ILE A 11 -1.33 8.11 2.70
N CYS A 12 -0.45 8.44 1.80
CA CYS A 12 -0.11 9.88 1.58
C CYS A 12 -0.80 10.41 0.31
N ASN A 13 -1.60 9.61 -0.32
CA ASN A 13 -2.30 10.07 -1.56
C ASN A 13 -1.29 10.52 -2.62
N GLU A 14 -0.29 9.72 -2.86
CA GLU A 14 0.73 10.10 -3.89
C GLU A 14 0.86 9.00 -4.94
N GLU A 15 0.88 9.35 -6.20
CA GLU A 15 1.01 8.32 -7.26
C GLU A 15 2.33 7.56 -7.11
N LEU A 16 2.30 6.26 -7.24
CA LEU A 16 3.57 5.49 -7.13
C LEU A 16 3.92 4.91 -8.51
N GLY A 17 2.93 4.62 -9.30
CA GLY A 17 3.18 4.09 -10.68
C GLY A 17 3.45 2.59 -10.66
N ASN A 18 4.02 2.07 -9.60
CA ASN A 18 4.30 0.60 -9.53
C ASN A 18 5.29 0.30 -8.39
N GLU A 19 4.84 0.41 -7.17
CA GLU A 19 5.76 0.11 -6.03
C GLU A 19 5.64 -1.36 -5.65
N ARG A 20 6.62 -2.15 -5.98
CA ARG A 20 6.53 -3.60 -5.64
C ARG A 20 6.47 -3.76 -4.12
N PHE A 21 5.29 -3.86 -3.58
CA PHE A 21 5.16 -4.01 -2.10
C PHE A 21 3.89 -4.78 -1.76
N ARG A 22 3.99 -6.05 -1.52
CA ARG A 22 2.77 -6.85 -1.16
C ARG A 22 2.35 -6.52 0.27
N ALA A 23 1.49 -5.57 0.45
CA ALA A 23 1.06 -5.20 1.84
C ALA A 23 -0.41 -5.58 2.05
N CYS A 24 -1.14 -5.84 1.00
CA CYS A 24 -2.56 -6.20 1.17
C CYS A 24 -3.18 -6.58 -0.18
N GLY A 25 -4.34 -7.17 -0.14
CA GLY A 25 -5.02 -7.58 -1.40
C GLY A 25 -6.37 -6.87 -1.50
N CYS A 26 -6.39 -5.58 -1.30
CA CYS A 26 -7.67 -4.82 -1.38
C CYS A 26 -8.02 -4.55 -2.85
N THR A 27 -9.04 -3.78 -3.08
CA THR A 27 -9.42 -3.48 -4.49
C THR A 27 -9.55 -1.96 -4.69
N GLY A 28 -8.82 -1.19 -3.95
CA GLY A 28 -8.92 0.29 -4.12
C GLY A 28 -7.55 0.93 -3.88
N GLU A 29 -7.52 2.02 -3.16
CA GLU A 29 -6.23 2.71 -2.88
C GLU A 29 -5.26 1.79 -2.15
N LEU A 30 -5.75 0.97 -1.27
CA LEU A 30 -4.85 0.06 -0.50
C LEU A 30 -4.13 -0.92 -1.43
N GLU A 31 -4.54 -1.02 -2.66
CA GLU A 31 -3.86 -1.95 -3.60
C GLU A 31 -2.45 -1.45 -3.93
N ASN A 32 -2.29 -0.15 -4.04
CA ASN A 32 -0.95 0.40 -4.36
C ASN A 32 -0.50 1.38 -3.28
N VAL A 33 0.61 1.12 -2.66
CA VAL A 33 1.09 2.05 -1.60
C VAL A 33 2.62 2.05 -1.52
N HIS A 34 3.22 3.19 -1.28
CA HIS A 34 4.71 3.22 -1.16
C HIS A 34 5.14 2.43 0.07
N ARG A 35 6.02 1.47 -0.10
CA ARG A 35 6.48 0.69 1.08
C ARG A 35 7.19 1.64 2.06
N SER A 36 7.54 2.81 1.62
CA SER A 36 8.24 3.78 2.50
C SER A 36 7.29 4.35 3.56
N CYS A 37 6.20 4.95 3.17
CA CYS A 37 5.27 5.53 4.19
C CYS A 37 4.42 4.44 4.83
N LEU A 38 4.12 3.38 4.13
CA LEU A 38 3.28 2.31 4.74
C LEU A 38 4.11 1.47 5.71
N SER A 39 5.15 0.84 5.25
CA SER A 39 5.99 0.01 6.16
C SER A 39 6.37 0.82 7.40
N THR A 40 6.57 2.10 7.26
CA THR A 40 6.94 2.94 8.43
C THR A 40 5.67 3.38 9.18
N TRP A 41 4.63 3.72 8.45
CA TRP A 41 3.37 4.16 9.12
C TRP A 41 2.86 3.03 10.04
N LEU A 42 2.63 1.87 9.50
CA LEU A 42 2.14 0.76 10.38
C LEU A 42 3.03 0.62 11.60
N THR A 43 4.31 0.90 11.47
CA THR A 43 5.21 0.79 12.64
C THR A 43 4.85 1.86 13.68
N ILE A 44 4.73 3.08 13.26
CA ILE A 44 4.36 4.16 14.22
C ILE A 44 2.95 3.92 14.75
N SER A 45 2.01 3.69 13.88
CA SER A 45 0.61 3.44 14.33
C SER A 45 0.50 2.02 14.90
N ARG A 46 1.56 1.26 14.82
CA ARG A 46 1.53 -0.13 15.37
C ARG A 46 0.54 -1.00 14.58
N ASN A 47 0.82 -1.25 13.33
CA ASN A 47 -0.09 -2.10 12.52
C ASN A 47 0.72 -3.19 11.79
N THR A 48 0.14 -4.33 11.56
CA THR A 48 0.89 -5.41 10.87
C THR A 48 0.08 -6.00 9.71
N ALA A 49 -1.18 -5.68 9.63
CA ALA A 49 -2.01 -6.22 8.52
C ALA A 49 -3.15 -5.26 8.17
N CYS A 50 -3.53 -5.20 6.93
CA CYS A 50 -4.65 -4.29 6.52
C CYS A 50 -5.93 -4.70 7.24
N GLN A 51 -6.63 -3.75 7.81
CA GLN A 51 -7.90 -4.09 8.54
C GLN A 51 -9.08 -4.14 7.57
N ILE A 52 -8.89 -3.69 6.36
CA ILE A 52 -10.02 -3.72 5.38
C ILE A 52 -10.34 -5.16 4.96
N CYS A 53 -9.36 -5.92 4.57
CA CYS A 53 -9.62 -7.33 4.15
C CYS A 53 -8.92 -8.29 5.12
N GLY A 54 -7.98 -7.81 5.87
CA GLY A 54 -7.27 -8.70 6.84
C GLY A 54 -6.03 -9.30 6.19
N VAL A 55 -5.23 -8.51 5.53
CA VAL A 55 -4.00 -9.05 4.89
C VAL A 55 -2.76 -8.46 5.58
N VAL A 56 -1.77 -9.26 5.86
CA VAL A 56 -0.55 -8.73 6.54
C VAL A 56 0.27 -7.87 5.57
N TYR A 57 0.94 -6.88 6.09
CA TYR A 57 1.78 -6.00 5.22
C TYR A 57 3.05 -6.74 4.78
N ASN A 58 2.91 -7.74 3.96
CA ASN A 58 4.10 -8.50 3.49
C ASN A 58 5.18 -7.54 2.99
N THR A 59 6.30 -7.49 3.66
CA THR A 59 7.40 -6.58 3.20
C THR A 59 8.58 -7.40 2.70
N ARG A 60 9.22 -6.98 1.65
CA ARG A 60 10.39 -7.73 1.11
C ARG A 60 11.49 -7.80 2.15
N MET A 1 2.88 5.28 -27.10
CA MET A 1 3.37 4.09 -26.35
C MET A 1 4.14 4.52 -25.10
N GLU A 2 3.59 5.42 -24.33
CA GLU A 2 4.28 5.89 -23.10
C GLU A 2 3.76 5.13 -21.87
N ASP A 3 3.68 5.79 -20.76
CA ASP A 3 3.19 5.12 -19.52
C ASP A 3 1.73 4.69 -19.69
N GLU A 4 1.23 3.88 -18.81
CA GLU A 4 -0.18 3.42 -18.93
C GLU A 4 -1.03 4.02 -17.79
N ASP A 5 -1.06 3.36 -16.66
CA ASP A 5 -1.87 3.88 -15.53
C ASP A 5 -0.98 4.06 -14.28
N VAL A 6 -1.01 5.22 -13.68
CA VAL A 6 -0.16 5.46 -12.48
C VAL A 6 -1.02 5.37 -11.20
N PRO A 7 -0.74 4.37 -10.42
CA PRO A 7 -1.49 4.16 -9.15
C PRO A 7 -1.04 5.19 -8.11
N VAL A 8 -1.81 5.38 -7.06
CA VAL A 8 -1.42 6.36 -6.01
C VAL A 8 -1.44 5.72 -4.62
N CYS A 9 -0.59 6.17 -3.74
CA CYS A 9 -0.56 5.59 -2.37
C CYS A 9 -1.68 6.19 -1.52
N TRP A 10 -2.57 5.36 -1.04
CA TRP A 10 -3.71 5.86 -0.22
C TRP A 10 -3.23 6.47 1.11
N ILE A 11 -2.03 6.19 1.51
CA ILE A 11 -1.53 6.76 2.80
C ILE A 11 -1.14 8.23 2.65
N CYS A 12 -0.26 8.53 1.74
CA CYS A 12 0.16 9.95 1.57
C CYS A 12 -0.54 10.59 0.36
N ASN A 13 -1.39 9.86 -0.31
CA ASN A 13 -2.10 10.43 -1.50
C ASN A 13 -1.08 10.91 -2.54
N GLU A 14 -0.29 10.02 -3.06
CA GLU A 14 0.72 10.43 -4.08
C GLU A 14 1.00 9.29 -5.04
N GLU A 15 1.07 9.57 -6.32
CA GLU A 15 1.34 8.49 -7.31
C GLU A 15 2.67 7.81 -7.00
N LEU A 16 2.71 6.52 -7.08
CA LEU A 16 3.98 5.79 -6.79
C LEU A 16 4.44 5.04 -8.04
N GLY A 17 3.61 5.01 -9.06
CA GLY A 17 3.99 4.32 -10.33
C GLY A 17 3.65 2.83 -10.25
N ASN A 18 3.70 2.26 -9.06
CA ASN A 18 3.40 0.80 -8.83
C ASN A 18 4.54 0.17 -8.04
N GLU A 19 4.87 0.73 -6.91
CA GLU A 19 5.99 0.16 -6.10
C GLU A 19 5.68 -1.29 -5.76
N ARG A 20 6.50 -2.20 -6.18
CA ARG A 20 6.22 -3.64 -5.87
C ARG A 20 6.23 -3.86 -4.37
N PHE A 21 5.08 -3.82 -3.75
CA PHE A 21 5.00 -4.04 -2.28
C PHE A 21 3.66 -4.69 -1.94
N ARG A 22 3.64 -5.97 -1.77
CA ARG A 22 2.36 -6.66 -1.43
C ARG A 22 2.03 -6.44 0.04
N ALA A 23 1.22 -5.46 0.34
CA ALA A 23 0.87 -5.19 1.76
C ALA A 23 -0.60 -5.57 2.02
N CYS A 24 -1.28 -6.07 1.04
CA CYS A 24 -2.71 -6.46 1.24
C CYS A 24 -3.35 -6.83 -0.10
N GLY A 25 -4.51 -7.42 -0.06
CA GLY A 25 -5.20 -7.81 -1.32
C GLY A 25 -6.59 -7.18 -1.35
N CYS A 26 -6.67 -5.89 -1.15
CA CYS A 26 -7.99 -5.21 -1.18
C CYS A 26 -8.44 -4.99 -2.63
N THR A 27 -9.44 -4.16 -2.83
CA THR A 27 -9.92 -3.92 -4.22
C THR A 27 -9.96 -2.42 -4.50
N GLY A 28 -9.15 -1.64 -3.82
CA GLY A 28 -9.17 -0.17 -4.06
C GLY A 28 -7.77 0.41 -3.88
N GLU A 29 -7.69 1.66 -3.53
CA GLU A 29 -6.36 2.33 -3.34
C GLU A 29 -5.39 1.42 -2.58
N LEU A 30 -5.84 0.73 -1.57
CA LEU A 30 -4.93 -0.15 -0.80
C LEU A 30 -4.13 -1.07 -1.72
N GLU A 31 -4.59 -1.28 -2.92
CA GLU A 31 -3.82 -2.15 -3.86
C GLU A 31 -2.42 -1.58 -4.09
N ASN A 32 -2.33 -0.31 -4.40
CA ASN A 32 -1.00 0.30 -4.62
C ASN A 32 -0.63 1.19 -3.44
N VAL A 33 0.48 0.94 -2.81
CA VAL A 33 0.85 1.78 -1.64
C VAL A 33 2.38 1.92 -1.53
N HIS A 34 2.83 3.08 -1.18
CA HIS A 34 4.29 3.32 -1.03
C HIS A 34 4.84 2.47 0.11
N ARG A 35 5.78 1.61 -0.17
CA ARG A 35 6.36 0.77 0.92
C ARG A 35 7.09 1.67 1.92
N SER A 36 7.37 2.88 1.53
CA SER A 36 8.09 3.82 2.43
C SER A 36 7.16 4.36 3.52
N CYS A 37 6.11 5.05 3.16
CA CYS A 37 5.19 5.61 4.21
C CYS A 37 4.29 4.51 4.78
N LEU A 38 4.08 3.44 4.06
CA LEU A 38 3.21 2.36 4.60
C LEU A 38 3.99 1.52 5.60
N SER A 39 5.08 0.91 5.19
CA SER A 39 5.89 0.08 6.12
C SER A 39 6.25 0.89 7.37
N THR A 40 6.50 2.16 7.20
CA THR A 40 6.86 3.00 8.39
C THR A 40 5.59 3.42 9.14
N TRP A 41 4.54 3.71 8.42
CA TRP A 41 3.27 4.13 9.09
C TRP A 41 2.77 2.99 9.99
N LEU A 42 2.56 1.83 9.44
CA LEU A 42 2.07 0.69 10.28
C LEU A 42 3.03 0.47 11.45
N THR A 43 4.28 0.82 11.30
CA THR A 43 5.24 0.63 12.42
C THR A 43 4.89 1.58 13.56
N ILE A 44 4.50 2.78 13.24
CA ILE A 44 4.13 3.75 14.31
C ILE A 44 2.71 3.43 14.82
N SER A 45 1.83 3.06 13.92
CA SER A 45 0.44 2.73 14.34
C SER A 45 0.39 1.30 14.89
N ARG A 46 1.42 0.54 14.65
CA ARG A 46 1.45 -0.86 15.16
C ARG A 46 0.33 -1.68 14.52
N ASN A 47 0.37 -1.88 13.24
CA ASN A 47 -0.71 -2.67 12.56
C ASN A 47 -0.10 -3.93 11.94
N THR A 48 0.80 -3.74 11.02
CA THR A 48 1.48 -4.90 10.33
C THR A 48 0.51 -5.63 9.39
N ALA A 49 -0.75 -5.28 9.40
CA ALA A 49 -1.71 -5.99 8.50
C ALA A 49 -2.88 -5.08 8.16
N CYS A 50 -3.29 -5.09 6.92
CA CYS A 50 -4.45 -4.24 6.51
C CYS A 50 -5.67 -4.58 7.37
N GLN A 51 -6.37 -3.59 7.86
CA GLN A 51 -7.56 -3.87 8.71
C GLN A 51 -8.83 -4.01 7.86
N ILE A 52 -8.75 -3.71 6.60
CA ILE A 52 -9.96 -3.83 5.73
C ILE A 52 -10.25 -5.29 5.40
N CYS A 53 -9.26 -6.03 4.97
CA CYS A 53 -9.50 -7.46 4.63
C CYS A 53 -8.75 -8.37 5.62
N GLY A 54 -7.79 -7.84 6.33
CA GLY A 54 -7.05 -8.68 7.30
C GLY A 54 -5.83 -9.32 6.63
N VAL A 55 -5.02 -8.54 5.95
CA VAL A 55 -3.82 -9.12 5.28
C VAL A 55 -2.56 -8.44 5.82
N VAL A 56 -1.57 -9.20 6.19
CA VAL A 56 -0.32 -8.58 6.72
C VAL A 56 0.37 -7.75 5.63
N TYR A 57 0.96 -6.65 5.99
CA TYR A 57 1.66 -5.81 4.98
C TYR A 57 2.90 -6.54 4.46
N ASN A 58 3.54 -7.30 5.31
CA ASN A 58 4.76 -8.04 4.88
C ASN A 58 5.74 -7.11 4.17
N THR A 59 6.30 -6.17 4.89
CA THR A 59 7.27 -5.24 4.26
C THR A 59 8.64 -5.90 4.13
N ARG A 60 9.11 -6.09 2.94
CA ARG A 60 10.44 -6.74 2.75
C ARG A 60 11.51 -5.69 2.42
N MET A 1 -3.10 -2.13 -21.17
CA MET A 1 -2.29 -1.33 -22.13
C MET A 1 -3.16 -0.28 -22.82
N GLU A 2 -4.42 -0.23 -22.48
CA GLU A 2 -5.31 0.78 -23.12
C GLU A 2 -5.91 1.70 -22.06
N ASP A 3 -5.83 1.32 -20.82
CA ASP A 3 -6.39 2.17 -19.73
C ASP A 3 -5.26 2.94 -19.04
N GLU A 4 -4.05 2.47 -19.16
CA GLU A 4 -2.91 3.18 -18.52
C GLU A 4 -3.29 3.62 -17.09
N ASP A 5 -3.24 4.90 -16.80
CA ASP A 5 -3.62 5.36 -15.43
C ASP A 5 -2.58 4.91 -14.41
N VAL A 6 -2.30 5.73 -13.43
CA VAL A 6 -1.30 5.35 -12.39
C VAL A 6 -1.94 5.36 -11.00
N PRO A 7 -1.74 4.30 -10.27
CA PRO A 7 -2.32 4.19 -8.91
C PRO A 7 -1.58 5.12 -7.94
N VAL A 8 -2.19 5.42 -6.83
CA VAL A 8 -1.54 6.31 -5.84
C VAL A 8 -1.55 5.66 -4.45
N CYS A 9 -0.58 5.97 -3.64
CA CYS A 9 -0.52 5.37 -2.27
C CYS A 9 -1.64 5.96 -1.42
N TRP A 10 -2.60 5.16 -1.04
CA TRP A 10 -3.73 5.67 -0.21
C TRP A 10 -3.23 6.35 1.07
N ILE A 11 -1.98 6.17 1.43
CA ILE A 11 -1.47 6.81 2.68
C ILE A 11 -1.05 8.26 2.45
N CYS A 12 -0.14 8.51 1.54
CA CYS A 12 0.30 9.91 1.29
C CYS A 12 -0.33 10.46 0.01
N ASN A 13 -1.18 9.69 -0.62
CA ASN A 13 -1.82 10.17 -1.87
C ASN A 13 -0.78 10.48 -2.94
N GLU A 14 0.21 9.64 -3.08
CA GLU A 14 1.26 9.90 -4.11
C GLU A 14 1.32 8.74 -5.11
N GLU A 15 1.31 9.05 -6.39
CA GLU A 15 1.36 7.97 -7.41
C GLU A 15 2.62 7.13 -7.25
N LEU A 16 2.50 5.83 -7.38
CA LEU A 16 3.70 4.96 -7.26
C LEU A 16 3.91 4.23 -8.59
N GLY A 17 2.84 3.88 -9.25
CA GLY A 17 2.95 3.22 -10.58
C GLY A 17 3.37 1.75 -10.48
N ASN A 18 4.13 1.36 -9.50
CA ASN A 18 4.54 -0.08 -9.43
C ASN A 18 5.42 -0.37 -8.21
N GLU A 19 5.08 0.12 -7.06
CA GLU A 19 5.92 -0.18 -5.87
C GLU A 19 5.71 -1.64 -5.47
N ARG A 20 6.63 -2.50 -5.79
CA ARG A 20 6.46 -3.93 -5.43
C ARG A 20 6.40 -4.07 -3.90
N PHE A 21 5.22 -4.13 -3.35
CA PHE A 21 5.10 -4.25 -1.87
C PHE A 21 3.84 -5.04 -1.49
N ARG A 22 3.99 -6.31 -1.21
CA ARG A 22 2.79 -7.12 -0.83
C ARG A 22 2.35 -6.77 0.60
N ALA A 23 1.40 -5.88 0.73
CA ALA A 23 0.95 -5.51 2.10
C ALA A 23 -0.58 -5.61 2.22
N CYS A 24 -1.26 -5.75 1.12
CA CYS A 24 -2.74 -5.85 1.19
C CYS A 24 -3.32 -6.04 -0.23
N GLY A 25 -4.57 -6.37 -0.32
CA GLY A 25 -5.20 -6.57 -1.65
C GLY A 25 -6.68 -6.20 -1.58
N CYS A 26 -7.00 -5.05 -1.05
CA CYS A 26 -8.44 -4.64 -0.96
C CYS A 26 -9.06 -4.58 -2.35
N THR A 27 -9.34 -3.40 -2.87
CA THR A 27 -9.96 -3.31 -4.22
C THR A 27 -9.16 -2.37 -5.13
N GLY A 28 -8.30 -1.56 -4.57
CA GLY A 28 -7.51 -0.63 -5.41
C GLY A 28 -6.76 0.37 -4.53
N GLU A 29 -7.47 1.21 -3.82
CA GLU A 29 -6.79 2.20 -2.93
C GLU A 29 -5.63 1.52 -2.19
N LEU A 30 -5.93 0.53 -1.39
CA LEU A 30 -4.85 -0.15 -0.62
C LEU A 30 -4.04 -1.07 -1.55
N GLU A 31 -4.62 -1.47 -2.65
CA GLU A 31 -3.87 -2.36 -3.59
C GLU A 31 -2.51 -1.76 -3.91
N ASN A 32 -2.45 -0.49 -4.18
CA ASN A 32 -1.14 0.15 -4.49
C ASN A 32 -0.71 1.03 -3.33
N VAL A 33 0.43 0.76 -2.75
CA VAL A 33 0.87 1.61 -1.61
C VAL A 33 2.41 1.69 -1.54
N HIS A 34 2.91 2.86 -1.25
CA HIS A 34 4.38 3.03 -1.12
C HIS A 34 4.90 2.24 0.08
N ARG A 35 5.83 1.36 -0.12
CA ARG A 35 6.38 0.57 1.01
C ARG A 35 7.10 1.50 2.00
N SER A 36 7.39 2.70 1.59
CA SER A 36 8.12 3.65 2.50
C SER A 36 7.17 4.25 3.55
N CYS A 37 6.16 4.96 3.13
CA CYS A 37 5.22 5.58 4.13
C CYS A 37 4.28 4.53 4.74
N LEU A 38 4.02 3.44 4.06
CA LEU A 38 3.11 2.42 4.66
C LEU A 38 3.88 1.61 5.70
N SER A 39 4.98 1.01 5.31
CA SER A 39 5.77 0.20 6.29
C SER A 39 6.13 1.06 7.51
N THR A 40 6.44 2.30 7.30
CA THR A 40 6.80 3.19 8.45
C THR A 40 5.52 3.65 9.16
N TRP A 41 4.45 3.81 8.43
CA TRP A 41 3.18 4.24 9.09
C TRP A 41 2.68 3.11 10.00
N LEU A 42 2.48 1.94 9.46
CA LEU A 42 2.00 0.81 10.31
C LEU A 42 2.96 0.59 11.48
N THR A 43 4.19 1.02 11.33
CA THR A 43 5.16 0.85 12.44
C THR A 43 4.73 1.73 13.63
N ILE A 44 4.39 2.96 13.37
CA ILE A 44 3.96 3.87 14.47
C ILE A 44 2.55 3.46 14.93
N SER A 45 1.70 3.09 14.00
CA SER A 45 0.32 2.68 14.38
C SER A 45 0.33 1.21 14.82
N ARG A 46 1.41 0.52 14.57
CA ARG A 46 1.50 -0.91 14.98
C ARG A 46 0.24 -1.67 14.54
N ASN A 47 0.16 -2.00 13.28
CA ASN A 47 -1.03 -2.75 12.79
C ASN A 47 -0.61 -4.15 12.33
N THR A 48 0.53 -4.24 11.68
CA THR A 48 1.05 -5.55 11.19
C THR A 48 0.30 -6.02 9.93
N ALA A 49 -0.96 -5.71 9.80
CA ALA A 49 -1.70 -6.16 8.60
C ALA A 49 -2.85 -5.20 8.28
N CYS A 50 -3.26 -5.15 7.04
CA CYS A 50 -4.39 -4.24 6.67
C CYS A 50 -5.68 -4.69 7.35
N GLN A 51 -6.24 -3.87 8.19
CA GLN A 51 -7.51 -4.27 8.89
C GLN A 51 -8.69 -4.17 7.93
N ILE A 52 -8.46 -3.73 6.72
CA ILE A 52 -9.57 -3.61 5.74
C ILE A 52 -9.82 -4.96 5.05
N CYS A 53 -8.78 -5.65 4.68
CA CYS A 53 -8.96 -6.96 4.01
C CYS A 53 -8.40 -8.09 4.87
N GLY A 54 -7.57 -7.76 5.83
CA GLY A 54 -7.00 -8.81 6.72
C GLY A 54 -5.68 -9.32 6.14
N VAL A 55 -5.00 -8.51 5.37
CA VAL A 55 -3.71 -8.96 4.78
C VAL A 55 -2.53 -8.36 5.56
N VAL A 56 -1.47 -9.09 5.72
CA VAL A 56 -0.31 -8.55 6.47
C VAL A 56 0.53 -7.63 5.57
N TYR A 57 1.14 -6.62 6.13
CA TYR A 57 1.96 -5.69 5.29
C TYR A 57 3.24 -6.38 4.80
N ASN A 58 3.83 -7.19 5.62
CA ASN A 58 5.07 -7.89 5.20
C ASN A 58 6.01 -6.90 4.49
N THR A 59 6.69 -6.07 5.23
CA THR A 59 7.60 -5.08 4.60
C THR A 59 9.02 -5.64 4.52
N ARG A 60 9.71 -5.39 3.44
CA ARG A 60 11.10 -5.91 3.29
C ARG A 60 11.20 -7.35 3.82
#